data_8VC2
#
_entry.id   8VC2
#
_cell.length_a   1.00
_cell.length_b   1.00
_cell.length_c   1.00
_cell.angle_alpha   90.00
_cell.angle_beta   90.00
_cell.angle_gamma   90.00
#
_symmetry.space_group_name_H-M   'P 1'
#
loop_
_entity.id
_entity.type
_entity.pdbx_description
1 polymer 'Gustatory receptor'
2 non-polymer '(7R,17E,20E)-4-HYDROXY-N,N,N-TRIMETHYL-9-OXO-7-[(PALMITOYLOXY)METHYL]-3,5,8-TRIOXA-4-PHOSPHAHEXACOSA-17,20-DIEN-1-AMINIUM 4-OXIDE'
#
_entity_poly.entity_id   1
_entity_poly.type   'polypeptide(L)'
_entity_poly.pdbx_seq_one_letter_code
;MGWSHPQFEKGGGSGGGSGGSAWSHPQFEKAALEVLFQGPGTMPPSPDLRADEPKTPCLVGGAHAFILKISSFCGLAPLR
FEPRSQEYAVTISKGKCFYSYILVTFLVICTIYGLVAEIGVGVEKSVRMSSRMSQVVSACDILVVAVTAGVGVYGAPARM
RTMLSYMENIVAVDRELGRHHSAATERKLCALLLLILLSFTILLVDDFCFYAMQAGKTGRQWEIVTNYAGFYFLWYIVMV
LELQFAFTALSLRARLKLFNEALNVTASQVCKPVKKPKNSQLSVYATSVRPVSCKRENVIVETIRVRDKDDAFVMMKTAD
GVPCLQVPPCEAVGRLSRMRCTLCEVTRHIADGYGLPLVIILMSTLLHLIVTPYFLIMEIIVSTHRLHFLVLQFLWCTTH
LIRMLVVVEPCHYTMREGKRTEDIVCRLMTLAPHGGVLSSKLEVLSRLLMLQNISYSPLGMCTLDRPLIVTVLGAVTTYL
VILIQFQRYDS
;
_entity_poly.pdbx_strand_id   A,B,C,D
#
loop_
_chem_comp.id
_chem_comp.type
_chem_comp.name
_chem_comp.formula
PSC non-polymer '(7R,17E,20E)-4-HYDROXY-N,N,N-TRIMETHYL-9-OXO-7-[(PALMITOYLOXY)METHYL]-3,5,8-TRIOXA-4-PHOSPHAHEXACOSA-17,20-DIEN-1-AMINIUM 4-OXIDE' 'C42 H81 N O8 P 1'
#
# COMPACT_ATOMS: atom_id res chain seq x y z
N CYS A 58 -1.36 40.88 -8.31
CA CYS A 58 -0.19 40.46 -7.58
C CYS A 58 1.10 40.88 -8.29
N LEU A 59 2.24 40.48 -7.73
CA LEU A 59 3.55 40.83 -8.25
C LEU A 59 4.35 39.57 -8.41
N VAL A 60 5.02 39.41 -9.55
CA VAL A 60 5.93 38.31 -9.81
C VAL A 60 7.34 38.88 -9.98
N GLY A 61 8.28 38.38 -9.18
CA GLY A 61 9.67 38.83 -9.21
C GLY A 61 10.55 37.79 -9.88
N GLY A 62 11.51 38.27 -10.65
CA GLY A 62 12.50 37.43 -11.29
C GLY A 62 11.93 36.43 -12.29
N ALA A 63 12.65 35.32 -12.43
CA ALA A 63 12.42 34.38 -13.53
C ALA A 63 11.06 33.69 -13.48
N HIS A 64 10.37 33.73 -12.34
CA HIS A 64 9.00 33.24 -12.33
C HIS A 64 8.16 34.02 -13.34
N ALA A 65 8.51 35.30 -13.54
CA ALA A 65 7.88 36.08 -14.60
C ALA A 65 8.18 35.49 -15.98
N PHE A 66 9.39 34.98 -16.17
CA PHE A 66 9.79 34.45 -17.47
C PHE A 66 9.08 33.13 -17.77
N ILE A 67 9.09 32.21 -16.81
CA ILE A 67 8.35 30.96 -16.99
C ILE A 67 6.85 31.19 -17.17
N LEU A 68 6.28 32.18 -16.47
CA LEU A 68 4.89 32.52 -16.75
C LEU A 68 4.72 33.15 -18.12
N LYS A 69 5.67 33.97 -18.57
CA LYS A 69 5.62 34.52 -19.91
C LYS A 69 5.62 33.43 -20.98
N ILE A 70 6.47 32.42 -20.81
CA ILE A 70 6.41 31.23 -21.66
C ILE A 70 5.03 30.59 -21.61
N SER A 71 4.50 30.34 -20.42
CA SER A 71 3.16 29.74 -20.34
C SER A 71 2.08 30.62 -20.96
N SER A 72 2.29 31.94 -20.95
CA SER A 72 1.36 32.88 -21.57
C SER A 72 1.37 32.78 -23.10
N PHE A 73 2.56 32.79 -23.71
CA PHE A 73 2.61 32.56 -25.15
C PHE A 73 2.23 31.13 -25.51
N CYS A 74 2.36 30.19 -24.58
CA CYS A 74 1.89 28.83 -24.76
C CYS A 74 0.39 28.70 -24.52
N GLY A 75 -0.27 29.77 -24.09
CA GLY A 75 -1.69 29.70 -23.80
C GLY A 75 -2.05 28.91 -22.58
N LEU A 76 -1.06 28.57 -21.75
CA LEU A 76 -1.29 27.88 -20.48
C LEU A 76 -1.39 28.82 -19.29
N ALA A 77 -1.14 30.12 -19.48
CA ALA A 77 -1.27 31.09 -18.40
C ALA A 77 -1.76 32.41 -18.98
N PRO A 78 -3.07 32.65 -18.99
CA PRO A 78 -3.63 33.86 -19.60
C PRO A 78 -3.40 35.11 -18.76
N LEU A 79 -2.12 35.45 -18.56
CA LEU A 79 -1.73 36.55 -17.69
C LEU A 79 -1.39 37.79 -18.52
N ARG A 80 -1.92 38.93 -18.11
CA ARG A 80 -1.46 40.24 -18.56
C ARG A 80 -0.70 40.90 -17.42
N PHE A 81 0.49 41.41 -17.72
CA PHE A 81 1.40 41.92 -16.70
C PHE A 81 2.09 43.18 -17.18
N GLU A 82 2.57 43.96 -16.21
CA GLU A 82 3.20 45.25 -16.42
C GLU A 82 4.55 45.28 -15.72
N PRO A 83 5.58 45.84 -16.36
CA PRO A 83 6.94 45.68 -15.84
C PRO A 83 7.26 46.58 -14.66
N ARG A 84 8.21 46.09 -13.85
CA ARG A 84 8.81 46.84 -12.75
C ARG A 84 10.30 46.57 -12.76
N SER A 85 11.03 47.31 -11.94
CA SER A 85 12.49 47.30 -12.03
C SER A 85 13.07 45.92 -11.78
N GLN A 86 12.39 45.07 -11.01
CA GLN A 86 12.80 43.68 -10.87
C GLN A 86 11.63 42.72 -10.93
N GLU A 87 10.43 43.19 -11.25
CA GLU A 87 9.20 42.44 -11.03
C GLU A 87 8.23 42.75 -12.15
N TYR A 88 7.12 42.02 -12.18
CA TYR A 88 5.96 42.40 -12.95
C TYR A 88 4.70 42.33 -12.09
N ALA A 89 3.82 43.31 -12.25
CA ALA A 89 2.46 43.21 -11.74
C ALA A 89 1.63 42.36 -12.69
N VAL A 90 0.78 41.50 -12.14
CA VAL A 90 0.15 40.43 -12.90
C VAL A 90 -1.37 40.53 -12.74
N THR A 91 -2.08 40.29 -13.84
CA THR A 91 -3.54 40.26 -13.86
C THR A 91 -4.01 39.22 -14.86
N ILE A 92 -5.20 38.70 -14.65
CA ILE A 92 -5.88 37.90 -15.65
C ILE A 92 -6.46 38.81 -16.72
N SER A 93 -6.37 38.39 -17.99
CA SER A 93 -7.07 39.04 -19.08
C SER A 93 -8.14 38.09 -19.62
N LYS A 94 -9.38 38.58 -19.67
CA LYS A 94 -10.46 37.84 -20.31
C LYS A 94 -10.17 37.58 -21.78
N GLY A 95 -9.57 38.56 -22.45
CA GLY A 95 -9.14 38.35 -23.83
C GLY A 95 -8.10 37.27 -24.01
N LYS A 96 -7.10 37.22 -23.14
CA LYS A 96 -6.11 36.14 -23.23
C LYS A 96 -6.71 34.79 -22.87
N CYS A 97 -7.67 34.74 -21.96
CA CYS A 97 -8.43 33.50 -21.75
C CYS A 97 -9.13 33.06 -23.04
N PHE A 98 -9.91 33.96 -23.64
CA PHE A 98 -10.66 33.61 -24.84
C PHE A 98 -9.73 33.19 -25.98
N TYR A 99 -8.63 33.93 -26.17
CA TYR A 99 -7.58 33.51 -27.10
C TYR A 99 -7.04 32.12 -26.82
N SER A 100 -6.79 31.79 -25.54
CA SER A 100 -6.26 30.47 -25.22
C SER A 100 -7.27 29.37 -25.50
N TYR A 101 -8.53 29.59 -25.13
CA TYR A 101 -9.58 28.64 -25.46
C TYR A 101 -9.72 28.44 -26.96
N ILE A 102 -9.67 29.53 -27.74
CA ILE A 102 -9.71 29.38 -29.19
C ILE A 102 -8.51 28.57 -29.67
N LEU A 103 -7.32 28.92 -29.21
CA LEU A 103 -6.11 28.29 -29.72
C LEU A 103 -6.12 26.79 -29.47
N VAL A 104 -6.34 26.38 -28.23
CA VAL A 104 -6.35 24.94 -27.93
C VAL A 104 -7.55 24.22 -28.50
N THR A 105 -8.72 24.86 -28.60
CA THR A 105 -9.85 24.21 -29.28
C THR A 105 -9.54 23.96 -30.75
N PHE A 106 -8.95 24.95 -31.42
CA PHE A 106 -8.50 24.78 -32.80
C PHE A 106 -7.48 23.67 -32.94
N LEU A 107 -6.45 23.66 -32.09
CA LEU A 107 -5.42 22.63 -32.20
C LEU A 107 -5.92 21.23 -31.84
N VAL A 108 -6.88 21.12 -30.93
CA VAL A 108 -7.50 19.82 -30.66
C VAL A 108 -8.37 19.36 -31.84
N ILE A 109 -9.14 20.28 -32.42
CA ILE A 109 -9.89 19.94 -33.64
C ILE A 109 -8.95 19.50 -34.76
N CYS A 110 -7.86 20.23 -34.97
CA CYS A 110 -6.89 19.84 -36.00
C CYS A 110 -6.22 18.51 -35.70
N THR A 111 -5.90 18.24 -34.44
CA THR A 111 -5.29 16.96 -34.08
C THR A 111 -6.24 15.79 -34.28
N ILE A 112 -7.51 15.93 -33.88
CA ILE A 112 -8.50 14.90 -34.16
C ILE A 112 -8.72 14.72 -35.65
N TYR A 113 -8.81 15.82 -36.40
CA TYR A 113 -8.95 15.73 -37.85
C TYR A 113 -7.74 15.03 -38.50
N GLY A 114 -6.54 15.28 -37.97
CA GLY A 114 -5.38 14.53 -38.40
C GLY A 114 -5.45 13.04 -38.11
N LEU A 115 -5.79 12.69 -36.86
CA LEU A 115 -5.95 11.28 -36.52
C LEU A 115 -6.99 10.59 -37.39
N VAL A 116 -8.11 11.27 -37.65
CA VAL A 116 -9.14 10.74 -38.55
C VAL A 116 -8.59 10.55 -39.97
N ALA A 117 -7.82 11.53 -40.47
CA ALA A 117 -7.22 11.37 -41.79
C ALA A 117 -6.24 10.21 -41.85
N GLU A 118 -5.40 10.06 -40.83
CA GLU A 118 -4.45 8.95 -40.79
C GLU A 118 -5.13 7.58 -40.62
N ILE A 119 -6.29 7.55 -39.96
CA ILE A 119 -7.09 6.33 -39.94
C ILE A 119 -7.73 6.07 -41.30
N GLY A 120 -8.11 7.13 -42.01
CA GLY A 120 -8.70 6.95 -43.33
C GLY A 120 -7.71 6.51 -44.40
N VAL A 121 -6.48 7.05 -44.36
CA VAL A 121 -5.47 6.65 -45.33
C VAL A 121 -5.03 5.21 -45.08
N GLY A 122 -4.79 4.50 -46.19
CA GLY A 122 -4.45 3.09 -46.09
C GLY A 122 -3.12 2.85 -45.41
N VAL A 123 -3.01 1.66 -44.81
CA VAL A 123 -1.82 1.23 -44.07
C VAL A 123 -0.60 1.13 -44.98
N GLU A 124 -0.81 0.96 -46.29
CA GLU A 124 0.30 0.99 -47.24
C GLU A 124 1.05 2.31 -47.18
N LYS A 125 0.32 3.42 -47.15
CA LYS A 125 0.94 4.74 -47.26
C LYS A 125 1.27 5.35 -45.91
N SER A 126 0.71 4.81 -44.83
CA SER A 126 0.77 5.43 -43.51
C SER A 126 2.06 4.98 -42.82
N VAL A 127 3.09 5.82 -42.90
CA VAL A 127 4.48 5.40 -42.70
C VAL A 127 4.79 4.94 -41.29
N ARG A 128 3.90 5.16 -40.31
CA ARG A 128 4.03 4.52 -39.01
C ARG A 128 2.77 3.77 -38.59
N MET A 129 1.89 3.46 -39.53
CA MET A 129 0.58 2.88 -39.24
C MET A 129 0.31 1.76 -40.26
N SER A 130 1.27 0.83 -40.34
CA SER A 130 1.28 -0.26 -41.30
C SER A 130 0.30 -1.38 -40.97
N SER A 131 -0.44 -1.29 -39.88
CA SER A 131 -1.39 -2.34 -39.51
C SER A 131 -2.42 -1.76 -38.56
N ARG A 132 -3.53 -2.49 -38.40
CA ARG A 132 -4.55 -2.09 -37.45
C ARG A 132 -3.99 -1.89 -36.05
N MET A 133 -3.15 -2.82 -35.59
CA MET A 133 -2.53 -2.68 -34.28
C MET A 133 -1.68 -1.42 -34.19
N SER A 134 -0.93 -1.10 -35.25
CA SER A 134 -0.18 0.14 -35.29
C SER A 134 -1.10 1.36 -35.26
N GLN A 135 -2.25 1.28 -35.92
CA GLN A 135 -3.25 2.34 -35.83
C GLN A 135 -3.80 2.50 -34.41
N VAL A 136 -4.06 1.39 -33.73
CA VAL A 136 -4.55 1.43 -32.35
C VAL A 136 -3.53 2.08 -31.43
N VAL A 137 -2.28 1.64 -31.48
CA VAL A 137 -1.27 2.23 -30.61
C VAL A 137 -0.94 3.67 -30.97
N SER A 138 -0.95 4.04 -32.26
CA SER A 138 -0.81 5.45 -32.63
C SER A 138 -1.97 6.30 -32.14
N ALA A 139 -3.20 5.76 -32.19
CA ALA A 139 -4.33 6.45 -31.59
C ALA A 139 -4.19 6.62 -30.09
N CYS A 140 -3.64 5.63 -29.39
CA CYS A 140 -3.31 5.82 -27.98
C CYS A 140 -2.25 6.90 -27.79
N ASP A 141 -1.22 6.90 -28.63
CA ASP A 141 -0.17 7.90 -28.56
C ASP A 141 -0.73 9.32 -28.68
N ILE A 142 -1.59 9.54 -29.68
CA ILE A 142 -2.15 10.88 -29.93
C ILE A 142 -3.19 11.26 -28.88
N LEU A 143 -4.14 10.37 -28.61
CA LEU A 143 -5.39 10.82 -28.02
C LEU A 143 -5.23 11.26 -26.58
N VAL A 144 -4.49 10.49 -25.76
CA VAL A 144 -4.34 10.92 -24.37
C VAL A 144 -3.50 12.17 -24.24
N VAL A 145 -2.63 12.48 -25.20
CA VAL A 145 -1.96 13.78 -25.23
C VAL A 145 -2.93 14.91 -25.57
N ALA A 146 -3.90 14.63 -26.45
CA ALA A 146 -4.98 15.61 -26.66
C ALA A 146 -5.86 15.76 -25.42
N VAL A 147 -6.05 14.68 -24.65
CA VAL A 147 -6.77 14.76 -23.39
C VAL A 147 -6.01 15.61 -22.37
N THR A 148 -4.73 15.33 -22.20
CA THR A 148 -3.93 16.13 -21.27
C THR A 148 -3.89 17.60 -21.69
N ALA A 149 -3.68 17.88 -22.97
CA ALA A 149 -3.66 19.27 -23.42
C ALA A 149 -4.98 19.96 -23.15
N GLY A 150 -6.09 19.31 -23.50
CA GLY A 150 -7.41 19.85 -23.23
C GLY A 150 -7.70 20.12 -21.77
N VAL A 151 -7.61 19.08 -20.94
CA VAL A 151 -7.98 19.26 -19.53
C VAL A 151 -6.99 20.17 -18.81
N GLY A 152 -5.75 20.24 -19.27
CA GLY A 152 -4.81 21.24 -18.80
C GLY A 152 -5.20 22.68 -19.07
N VAL A 153 -5.32 23.03 -20.35
CA VAL A 153 -5.57 24.43 -20.70
C VAL A 153 -6.98 24.87 -20.32
N TYR A 154 -7.98 24.00 -20.45
CA TYR A 154 -9.35 24.42 -20.14
C TYR A 154 -9.56 24.73 -18.67
N GLY A 155 -8.63 24.33 -17.79
CA GLY A 155 -8.62 24.77 -16.41
C GLY A 155 -7.72 25.94 -16.12
N ALA A 156 -7.03 26.48 -17.13
CA ALA A 156 -5.96 27.44 -16.88
C ALA A 156 -6.43 28.68 -16.12
N PRO A 157 -7.57 29.30 -16.45
CA PRO A 157 -8.01 30.45 -15.65
C PRO A 157 -8.17 30.18 -14.17
N ALA A 158 -8.69 29.02 -13.79
CA ALA A 158 -8.81 28.68 -12.38
C ALA A 158 -7.44 28.46 -11.73
N ARG A 159 -6.52 27.86 -12.47
CA ARG A 159 -5.15 27.68 -12.00
C ARG A 159 -4.46 29.03 -11.75
N MET A 160 -4.70 30.00 -12.63
CA MET A 160 -4.12 31.33 -12.42
C MET A 160 -4.85 32.14 -11.35
N ARG A 161 -6.15 31.95 -11.18
CA ARG A 161 -6.82 32.45 -9.97
C ARG A 161 -6.16 31.89 -8.70
N THR A 162 -5.83 30.61 -8.71
CA THR A 162 -5.14 29.99 -7.58
C THR A 162 -3.77 30.62 -7.35
N MET A 163 -3.00 30.79 -8.43
CA MET A 163 -1.69 31.44 -8.31
C MET A 163 -1.81 32.88 -7.80
N LEU A 164 -2.72 33.66 -8.39
CA LEU A 164 -2.95 35.02 -7.90
C LEU A 164 -3.47 35.07 -6.48
N SER A 165 -4.01 33.96 -5.97
CA SER A 165 -4.29 33.88 -4.54
C SER A 165 -3.04 33.59 -3.71
N TYR A 166 -2.40 32.44 -3.94
CA TYR A 166 -1.32 32.03 -3.05
C TYR A 166 -0.07 32.88 -3.16
N MET A 167 0.20 33.51 -4.32
CA MET A 167 1.44 34.26 -4.47
C MET A 167 1.49 35.49 -3.57
N GLU A 168 0.35 36.10 -3.24
CA GLU A 168 0.36 37.19 -2.27
C GLU A 168 0.82 36.72 -0.91
N ASN A 169 0.33 35.56 -0.46
CA ASN A 169 0.78 34.98 0.80
C ASN A 169 2.25 34.61 0.75
N ILE A 170 2.71 34.04 -0.37
CA ILE A 170 4.12 33.73 -0.50
C ILE A 170 5.00 34.98 -0.47
N VAL A 171 4.55 36.07 -1.08
CA VAL A 171 5.27 37.33 -0.98
C VAL A 171 5.31 37.84 0.46
N ALA A 172 4.21 37.71 1.18
CA ALA A 172 4.19 38.06 2.60
C ALA A 172 5.14 37.19 3.42
N VAL A 173 5.23 35.90 3.10
CA VAL A 173 6.20 35.04 3.78
C VAL A 173 7.63 35.44 3.44
N ASP A 174 7.91 35.66 2.16
CA ASP A 174 9.24 36.08 1.73
C ASP A 174 9.66 37.40 2.39
N ARG A 175 8.70 38.27 2.69
CA ARG A 175 9.03 39.52 3.37
C ARG A 175 9.71 39.28 4.72
N GLU A 176 9.45 38.15 5.38
CA GLU A 176 10.22 37.74 6.55
C GLU A 176 11.34 36.73 6.27
N LEU A 177 11.08 35.70 5.48
CA LEU A 177 12.10 34.71 5.11
C LEU A 177 12.93 35.19 3.92
N GLY A 178 13.75 36.19 4.19
CA GLY A 178 14.94 36.45 3.37
C GLY A 178 14.66 36.68 1.90
N ARG A 179 13.55 37.36 1.59
CA ARG A 179 13.25 37.67 0.19
C ARG A 179 14.39 38.42 -0.48
N HIS A 180 15.17 39.16 0.30
CA HIS A 180 16.34 39.87 -0.21
C HIS A 180 17.35 38.92 -0.83
N HIS A 181 17.57 39.06 -2.14
CA HIS A 181 18.33 38.17 -3.01
C HIS A 181 17.84 36.74 -3.06
N SER A 182 16.70 36.43 -2.45
CA SER A 182 16.16 35.08 -2.56
C SER A 182 15.74 34.73 -3.99
N ALA A 183 15.53 35.75 -4.84
CA ALA A 183 15.26 35.55 -6.26
C ALA A 183 16.37 34.81 -7.02
N ALA A 184 17.61 34.81 -6.52
CA ALA A 184 18.67 34.06 -7.20
C ALA A 184 18.39 32.57 -7.27
N THR A 185 17.69 32.01 -6.27
CA THR A 185 17.24 30.62 -6.35
C THR A 185 16.29 30.39 -7.51
N GLU A 186 15.28 31.24 -7.66
CA GLU A 186 14.41 31.16 -8.83
C GLU A 186 15.16 31.37 -10.13
N ARG A 187 16.15 32.27 -10.15
CA ARG A 187 16.95 32.47 -11.36
C ARG A 187 17.68 31.20 -11.77
N LYS A 188 18.34 30.54 -10.81
CA LYS A 188 19.02 29.28 -11.10
C LYS A 188 18.03 28.20 -11.55
N LEU A 189 16.90 28.07 -10.84
CA LEU A 189 15.94 27.04 -11.20
C LEU A 189 15.35 27.26 -12.59
N CYS A 190 15.04 28.52 -12.93
CA CYS A 190 14.60 28.85 -14.28
C CYS A 190 15.67 28.51 -15.32
N ALA A 191 16.92 28.89 -15.08
CA ALA A 191 17.97 28.62 -16.04
C ALA A 191 18.12 27.11 -16.27
N LEU A 192 18.04 26.32 -15.21
CA LEU A 192 18.06 24.87 -15.34
C LEU A 192 16.86 24.33 -16.11
N LEU A 193 15.65 24.75 -15.74
CA LEU A 193 14.42 24.18 -16.30
C LEU A 193 14.16 24.58 -17.76
N LEU A 194 14.49 25.81 -18.14
CA LEU A 194 14.34 26.22 -19.54
C LEU A 194 15.12 25.30 -20.50
N LEU A 195 16.29 24.82 -20.08
CA LEU A 195 17.05 23.94 -20.95
C LEU A 195 16.30 22.65 -21.27
N ILE A 196 15.46 22.18 -20.35
CA ILE A 196 14.65 20.99 -20.62
C ILE A 196 13.65 21.25 -21.74
N LEU A 197 12.98 22.40 -21.70
CA LEU A 197 12.03 22.75 -22.76
C LEU A 197 12.72 22.96 -24.09
N LEU A 198 13.92 23.56 -24.09
CA LEU A 198 14.70 23.65 -25.32
C LEU A 198 15.05 22.27 -25.87
N SER A 199 15.56 21.38 -25.02
CA SER A 199 15.88 20.03 -25.44
C SER A 199 14.68 19.32 -26.05
N PHE A 200 13.53 19.39 -25.37
CA PHE A 200 12.32 18.78 -25.92
C PHE A 200 11.91 19.41 -27.24
N THR A 201 12.03 20.73 -27.37
CA THR A 201 11.68 21.36 -28.63
C THR A 201 12.55 20.83 -29.77
N ILE A 202 13.86 20.71 -29.51
CA ILE A 202 14.77 20.12 -30.49
C ILE A 202 14.34 18.71 -30.86
N LEU A 203 14.07 17.87 -29.86
CA LEU A 203 13.67 16.50 -30.13
C LEU A 203 12.38 16.42 -30.93
N LEU A 204 11.40 17.25 -30.58
CA LEU A 204 10.12 17.27 -31.31
C LEU A 204 10.32 17.69 -32.76
N VAL A 205 11.09 18.76 -32.99
CA VAL A 205 11.38 19.17 -34.35
C VAL A 205 12.10 18.06 -35.13
N ASP A 206 13.08 17.42 -34.51
CA ASP A 206 13.81 16.35 -35.20
C ASP A 206 12.90 15.17 -35.53
N ASP A 207 11.95 14.87 -34.65
CA ASP A 207 10.93 13.87 -34.93
C ASP A 207 10.09 14.25 -36.14
N PHE A 208 9.58 15.48 -36.17
CA PHE A 208 8.78 15.92 -37.30
C PHE A 208 9.58 15.93 -38.59
N CYS A 209 10.85 16.33 -38.54
CA CYS A 209 11.71 16.29 -39.72
C CYS A 209 11.94 14.86 -40.21
N PHE A 210 12.15 13.91 -39.30
CA PHE A 210 12.27 12.51 -39.71
C PHE A 210 11.02 11.99 -40.40
N TYR A 211 9.85 12.22 -39.79
CA TYR A 211 8.62 11.78 -40.46
C TYR A 211 8.38 12.54 -41.77
N ALA A 212 8.74 13.81 -41.82
CA ALA A 212 8.68 14.57 -43.07
C ALA A 212 9.59 13.97 -44.15
N MET A 213 10.73 13.42 -43.75
CA MET A 213 11.58 12.71 -44.72
C MET A 213 10.97 11.37 -45.14
N GLN A 214 10.34 10.65 -44.22
CA GLN A 214 9.59 9.46 -44.61
C GLN A 214 8.47 9.81 -45.59
N ALA A 215 7.82 10.95 -45.39
CA ALA A 215 6.80 11.43 -46.32
C ALA A 215 7.38 11.82 -47.68
N GLY A 216 8.50 12.56 -47.67
CA GLY A 216 9.12 12.97 -48.91
C GLY A 216 9.61 11.80 -49.74
N LYS A 217 10.22 10.81 -49.09
CA LYS A 217 10.67 9.63 -49.82
C LYS A 217 9.50 8.79 -50.31
N THR A 218 8.28 9.04 -49.84
CA THR A 218 7.09 8.39 -50.35
C THR A 218 6.15 9.36 -51.06
N GLY A 219 6.57 10.60 -51.28
CA GLY A 219 5.80 11.53 -52.09
C GLY A 219 4.52 12.08 -51.48
N ARG A 220 4.43 12.13 -50.15
CA ARG A 220 3.17 12.41 -49.48
C ARG A 220 3.34 13.51 -48.42
N GLN A 221 4.31 14.40 -48.66
CA GLN A 221 4.74 15.36 -47.65
C GLN A 221 3.59 16.23 -47.13
N TRP A 222 2.79 16.80 -48.03
CA TRP A 222 1.77 17.76 -47.59
C TRP A 222 0.73 17.11 -46.67
N GLU A 223 0.30 15.89 -46.99
CA GLU A 223 -0.74 15.24 -46.20
C GLU A 223 -0.23 14.79 -44.84
N ILE A 224 0.96 14.18 -44.80
CA ILE A 224 1.57 13.78 -43.53
C ILE A 224 1.96 14.99 -42.69
N VAL A 225 2.27 16.12 -43.30
CA VAL A 225 2.44 17.38 -42.56
C VAL A 225 1.14 17.80 -41.89
N THR A 226 0.08 17.97 -42.67
CA THR A 226 -1.17 18.48 -42.10
C THR A 226 -1.84 17.50 -41.15
N ASN A 227 -1.54 16.21 -41.27
CA ASN A 227 -2.03 15.19 -40.34
C ASN A 227 -1.35 15.22 -38.96
N TYR A 228 -0.16 15.82 -38.81
CA TYR A 228 0.55 15.77 -37.53
C TYR A 228 0.96 17.12 -36.93
N ALA A 229 0.95 18.21 -37.70
CA ALA A 229 1.38 19.50 -37.14
C ALA A 229 0.57 19.90 -35.91
N GLY A 230 -0.70 19.50 -35.83
CA GLY A 230 -1.46 19.69 -34.59
C GLY A 230 -0.91 18.88 -33.43
N PHE A 231 -0.74 17.57 -33.65
CA PHE A 231 -0.31 16.67 -32.60
C PHE A 231 1.00 17.13 -31.96
N TYR A 232 1.97 17.53 -32.79
CA TYR A 232 3.24 17.95 -32.22
C TYR A 232 3.09 19.18 -31.31
N PHE A 233 2.28 20.15 -31.72
CA PHE A 233 2.05 21.32 -30.89
C PHE A 233 1.29 21.00 -29.61
N LEU A 234 0.42 19.98 -29.64
CA LEU A 234 -0.19 19.51 -28.40
C LEU A 234 0.84 18.86 -27.47
N TRP A 235 1.80 18.15 -28.05
CA TRP A 235 2.89 17.62 -27.22
C TRP A 235 3.66 18.75 -26.54
N TYR A 236 4.00 19.77 -27.31
CA TYR A 236 4.69 20.94 -26.76
C TYR A 236 3.91 21.62 -25.63
N ILE A 237 2.59 21.79 -25.82
CA ILE A 237 1.74 22.34 -24.78
C ILE A 237 1.75 21.51 -23.49
N VAL A 238 1.64 20.18 -23.61
CA VAL A 238 1.67 19.35 -22.41
C VAL A 238 3.05 19.32 -21.74
N MET A 239 4.11 19.54 -22.53
CA MET A 239 5.43 19.75 -21.93
C MET A 239 5.51 21.06 -21.17
N VAL A 240 4.92 22.13 -21.71
CA VAL A 240 4.96 23.41 -21.00
C VAL A 240 4.17 23.33 -19.69
N LEU A 241 3.02 22.66 -19.71
CA LEU A 241 2.26 22.45 -18.46
C LEU A 241 3.09 21.70 -17.43
N GLU A 242 3.75 20.62 -17.86
CA GLU A 242 4.51 19.81 -16.91
C GLU A 242 5.70 20.57 -16.34
N LEU A 243 6.41 21.32 -17.18
CA LEU A 243 7.48 22.17 -16.68
C LEU A 243 6.95 23.24 -15.73
N GLN A 244 5.80 23.85 -16.04
CA GLN A 244 5.31 24.90 -15.16
C GLN A 244 5.03 24.36 -13.76
N PHE A 245 4.46 23.16 -13.68
CA PHE A 245 4.34 22.49 -12.38
C PHE A 245 5.69 22.28 -11.71
N ALA A 246 6.67 21.74 -12.45
CA ALA A 246 8.00 21.50 -11.91
C ALA A 246 8.78 22.76 -11.57
N PHE A 247 8.31 23.93 -12.02
CA PHE A 247 8.82 25.21 -11.52
C PHE A 247 8.13 25.66 -10.23
N THR A 248 6.80 25.74 -10.24
CA THR A 248 6.09 26.27 -9.08
C THR A 248 6.31 25.42 -7.83
N ALA A 249 6.17 24.10 -7.96
CA ALA A 249 6.37 23.21 -6.83
C ALA A 249 7.82 23.15 -6.35
N LEU A 250 8.77 23.67 -7.11
CA LEU A 250 10.17 23.62 -6.71
C LEU A 250 10.66 24.95 -6.18
N SER A 251 10.16 26.06 -6.70
CA SER A 251 10.37 27.35 -6.04
C SER A 251 9.80 27.33 -4.63
N LEU A 252 8.62 26.73 -4.45
CA LEU A 252 8.09 26.58 -3.10
C LEU A 252 8.98 25.73 -2.20
N ARG A 253 9.57 24.67 -2.77
CA ARG A 253 10.57 23.88 -2.06
C ARG A 253 11.80 24.69 -1.66
N ALA A 254 12.33 25.51 -2.57
CA ALA A 254 13.46 26.36 -2.20
C ALA A 254 13.11 27.33 -1.07
N ARG A 255 11.89 27.86 -1.09
CA ARG A 255 11.45 28.69 0.04
C ARG A 255 11.35 27.90 1.34
N LEU A 256 10.87 26.66 1.26
CA LEU A 256 10.92 25.78 2.44
C LEU A 256 12.34 25.56 2.94
N LYS A 257 13.29 25.36 2.03
CA LYS A 257 14.69 25.22 2.43
C LYS A 257 15.19 26.45 3.17
N LEU A 258 14.86 27.64 2.67
CA LEU A 258 15.30 28.87 3.33
C LEU A 258 14.66 29.03 4.70
N PHE A 259 13.36 28.76 4.81
CA PHE A 259 12.71 28.68 6.12
C PHE A 259 13.44 27.72 7.05
N ASN A 260 13.75 26.51 6.55
CA ASN A 260 14.37 25.49 7.38
C ASN A 260 15.73 25.93 7.91
N GLU A 261 16.56 26.53 7.06
CA GLU A 261 17.83 27.08 7.54
C GLU A 261 17.63 28.24 8.52
N ALA A 262 16.62 29.09 8.29
CA ALA A 262 16.34 30.16 9.24
C ALA A 262 15.91 29.62 10.60
N LEU A 263 15.28 28.45 10.61
CA LEU A 263 14.98 27.76 11.87
C LEU A 263 16.24 27.11 12.46
N ASN A 264 17.01 26.43 11.62
CA ASN A 264 18.23 25.78 12.09
C ASN A 264 19.12 26.73 12.85
N VAL A 265 19.37 27.93 12.30
CA VAL A 265 20.21 28.88 13.01
C VAL A 265 19.57 29.39 14.29
N THR A 266 18.30 29.07 14.54
CA THR A 266 17.73 29.32 15.85
C THR A 266 18.34 28.38 16.88
N ALA A 267 18.74 27.19 16.45
CA ALA A 267 19.33 26.23 17.38
C ALA A 267 20.64 26.79 17.93
N SER A 268 21.49 27.33 17.05
CA SER A 268 22.72 27.98 17.49
C SER A 268 22.43 29.26 18.28
N GLN A 269 21.38 30.00 17.92
CA GLN A 269 21.05 31.21 18.66
C GLN A 269 20.66 30.90 20.10
N VAL A 270 19.88 29.85 20.32
CA VAL A 270 19.55 29.45 21.69
C VAL A 270 20.71 28.74 22.37
N CYS A 271 21.53 27.99 21.62
CA CYS A 271 22.70 27.36 22.22
C CYS A 271 23.71 28.40 22.72
N LYS A 272 23.93 29.45 21.94
CA LYS A 272 24.80 30.55 22.32
C LYS A 272 24.20 31.36 23.45
N LEU A 325 18.97 37.30 12.59
CA LEU A 325 17.98 36.87 13.56
C LEU A 325 17.82 37.91 14.67
N GLN A 326 16.85 38.81 14.47
CA GLN A 326 16.79 40.07 15.20
C GLN A 326 15.93 39.99 16.46
N VAL A 327 15.35 38.84 16.77
CA VAL A 327 14.57 38.66 18.00
C VAL A 327 14.93 37.34 18.63
N PRO A 328 14.75 37.22 19.94
CA PRO A 328 15.09 35.97 20.62
C PRO A 328 14.31 34.80 20.06
N PRO A 329 14.82 33.58 20.22
CA PRO A 329 14.01 32.39 19.87
C PRO A 329 12.63 32.36 20.49
N CYS A 330 12.47 32.96 21.67
CA CYS A 330 11.16 33.09 22.32
C CYS A 330 10.11 33.73 21.42
N GLU A 331 10.51 34.50 20.42
CA GLU A 331 9.59 35.09 19.45
C GLU A 331 9.80 34.50 18.07
N ALA A 332 11.07 34.26 17.74
CA ALA A 332 11.42 33.84 16.39
C ALA A 332 10.78 32.50 16.06
N VAL A 333 10.78 31.56 17.02
CA VAL A 333 10.14 30.27 16.75
C VAL A 333 8.64 30.42 16.53
N GLY A 334 8.02 31.40 17.17
CA GLY A 334 6.61 31.68 16.95
C GLY A 334 6.32 32.15 15.54
N ARG A 335 7.00 33.22 15.16
CA ARG A 335 6.80 33.80 13.84
C ARG A 335 7.18 32.82 12.72
N LEU A 336 8.24 32.03 12.93
CA LEU A 336 8.55 30.96 12.01
C LEU A 336 7.47 29.88 11.96
N SER A 337 6.84 29.55 13.10
CA SER A 337 5.76 28.57 13.06
C SER A 337 4.54 29.09 12.30
N ARG A 338 4.28 30.39 12.37
CA ARG A 338 3.25 30.97 11.53
C ARG A 338 3.60 30.87 10.04
N MET A 339 4.83 31.22 9.69
CA MET A 339 5.26 31.02 8.31
C MET A 339 5.18 29.55 7.91
N ARG A 340 5.47 28.62 8.83
CA ARG A 340 5.35 27.19 8.60
C ARG A 340 3.92 26.71 8.46
N CYS A 341 2.95 27.52 8.88
CA CYS A 341 1.56 27.30 8.49
C CYS A 341 1.29 27.78 7.06
N THR A 342 1.73 29.00 6.75
CA THR A 342 1.46 29.57 5.44
C THR A 342 2.09 28.75 4.31
N LEU A 343 3.34 28.30 4.51
CA LEU A 343 4.06 27.39 3.60
C LEU A 343 3.55 25.96 3.62
N CYS A 344 2.45 25.66 4.30
CA CYS A 344 1.67 24.45 4.06
C CYS A 344 0.40 24.75 3.27
N GLU A 345 -0.33 25.78 3.71
CA GLU A 345 -1.53 26.17 2.99
C GLU A 345 -1.25 26.43 1.50
N VAL A 346 -0.13 27.09 1.19
CA VAL A 346 0.23 27.33 -0.20
C VAL A 346 0.52 26.04 -0.96
N THR A 347 1.13 25.05 -0.28
CA THR A 347 1.33 23.76 -0.94
C THR A 347 0.01 23.06 -1.24
N ARG A 348 -0.96 23.15 -0.33
CA ARG A 348 -2.25 22.51 -0.63
C ARG A 348 -3.02 23.26 -1.71
N HIS A 349 -2.83 24.58 -1.80
CA HIS A 349 -3.34 25.33 -2.94
C HIS A 349 -2.76 24.84 -4.26
N ILE A 350 -1.43 24.73 -4.34
CA ILE A 350 -0.81 24.33 -5.60
C ILE A 350 -1.19 22.88 -5.95
N ALA A 351 -1.12 21.99 -4.97
CA ALA A 351 -1.49 20.59 -5.20
C ALA A 351 -2.93 20.44 -5.68
N ASP A 352 -3.82 21.32 -5.24
CA ASP A 352 -5.19 21.22 -5.75
C ASP A 352 -5.32 21.84 -7.13
N GLY A 353 -4.78 23.04 -7.32
CA GLY A 353 -4.93 23.69 -8.59
C GLY A 353 -4.28 22.95 -9.75
N TYR A 354 -3.20 22.20 -9.49
CA TYR A 354 -2.65 21.30 -10.50
C TYR A 354 -3.18 19.86 -10.50
N GLY A 355 -3.90 19.42 -9.46
CA GLY A 355 -4.11 17.99 -9.27
C GLY A 355 -4.69 17.24 -10.46
N LEU A 356 -5.64 17.85 -11.18
CA LEU A 356 -6.25 17.17 -12.33
C LEU A 356 -5.30 16.95 -13.49
N PRO A 357 -4.70 17.96 -14.10
CA PRO A 357 -3.74 17.68 -15.18
C PRO A 357 -2.49 16.98 -14.69
N LEU A 358 -2.12 17.16 -13.43
CA LEU A 358 -0.98 16.45 -12.86
C LEU A 358 -1.18 14.94 -12.80
N VAL A 359 -2.42 14.48 -12.59
CA VAL A 359 -2.69 13.04 -12.67
C VAL A 359 -2.98 12.57 -14.09
N ILE A 360 -3.65 13.39 -14.91
CA ILE A 360 -3.89 12.98 -16.30
C ILE A 360 -2.56 12.80 -17.04
N ILE A 361 -1.59 13.68 -16.81
CA ILE A 361 -0.32 13.58 -17.49
C ILE A 361 0.49 12.37 -17.03
N LEU A 362 0.37 11.98 -15.76
CA LEU A 362 0.93 10.72 -15.30
C LEU A 362 0.30 9.52 -15.98
N MET A 363 -1.03 9.49 -16.08
CA MET A 363 -1.68 8.40 -16.81
C MET A 363 -1.26 8.35 -18.27
N SER A 364 -1.20 9.51 -18.93
CA SER A 364 -0.69 9.59 -20.29
C SER A 364 0.76 9.14 -20.42
N THR A 365 1.58 9.37 -19.40
CA THR A 365 2.98 8.95 -19.47
C THR A 365 3.14 7.45 -19.23
N LEU A 366 2.35 6.87 -18.33
CA LEU A 366 2.24 5.41 -18.29
C LEU A 366 1.80 4.81 -19.63
N LEU A 367 0.80 5.42 -20.28
CA LEU A 367 0.36 4.90 -21.57
C LEU A 367 1.45 5.05 -22.64
N HIS A 368 2.20 6.15 -22.63
CA HIS A 368 3.31 6.29 -23.57
C HIS A 368 4.46 5.33 -23.27
N LEU A 369 4.79 5.11 -22.00
CA LEU A 369 5.76 4.08 -21.67
C LEU A 369 5.28 2.68 -22.02
N ILE A 370 4.00 2.51 -22.31
CA ILE A 370 3.51 1.28 -22.94
C ILE A 370 3.67 1.33 -24.46
N VAL A 371 3.19 2.40 -25.09
CA VAL A 371 3.13 2.47 -26.56
C VAL A 371 4.50 2.57 -27.20
N THR A 372 5.41 3.37 -26.62
CA THR A 372 6.70 3.59 -27.27
C THR A 372 7.58 2.33 -27.27
N PRO A 373 7.73 1.61 -26.17
CA PRO A 373 8.46 0.33 -26.24
C PRO A 373 7.82 -0.67 -27.17
N TYR A 374 6.49 -0.64 -27.31
CA TYR A 374 5.82 -1.50 -28.29
C TYR A 374 6.34 -1.23 -29.70
N PHE A 375 6.41 0.04 -30.10
CA PHE A 375 7.02 0.39 -31.37
C PHE A 375 8.48 -0.05 -31.42
N LEU A 376 9.25 0.26 -30.39
CA LEU A 376 10.67 -0.07 -30.41
C LEU A 376 10.91 -1.57 -30.62
N ILE A 377 10.12 -2.39 -29.94
CA ILE A 377 10.27 -3.84 -30.05
C ILE A 377 9.80 -4.33 -31.42
N MET A 378 8.63 -3.89 -31.89
CA MET A 378 8.21 -4.33 -33.21
C MET A 378 9.19 -3.89 -34.30
N GLU A 379 9.68 -2.66 -34.22
CA GLU A 379 10.64 -2.10 -35.17
C GLU A 379 12.08 -2.56 -34.94
N ILE A 380 12.34 -3.45 -34.00
CA ILE A 380 13.58 -4.23 -34.00
C ILE A 380 13.33 -5.71 -34.20
N ILE A 381 12.07 -6.16 -34.21
CA ILE A 381 11.76 -7.52 -34.66
C ILE A 381 11.82 -7.60 -36.18
N VAL A 382 11.38 -6.55 -36.88
CA VAL A 382 11.79 -6.35 -38.27
C VAL A 382 13.22 -5.83 -38.33
N SER A 383 13.80 -5.91 -39.53
CA SER A 383 15.20 -5.55 -39.74
C SER A 383 15.50 -4.09 -39.37
N THR A 384 16.57 -3.91 -38.59
CA THR A 384 16.91 -2.65 -37.91
C THR A 384 17.34 -1.55 -38.87
N HIS A 385 17.26 -1.76 -40.18
CA HIS A 385 17.77 -0.79 -41.16
C HIS A 385 17.22 0.62 -40.95
N ARG A 386 16.07 0.75 -40.29
CA ARG A 386 15.46 2.07 -40.05
C ARG A 386 16.12 2.76 -38.86
N LEU A 387 17.44 2.98 -39.01
CA LEU A 387 18.28 3.40 -37.89
C LEU A 387 17.78 4.71 -37.29
N HIS A 388 17.45 5.68 -38.14
CA HIS A 388 16.95 6.97 -37.66
C HIS A 388 15.68 6.79 -36.83
N PHE A 389 14.77 5.93 -37.28
CA PHE A 389 13.57 5.63 -36.49
C PHE A 389 13.95 4.99 -35.16
N LEU A 390 14.83 4.00 -35.19
CA LEU A 390 15.22 3.29 -33.97
C LEU A 390 15.81 4.26 -32.92
N VAL A 391 16.71 5.13 -33.36
CA VAL A 391 17.28 6.13 -32.46
C VAL A 391 16.22 7.11 -31.98
N LEU A 392 15.38 7.61 -32.90
CA LEU A 392 14.39 8.60 -32.50
C LEU A 392 13.41 8.03 -31.48
N GLN A 393 13.00 6.77 -31.66
CA GLN A 393 12.16 6.10 -30.67
C GLN A 393 12.86 5.86 -29.34
N PHE A 394 14.17 5.58 -29.35
CA PHE A 394 14.87 5.48 -28.08
C PHE A 394 14.95 6.83 -27.37
N LEU A 395 15.21 7.90 -28.13
CA LEU A 395 15.20 9.23 -27.55
C LEU A 395 13.82 9.64 -27.03
N TRP A 396 12.76 9.23 -27.72
CA TRP A 396 11.40 9.37 -27.15
C TRP A 396 11.20 8.59 -25.86
N CYS A 397 11.69 7.35 -25.78
CA CYS A 397 11.58 6.61 -24.53
C CYS A 397 12.33 7.30 -23.40
N THR A 398 13.51 7.85 -23.70
CA THR A 398 14.21 8.69 -22.73
C THR A 398 13.39 9.91 -22.31
N THR A 399 12.76 10.59 -23.28
CA THR A 399 11.94 11.74 -22.93
C THR A 399 10.73 11.35 -22.07
N HIS A 400 10.09 10.23 -22.39
CA HIS A 400 8.94 9.72 -21.65
C HIS A 400 9.30 9.20 -20.26
N LEU A 401 10.58 8.93 -20.00
CA LEU A 401 11.03 8.76 -18.61
C LEU A 401 11.41 10.07 -17.92
N ILE A 402 12.17 10.92 -18.62
CA ILE A 402 12.63 12.18 -18.04
C ILE A 402 11.48 13.10 -17.66
N ARG A 403 10.43 13.14 -18.47
CA ARG A 403 9.22 13.88 -18.11
C ARG A 403 8.59 13.40 -16.80
N MET A 404 8.46 12.09 -16.63
CA MET A 404 7.95 11.57 -15.36
C MET A 404 8.86 11.91 -14.18
N LEU A 405 10.18 11.84 -14.39
CA LEU A 405 11.11 12.26 -13.34
C LEU A 405 11.06 13.75 -13.04
N VAL A 406 10.73 14.58 -14.04
CA VAL A 406 10.49 16.01 -13.84
C VAL A 406 9.17 16.29 -13.15
N VAL A 407 8.22 15.38 -13.23
CA VAL A 407 7.03 15.47 -12.37
C VAL A 407 7.33 15.08 -10.94
N VAL A 408 7.91 13.91 -10.71
CA VAL A 408 8.03 13.41 -9.34
C VAL A 408 9.17 14.04 -8.51
N GLU A 409 10.28 14.43 -9.14
CA GLU A 409 11.43 14.93 -8.38
C GLU A 409 11.14 16.14 -7.49
N PRO A 410 10.49 17.21 -7.95
CA PRO A 410 10.13 18.30 -7.03
C PRO A 410 9.28 17.90 -5.82
N CYS A 411 8.47 16.86 -5.93
CA CYS A 411 7.75 16.37 -4.74
C CYS A 411 8.68 15.68 -3.75
N HIS A 412 9.53 14.78 -4.23
CA HIS A 412 10.44 14.09 -3.33
C HIS A 412 11.41 15.06 -2.66
N TYR A 413 11.94 16.02 -3.42
CA TYR A 413 12.78 17.08 -2.86
C TYR A 413 12.02 18.06 -1.98
N THR A 414 10.68 18.12 -2.06
CA THR A 414 9.94 18.89 -1.06
C THR A 414 9.76 18.10 0.24
N MET A 415 9.30 16.85 0.13
CA MET A 415 9.11 16.01 1.32
C MET A 415 10.42 15.69 2.05
N ARG A 416 11.57 15.75 1.38
CA ARG A 416 12.83 15.71 2.11
C ARG A 416 13.10 16.96 2.94
N GLU A 417 12.68 18.13 2.47
CA GLU A 417 12.72 19.32 3.32
C GLU A 417 11.75 19.20 4.49
N GLY A 418 10.61 18.58 4.26
CA GLY A 418 9.70 18.23 5.34
C GLY A 418 10.36 17.41 6.42
N LYS A 419 10.92 16.26 6.02
CA LYS A 419 11.58 15.37 6.97
C LYS A 419 12.75 16.03 7.69
N ARG A 420 13.56 16.81 6.97
CA ARG A 420 14.65 17.53 7.62
C ARG A 420 14.17 18.63 8.56
N THR A 421 12.98 19.19 8.35
CA THR A 421 12.42 20.13 9.32
C THR A 421 11.94 19.40 10.57
N GLU A 422 11.34 18.22 10.38
CA GLU A 422 10.99 17.37 11.52
C GLU A 422 12.20 16.93 12.32
N ASP A 423 13.34 16.72 11.65
CA ASP A 423 14.60 16.49 12.35
C ASP A 423 15.05 17.70 13.15
N ILE A 424 15.26 18.83 12.48
CA ILE A 424 15.87 19.98 13.15
C ILE A 424 14.98 20.56 14.25
N VAL A 425 13.64 20.48 14.11
CA VAL A 425 12.79 20.86 15.23
C VAL A 425 13.05 19.97 16.44
N CYS A 426 13.31 18.68 16.22
CA CYS A 426 13.48 17.81 17.38
C CYS A 426 14.83 18.02 18.04
N ARG A 427 15.85 18.34 17.24
CA ARG A 427 17.10 18.82 17.82
C ARG A 427 16.86 20.03 18.71
N LEU A 428 16.21 21.06 18.16
CA LEU A 428 15.99 22.29 18.91
C LEU A 428 15.18 22.04 20.19
N MET A 429 14.09 21.27 20.07
CA MET A 429 13.30 20.88 21.23
C MET A 429 14.10 20.12 22.29
N THR A 430 15.12 19.35 21.88
CA THR A 430 15.89 18.65 22.90
C THR A 430 16.85 19.58 23.66
N LEU A 431 17.41 20.59 22.98
CA LEU A 431 18.29 21.55 23.65
C LEU A 431 17.54 22.58 24.49
N ALA A 432 16.32 22.93 24.10
CA ALA A 432 15.64 24.05 24.74
C ALA A 432 15.36 23.79 26.22
N PRO A 433 15.56 24.78 27.07
CA PRO A 433 15.42 24.57 28.52
C PRO A 433 13.98 24.29 28.92
N HIS A 434 13.85 23.46 29.95
CA HIS A 434 12.54 22.98 30.39
C HIS A 434 11.65 24.11 30.89
N GLY A 435 10.38 24.06 30.48
CA GLY A 435 9.34 24.91 31.04
C GLY A 435 9.35 26.37 30.64
N GLY A 436 10.47 26.89 30.18
CA GLY A 436 10.49 28.25 29.67
C GLY A 436 9.67 28.42 28.41
N VAL A 437 9.36 29.68 28.10
CA VAL A 437 8.37 30.01 27.07
C VAL A 437 8.75 29.34 25.76
N LEU A 438 10.06 29.27 25.48
CA LEU A 438 10.53 28.62 24.27
C LEU A 438 10.07 27.19 24.21
N SER A 439 9.99 26.52 25.37
CA SER A 439 9.53 25.14 25.40
C SER A 439 8.08 25.03 24.94
N SER A 440 7.22 25.94 25.39
CA SER A 440 5.83 25.92 24.94
C SER A 440 5.68 26.23 23.45
N LYS A 441 6.41 27.23 22.96
CA LYS A 441 6.34 27.53 21.53
C LYS A 441 6.91 26.40 20.66
N LEU A 442 7.95 25.71 21.15
CA LEU A 442 8.42 24.52 20.45
C LEU A 442 7.42 23.38 20.55
N GLU A 443 6.67 23.29 21.65
CA GLU A 443 5.57 22.32 21.70
C GLU A 443 4.55 22.59 20.61
N VAL A 444 4.16 23.87 20.47
CA VAL A 444 3.26 24.27 19.40
C VAL A 444 3.79 23.81 18.05
N LEU A 445 5.06 24.12 17.76
CA LEU A 445 5.66 23.69 16.49
C LEU A 445 5.71 22.17 16.35
N SER A 446 6.01 21.46 17.45
CA SER A 446 6.12 20.01 17.42
C SER A 446 4.78 19.32 17.21
N ARG A 447 3.67 19.98 17.54
CA ARG A 447 2.39 19.46 17.11
C ARG A 447 2.07 19.87 15.67
N LEU A 448 2.37 21.12 15.32
CA LEU A 448 2.10 21.58 13.96
C LEU A 448 2.73 20.65 12.93
N LEU A 449 3.95 20.16 13.21
CA LEU A 449 4.60 19.23 12.29
C LEU A 449 3.91 17.87 12.21
N MET A 450 3.08 17.53 13.19
CA MET A 450 2.31 16.30 13.12
C MET A 450 0.98 16.50 12.40
N LEU A 451 0.37 17.66 12.55
CA LEU A 451 -0.89 17.96 11.85
C LEU A 451 -0.66 18.40 10.41
N GLN A 452 -0.01 19.53 10.21
CA GLN A 452 0.19 20.11 8.87
C GLN A 452 1.38 19.49 8.14
N ASN A 453 1.26 18.19 7.83
CA ASN A 453 2.28 17.50 7.04
C ASN A 453 2.22 17.97 5.58
N ILE A 454 3.29 18.57 5.11
CA ILE A 454 3.37 19.10 3.75
C ILE A 454 3.64 17.98 2.75
N SER A 455 2.72 17.78 1.81
CA SER A 455 2.91 16.77 0.77
C SER A 455 1.94 17.03 -0.37
N TYR A 456 2.44 16.99 -1.60
CA TYR A 456 1.57 17.04 -2.77
C TYR A 456 0.83 15.72 -2.93
N SER A 457 -0.39 15.80 -3.49
CA SER A 457 -1.15 14.63 -3.89
C SER A 457 -2.20 15.03 -4.93
N PRO A 458 -2.01 14.72 -6.21
CA PRO A 458 -2.93 15.24 -7.24
C PRO A 458 -4.32 14.63 -7.08
N LEU A 459 -5.30 15.50 -6.84
CA LEU A 459 -6.68 15.11 -6.52
C LEU A 459 -6.74 14.10 -5.39
N GLY A 460 -5.69 14.02 -4.57
CA GLY A 460 -5.59 12.96 -3.59
C GLY A 460 -5.48 11.56 -4.17
N MET A 461 -5.50 11.45 -5.49
CA MET A 461 -5.62 10.13 -6.12
C MET A 461 -4.38 9.28 -5.90
N CYS A 462 -3.21 9.91 -5.73
CA CYS A 462 -2.00 9.14 -5.49
C CYS A 462 -1.00 9.99 -4.70
N THR A 463 -0.23 9.32 -3.85
CA THR A 463 0.90 9.96 -3.19
C THR A 463 2.00 10.18 -4.22
N LEU A 464 2.29 11.45 -4.51
CA LEU A 464 3.17 11.82 -5.62
C LEU A 464 4.65 11.72 -5.26
N ASP A 465 4.98 11.22 -4.08
CA ASP A 465 6.36 10.89 -3.77
C ASP A 465 6.88 9.79 -4.71
N ARG A 466 8.21 9.65 -4.74
CA ARG A 466 8.92 8.74 -5.65
C ARG A 466 8.46 7.27 -5.64
N PRO A 467 7.87 6.75 -4.56
CA PRO A 467 7.26 5.41 -4.66
C PRO A 467 6.25 5.29 -5.80
N LEU A 468 5.78 6.45 -6.27
CA LEU A 468 4.95 6.47 -7.47
C LEU A 468 5.67 5.90 -8.68
N ILE A 469 6.98 6.13 -8.80
CA ILE A 469 7.72 5.56 -9.92
C ILE A 469 7.87 4.05 -9.80
N VAL A 470 8.06 3.54 -8.58
CA VAL A 470 8.06 2.09 -8.39
C VAL A 470 6.70 1.49 -8.74
N THR A 471 5.62 2.19 -8.42
CA THR A 471 4.28 1.72 -8.75
C THR A 471 4.03 1.76 -10.25
N VAL A 472 4.35 2.88 -10.89
CA VAL A 472 4.10 3.04 -12.31
C VAL A 472 4.96 2.11 -13.14
N LEU A 473 6.25 1.95 -12.82
CA LEU A 473 7.04 0.92 -13.51
C LEU A 473 6.57 -0.50 -13.21
N GLY A 474 6.07 -0.77 -11.99
CA GLY A 474 5.38 -2.01 -11.70
C GLY A 474 4.15 -2.27 -12.54
N ALA A 475 3.54 -1.22 -13.06
CA ALA A 475 2.48 -1.39 -14.05
C ALA A 475 3.02 -1.51 -15.47
N VAL A 476 3.93 -0.61 -15.84
CA VAL A 476 4.49 -0.56 -17.19
C VAL A 476 5.04 -1.92 -17.61
N THR A 477 5.88 -2.51 -16.75
CA THR A 477 6.52 -3.77 -17.14
C THR A 477 5.53 -4.91 -17.29
N THR A 478 4.41 -4.88 -16.56
CA THR A 478 3.34 -5.83 -16.79
C THR A 478 2.60 -5.58 -18.11
N TYR A 479 2.04 -4.38 -18.25
CA TYR A 479 1.18 -4.07 -19.39
C TYR A 479 1.91 -4.07 -20.72
N LEU A 480 3.17 -3.66 -20.78
CA LEU A 480 3.92 -3.76 -22.03
C LEU A 480 3.97 -5.20 -22.53
N VAL A 481 4.28 -6.14 -21.64
CA VAL A 481 4.40 -7.54 -22.03
C VAL A 481 3.03 -8.12 -22.37
N ILE A 482 2.03 -7.85 -21.53
CA ILE A 482 0.67 -8.33 -21.84
C ILE A 482 0.19 -7.81 -23.19
N LEU A 483 0.48 -6.54 -23.51
CA LEU A 483 0.04 -6.01 -24.80
C LEU A 483 0.81 -6.62 -25.95
N ILE A 484 2.13 -6.78 -25.80
CA ILE A 484 2.93 -7.42 -26.86
C ILE A 484 2.44 -8.83 -27.12
N GLN A 485 2.00 -9.53 -26.07
CA GLN A 485 1.57 -10.91 -26.22
C GLN A 485 0.38 -11.03 -27.19
N PHE A 486 -0.43 -9.98 -27.31
CA PHE A 486 -1.52 -10.01 -28.27
C PHE A 486 -1.07 -9.78 -29.72
N GLN A 487 0.12 -9.20 -29.93
CA GLN A 487 0.62 -9.07 -31.28
C GLN A 487 1.04 -10.43 -31.85
N ARG A 488 1.62 -11.28 -31.02
CA ARG A 488 1.98 -12.64 -31.44
C ARG A 488 2.16 -13.55 -30.23
N CYS B 58 -37.55 8.76 15.87
CA CYS B 58 -36.76 9.93 15.50
C CYS B 58 -37.53 10.84 14.55
N LEU B 59 -36.87 11.90 14.09
CA LEU B 59 -37.47 12.89 13.21
C LEU B 59 -36.55 13.08 12.02
N VAL B 60 -37.12 13.08 10.82
CA VAL B 60 -36.39 13.38 9.59
C VAL B 60 -36.94 14.67 9.00
N GLY B 61 -36.06 15.63 8.76
CA GLY B 61 -36.43 16.92 8.21
C GLY B 61 -36.01 17.04 6.76
N GLY B 62 -36.85 17.66 5.95
CA GLY B 62 -36.57 17.93 4.56
C GLY B 62 -36.38 16.69 3.71
N ALA B 63 -35.57 16.86 2.65
CA ALA B 63 -35.49 15.89 1.57
C ALA B 63 -34.91 14.54 2.01
N HIS B 64 -34.26 14.48 3.16
CA HIS B 64 -33.87 13.17 3.67
C HIS B 64 -35.09 12.29 3.85
N ALA B 65 -36.24 12.90 4.16
CA ALA B 65 -37.50 12.18 4.19
C ALA B 65 -37.85 11.63 2.82
N PHE B 66 -37.57 12.40 1.76
CA PHE B 66 -37.93 11.99 0.42
C PHE B 66 -37.06 10.83 -0.07
N ILE B 67 -35.74 10.94 0.10
CA ILE B 67 -34.85 9.84 -0.25
C ILE B 67 -35.15 8.59 0.57
N LEU B 68 -35.52 8.74 1.85
CA LEU B 68 -35.96 7.56 2.60
C LEU B 68 -37.30 7.03 2.09
N LYS B 69 -38.21 7.90 1.69
CA LYS B 69 -39.47 7.45 1.10
C LYS B 69 -39.25 6.64 -0.18
N ILE B 70 -38.32 7.09 -1.02
CA ILE B 70 -37.89 6.27 -2.16
C ILE B 70 -37.36 4.93 -1.70
N SER B 71 -36.44 4.91 -0.74
CA SER B 71 -35.91 3.63 -0.26
C SER B 71 -36.99 2.75 0.36
N SER B 72 -38.04 3.36 0.91
CA SER B 72 -39.16 2.63 1.48
C SER B 72 -40.00 1.94 0.41
N PHE B 73 -40.38 2.67 -0.64
CA PHE B 73 -41.07 2.02 -1.75
C PHE B 73 -40.15 1.06 -2.51
N CYS B 74 -38.84 1.26 -2.43
CA CYS B 74 -37.85 0.34 -2.98
C CYS B 74 -37.62 -0.85 -2.07
N GLY B 75 -38.21 -0.86 -0.87
CA GLY B 75 -37.99 -1.95 0.06
C GLY B 75 -36.62 -1.98 0.67
N LEU B 76 -35.84 -0.90 0.52
CA LEU B 76 -34.53 -0.77 1.13
C LEU B 76 -34.56 -0.02 2.46
N ALA B 77 -35.71 0.53 2.85
CA ALA B 77 -35.83 1.21 4.15
C ALA B 77 -37.24 0.99 4.68
N PRO B 78 -37.43 -0.03 5.52
CA PRO B 78 -38.77 -0.37 6.02
C PRO B 78 -39.26 0.61 7.09
N LEU B 79 -39.41 1.87 6.70
CA LEU B 79 -39.75 2.94 7.62
C LEU B 79 -41.23 3.28 7.50
N ARG B 80 -41.90 3.39 8.64
CA ARG B 80 -43.22 4.01 8.75
C ARG B 80 -43.06 5.36 9.43
N PHE B 81 -43.64 6.39 8.83
CA PHE B 81 -43.43 7.76 9.28
C PHE B 81 -44.73 8.56 9.21
N GLU B 82 -44.76 9.64 10.00
CA GLU B 82 -45.92 10.50 10.17
C GLU B 82 -45.51 11.95 9.92
N PRO B 83 -46.34 12.71 9.20
CA PRO B 83 -45.91 14.03 8.72
C PRO B 83 -45.91 15.11 9.79
N ARG B 84 -45.03 16.10 9.57
CA ARG B 84 -44.96 17.31 10.35
C ARG B 84 -44.75 18.47 9.39
N SER B 85 -44.84 19.70 9.92
CA SER B 85 -44.90 20.87 9.05
C SER B 85 -43.64 21.01 8.20
N GLN B 86 -42.49 20.50 8.67
CA GLN B 86 -41.30 20.44 7.84
C GLN B 86 -40.57 19.11 7.95
N GLU B 87 -41.15 18.12 8.63
CA GLU B 87 -40.42 16.95 9.07
C GLU B 87 -41.34 15.75 9.01
N TYR B 88 -40.78 14.57 9.23
CA TYR B 88 -41.55 13.37 9.54
C TYR B 88 -40.97 12.68 10.76
N ALA B 89 -41.85 12.20 11.64
CA ALA B 89 -41.46 11.25 12.67
C ALA B 89 -41.37 9.86 12.06
N VAL B 90 -40.35 9.11 12.46
CA VAL B 90 -39.95 7.89 11.76
C VAL B 90 -39.94 6.72 12.73
N THR B 91 -40.41 5.56 12.27
CA THR B 91 -40.42 4.32 13.04
C THR B 91 -40.18 3.16 12.10
N ILE B 92 -39.65 2.07 12.64
CA ILE B 92 -39.61 0.80 11.92
C ILE B 92 -40.98 0.14 11.99
N SER B 93 -41.41 -0.45 10.89
CA SER B 93 -42.59 -1.31 10.86
C SER B 93 -42.16 -2.75 10.62
N LYS B 94 -42.58 -3.65 11.51
CA LYS B 94 -42.38 -5.08 11.29
C LYS B 94 -43.06 -5.56 10.02
N GLY B 95 -44.24 -5.03 9.73
CA GLY B 95 -44.91 -5.33 8.49
C GLY B 95 -44.15 -4.90 7.24
N LYS B 96 -43.59 -3.69 7.25
CA LYS B 96 -42.79 -3.27 6.11
C LYS B 96 -41.49 -4.06 5.98
N CYS B 97 -40.90 -4.49 7.10
CA CYS B 97 -39.78 -5.43 7.02
C CYS B 97 -40.20 -6.73 6.33
N PHE B 98 -41.28 -7.35 6.81
CA PHE B 98 -41.73 -8.61 6.23
C PHE B 98 -42.09 -8.47 4.76
N TYR B 99 -42.79 -7.40 4.40
CA TYR B 99 -43.02 -7.06 3.00
C TYR B 99 -41.74 -6.94 2.19
N SER B 100 -40.72 -6.29 2.73
CA SER B 100 -39.45 -6.14 1.99
C SER B 100 -38.74 -7.47 1.81
N TYR B 101 -38.71 -8.29 2.85
CA TYR B 101 -38.15 -9.63 2.72
C TYR B 101 -38.89 -10.47 1.70
N ILE B 102 -40.23 -10.39 1.69
CA ILE B 102 -40.99 -11.11 0.68
C ILE B 102 -40.63 -10.60 -0.72
N LEU B 103 -40.63 -9.28 -0.88
CA LEU B 103 -40.43 -8.69 -2.20
C LEU B 103 -39.08 -9.08 -2.79
N VAL B 104 -38.01 -8.87 -2.04
CA VAL B 104 -36.69 -9.21 -2.55
C VAL B 104 -36.46 -10.72 -2.64
N THR B 105 -37.03 -11.53 -1.75
CA THR B 105 -36.92 -12.97 -1.92
C THR B 105 -37.61 -13.44 -3.20
N PHE B 106 -38.80 -12.91 -3.46
CA PHE B 106 -39.51 -13.19 -4.71
C PHE B 106 -38.70 -12.76 -5.93
N LEU B 107 -38.17 -11.54 -5.93
CA LEU B 107 -37.42 -11.07 -7.09
C LEU B 107 -36.09 -11.79 -7.28
N VAL B 108 -35.44 -12.23 -6.20
CA VAL B 108 -34.25 -13.07 -6.33
C VAL B 108 -34.59 -14.45 -6.88
N ILE B 109 -35.68 -15.06 -6.39
CA ILE B 109 -36.15 -16.32 -6.96
C ILE B 109 -36.47 -16.17 -8.44
N CYS B 110 -37.18 -15.11 -8.82
CA CYS B 110 -37.49 -14.88 -10.23
C CYS B 110 -36.25 -14.63 -11.07
N THR B 111 -35.27 -13.90 -10.54
CA THR B 111 -34.03 -13.65 -11.28
C THR B 111 -33.22 -14.93 -11.48
N ILE B 112 -33.10 -15.76 -10.45
CA ILE B 112 -32.43 -17.06 -10.61
C ILE B 112 -33.21 -17.95 -11.58
N TYR B 113 -34.53 -17.99 -11.47
CA TYR B 113 -35.34 -18.75 -12.42
C TYR B 113 -35.16 -18.27 -13.86
N GLY B 114 -35.05 -16.95 -14.04
CA GLY B 114 -34.69 -16.40 -15.35
C GLY B 114 -33.33 -16.83 -15.85
N LEU B 115 -32.31 -16.69 -15.02
CA LEU B 115 -30.97 -17.14 -15.41
C LEU B 115 -30.96 -18.62 -15.76
N VAL B 116 -31.66 -19.45 -14.99
CA VAL B 116 -31.78 -20.88 -15.30
C VAL B 116 -32.48 -21.10 -16.64
N ALA B 117 -33.55 -20.35 -16.90
CA ALA B 117 -34.23 -20.47 -18.19
C ALA B 117 -33.34 -20.05 -19.36
N GLU B 118 -32.59 -18.96 -19.21
CA GLU B 118 -31.69 -18.51 -20.26
C GLU B 118 -30.51 -19.46 -20.46
N ILE B 119 -30.08 -20.16 -19.41
CA ILE B 119 -29.09 -21.22 -19.58
C ILE B 119 -29.70 -22.44 -20.25
N GLY B 120 -30.98 -22.71 -20.00
CA GLY B 120 -31.64 -23.84 -20.64
C GLY B 120 -31.93 -23.62 -22.12
N VAL B 121 -32.33 -22.40 -22.49
CA VAL B 121 -32.59 -22.11 -23.89
C VAL B 121 -31.30 -22.11 -24.70
N GLY B 122 -31.40 -22.62 -25.92
CA GLY B 122 -30.22 -22.76 -26.76
C GLY B 122 -29.60 -21.42 -27.15
N VAL B 123 -28.30 -21.47 -27.41
CA VAL B 123 -27.52 -20.29 -27.79
C VAL B 123 -27.98 -19.70 -29.11
N GLU B 124 -28.64 -20.50 -29.95
CA GLU B 124 -29.23 -19.98 -31.18
C GLU B 124 -30.25 -18.88 -30.88
N LYS B 125 -31.12 -19.12 -29.91
CA LYS B 125 -32.23 -18.20 -29.66
C LYS B 125 -31.91 -17.14 -28.62
N SER B 126 -30.82 -17.32 -27.87
CA SER B 126 -30.52 -16.48 -26.70
C SER B 126 -29.74 -15.27 -27.18
N VAL B 127 -30.46 -14.16 -27.38
CA VAL B 127 -30.00 -13.05 -28.21
C VAL B 127 -28.78 -12.32 -27.67
N ARG B 128 -28.37 -12.57 -26.43
CA ARG B 128 -27.07 -12.10 -25.93
C ARG B 128 -26.22 -13.22 -25.34
N MET B 129 -26.54 -14.48 -25.64
CA MET B 129 -25.91 -15.64 -25.04
C MET B 129 -25.63 -16.67 -26.13
N SER B 130 -24.94 -16.21 -27.18
CA SER B 130 -24.65 -16.99 -28.38
C SER B 130 -23.56 -18.04 -28.19
N SER B 131 -22.97 -18.15 -27.00
CA SER B 131 -21.92 -19.14 -26.77
C SER B 131 -21.81 -19.39 -25.28
N ARG B 132 -21.13 -20.49 -24.94
CA ARG B 132 -20.87 -20.81 -23.54
C ARG B 132 -20.18 -19.65 -22.81
N MET B 133 -19.16 -19.06 -23.44
CA MET B 133 -18.49 -17.93 -22.82
C MET B 133 -19.44 -16.75 -22.59
N SER B 134 -20.32 -16.49 -23.56
CA SER B 134 -21.34 -15.46 -23.35
C SER B 134 -22.30 -15.81 -22.23
N GLN B 135 -22.64 -17.10 -22.08
CA GLN B 135 -23.43 -17.54 -20.94
C GLN B 135 -22.70 -17.34 -19.61
N VAL B 136 -21.40 -17.62 -19.56
CA VAL B 136 -20.60 -17.42 -18.36
C VAL B 136 -20.56 -15.95 -17.97
N VAL B 137 -20.23 -15.07 -18.92
CA VAL B 137 -20.18 -13.64 -18.59
C VAL B 137 -21.56 -13.05 -18.28
N SER B 138 -22.62 -13.49 -18.95
CA SER B 138 -23.96 -13.07 -18.56
C SER B 138 -24.34 -13.55 -17.17
N ALA B 139 -23.95 -14.77 -16.81
CA ALA B 139 -24.14 -15.25 -15.43
C ALA B 139 -23.38 -14.40 -14.42
N CYS B 140 -22.16 -13.98 -14.77
CA CYS B 140 -21.46 -13.02 -13.90
C CYS B 140 -22.21 -11.70 -13.81
N ASP B 141 -22.72 -11.20 -14.93
CA ASP B 141 -23.48 -9.96 -14.95
C ASP B 141 -24.69 -10.01 -14.02
N ILE B 142 -25.45 -11.09 -14.10
CA ILE B 142 -26.67 -11.23 -13.29
C ILE B 142 -26.34 -11.51 -11.82
N LEU B 143 -25.47 -12.49 -11.57
CA LEU B 143 -25.49 -13.14 -10.27
C LEU B 143 -24.96 -12.21 -9.17
N VAL B 144 -23.85 -11.50 -9.41
CA VAL B 144 -23.35 -10.63 -8.35
C VAL B 144 -24.28 -9.45 -8.08
N VAL B 145 -25.10 -9.04 -9.06
CA VAL B 145 -26.15 -8.06 -8.78
C VAL B 145 -27.25 -8.66 -7.92
N ALA B 146 -27.58 -9.94 -8.11
CA ALA B 146 -28.46 -10.61 -7.16
C ALA B 146 -27.85 -10.76 -5.78
N VAL B 147 -26.53 -10.94 -5.71
CA VAL B 147 -25.83 -10.97 -4.42
C VAL B 147 -25.89 -9.61 -3.74
N THR B 148 -25.56 -8.55 -4.46
CA THR B 148 -25.63 -7.21 -3.87
C THR B 148 -27.06 -6.87 -3.43
N ALA B 149 -28.06 -7.17 -4.27
CA ALA B 149 -29.44 -6.88 -3.88
C ALA B 149 -29.83 -7.65 -2.62
N GLY B 150 -29.52 -8.94 -2.58
CA GLY B 150 -29.80 -9.75 -1.40
C GLY B 150 -29.13 -9.27 -0.13
N VAL B 151 -27.80 -9.18 -0.14
CA VAL B 151 -27.09 -8.82 1.08
C VAL B 151 -27.38 -7.38 1.49
N GLY B 152 -27.72 -6.51 0.53
CA GLY B 152 -28.22 -5.19 0.84
C GLY B 152 -29.53 -5.15 1.59
N VAL B 153 -30.58 -5.70 0.98
CA VAL B 153 -31.91 -5.59 1.59
C VAL B 153 -32.03 -6.46 2.84
N TYR B 154 -31.43 -7.65 2.86
CA TYR B 154 -31.57 -8.52 4.02
C TYR B 154 -30.93 -7.94 5.28
N GLY B 155 -30.09 -6.92 5.16
CA GLY B 155 -29.60 -6.18 6.30
C GLY B 155 -30.36 -4.90 6.59
N ALA B 156 -31.39 -4.58 5.81
CA ALA B 156 -32.01 -3.27 5.88
C ALA B 156 -32.55 -2.91 7.27
N PRO B 157 -33.24 -3.81 7.98
CA PRO B 157 -33.68 -3.45 9.33
C PRO B 157 -32.56 -3.01 10.28
N ALA B 158 -31.41 -3.68 10.23
CA ALA B 158 -30.28 -3.28 11.07
C ALA B 158 -29.73 -1.92 10.64
N ARG B 159 -29.68 -1.68 9.33
CA ARG B 159 -29.25 -0.38 8.82
C ARG B 159 -30.19 0.75 9.28
N MET B 160 -31.49 0.49 9.32
CA MET B 160 -32.41 1.51 9.82
C MET B 160 -32.42 1.62 11.34
N ARG B 161 -32.16 0.55 12.07
CA ARG B 161 -31.84 0.68 13.49
C ARG B 161 -30.63 1.60 13.70
N THR B 162 -29.61 1.44 12.86
CA THR B 162 -28.43 2.31 12.93
C THR B 162 -28.80 3.77 12.65
N MET B 163 -29.57 4.00 11.59
CA MET B 163 -30.02 5.36 11.29
C MET B 163 -30.87 5.96 12.42
N LEU B 164 -31.84 5.21 12.93
CA LEU B 164 -32.64 5.67 14.05
C LEU B 164 -31.81 5.87 15.32
N SER B 165 -30.62 5.28 15.39
CA SER B 165 -29.70 5.63 16.46
C SER B 165 -28.96 6.95 16.19
N TYR B 166 -28.18 7.01 15.11
CA TYR B 166 -27.30 8.16 14.89
C TYR B 166 -28.06 9.45 14.57
N MET B 167 -29.26 9.37 13.97
CA MET B 167 -29.95 10.59 13.57
C MET B 167 -30.39 11.43 14.76
N GLU B 168 -30.67 10.82 15.91
CA GLU B 168 -30.96 11.61 17.10
C GLU B 168 -29.75 12.44 17.53
N ASN B 169 -28.56 11.83 17.51
CA ASN B 169 -27.34 12.57 17.81
C ASN B 169 -27.07 13.65 16.78
N ILE B 170 -27.29 13.36 15.50
CA ILE B 170 -27.13 14.39 14.48
C ILE B 170 -28.10 15.54 14.66
N VAL B 171 -29.34 15.27 15.05
CA VAL B 171 -30.29 16.34 15.35
C VAL B 171 -29.82 17.16 16.55
N ALA B 172 -29.28 16.50 17.57
CA ALA B 172 -28.71 17.23 18.71
C ALA B 172 -27.51 18.09 18.30
N VAL B 173 -26.68 17.60 17.39
CA VAL B 173 -25.58 18.42 16.87
C VAL B 173 -26.10 19.60 16.07
N ASP B 174 -27.05 19.35 15.17
CA ASP B 174 -27.65 20.42 14.37
C ASP B 174 -28.30 21.50 15.24
N ARG B 175 -28.81 21.12 16.40
CA ARG B 175 -29.39 22.10 17.32
C ARG B 175 -28.38 23.17 17.73
N GLU B 176 -27.08 22.87 17.74
CA GLU B 176 -26.05 23.89 17.89
C GLU B 176 -25.42 24.37 16.58
N LEU B 177 -25.07 23.46 15.67
CA LEU B 177 -24.50 23.83 14.38
C LEU B 177 -25.60 24.17 13.36
N GLY B 178 -26.24 25.31 13.60
CA GLY B 178 -26.93 26.02 12.54
C GLY B 178 -28.01 25.22 11.83
N ARG B 179 -28.74 24.39 12.56
CA ARG B 179 -29.84 23.63 11.95
C ARG B 179 -30.83 24.55 11.26
N HIS B 180 -30.95 25.79 11.73
CA HIS B 180 -31.82 26.78 11.10
C HIS B 180 -31.43 27.04 9.65
N HIS B 181 -32.34 26.69 8.74
CA HIS B 181 -32.17 26.67 7.29
C HIS B 181 -31.04 25.75 6.80
N SER B 182 -30.43 24.96 7.68
CA SER B 182 -29.41 24.01 7.22
C SER B 182 -30.00 22.92 6.32
N ALA B 183 -31.33 22.71 6.38
CA ALA B 183 -32.03 21.81 5.46
C ALA B 183 -31.90 22.17 3.98
N ALA B 184 -31.59 23.42 3.64
CA ALA B 184 -31.41 23.76 2.22
C ALA B 184 -30.24 23.01 1.58
N THR B 185 -29.21 22.66 2.35
CA THR B 185 -28.15 21.81 1.83
C THR B 185 -28.66 20.42 1.46
N GLU B 186 -29.44 19.79 2.35
CA GLU B 186 -30.08 18.53 2.01
C GLU B 186 -31.03 18.67 0.82
N ARG B 187 -31.76 19.78 0.73
CA ARG B 187 -32.65 19.99 -0.41
C ARG B 187 -31.88 20.00 -1.74
N LYS B 188 -30.79 20.76 -1.78
CA LYS B 188 -29.94 20.78 -2.98
C LYS B 188 -29.35 19.40 -3.29
N LEU B 189 -28.83 18.72 -2.27
CA LEU B 189 -28.22 17.41 -2.50
C LEU B 189 -29.24 16.40 -3.00
N CYS B 190 -30.45 16.40 -2.43
CA CYS B 190 -31.53 15.56 -2.92
C CYS B 190 -31.88 15.88 -4.37
N ALA B 191 -32.04 17.16 -4.69
CA ALA B 191 -32.39 17.54 -6.05
C ALA B 191 -31.34 17.07 -7.04
N LEU B 192 -30.07 17.19 -6.68
CA LEU B 192 -28.99 16.68 -7.52
C LEU B 192 -29.02 15.15 -7.65
N LEU B 193 -29.14 14.44 -6.52
CA LEU B 193 -29.02 12.98 -6.52
C LEU B 193 -30.21 12.26 -7.14
N LEU B 194 -31.43 12.78 -6.96
CA LEU B 194 -32.60 12.18 -7.62
C LEU B 194 -32.46 12.11 -9.14
N LEU B 195 -31.82 13.11 -9.74
CA LEU B 195 -31.63 13.09 -11.19
C LEU B 195 -30.80 11.89 -11.64
N ILE B 196 -29.88 11.42 -10.80
CA ILE B 196 -29.09 10.24 -11.14
C ILE B 196 -29.98 8.99 -11.21
N LEU B 197 -30.87 8.83 -10.23
CA LEU B 197 -31.79 7.69 -10.25
C LEU B 197 -32.76 7.77 -11.42
N LEU B 198 -33.22 8.96 -11.76
CA LEU B 198 -34.04 9.11 -12.96
C LEU B 198 -33.28 8.71 -14.22
N SER B 199 -32.06 9.22 -14.38
CA SER B 199 -31.23 8.86 -15.52
C SER B 199 -31.03 7.34 -15.62
N PHE B 200 -30.68 6.69 -14.51
CA PHE B 200 -30.53 5.25 -14.53
C PHE B 200 -31.83 4.54 -14.86
N THR B 201 -32.96 5.03 -14.35
CA THR B 201 -34.23 4.39 -14.69
C THR B 201 -34.49 4.46 -16.19
N ILE B 202 -34.22 5.62 -16.79
CA ILE B 202 -34.35 5.76 -18.24
C ILE B 202 -33.44 4.78 -18.97
N LEU B 203 -32.17 4.71 -18.56
CA LEU B 203 -31.24 3.80 -19.23
C LEU B 203 -31.67 2.33 -19.09
N LEU B 204 -32.13 1.94 -17.90
CA LEU B 204 -32.58 0.57 -17.69
C LEU B 204 -33.79 0.24 -18.55
N VAL B 205 -34.77 1.14 -18.59
CA VAL B 205 -35.93 0.92 -19.45
C VAL B 205 -35.50 0.82 -20.92
N ASP B 206 -34.62 1.70 -21.37
CA ASP B 206 -34.19 1.65 -22.76
C ASP B 206 -33.45 0.36 -23.08
N ASP B 207 -32.67 -0.15 -22.12
CA ASP B 207 -32.05 -1.46 -22.27
C ASP B 207 -33.09 -2.57 -22.43
N PHE B 208 -34.09 -2.60 -21.54
CA PHE B 208 -35.13 -3.61 -21.64
C PHE B 208 -35.91 -3.50 -22.94
N CYS B 209 -36.20 -2.27 -23.38
CA CYS B 209 -36.87 -2.09 -24.67
C CYS B 209 -36.03 -2.57 -25.85
N PHE B 210 -34.72 -2.32 -25.82
CA PHE B 210 -33.84 -2.86 -26.88
C PHE B 210 -33.85 -4.38 -26.91
N TYR B 211 -33.67 -5.03 -25.77
CA TYR B 211 -33.73 -6.49 -25.75
C TYR B 211 -35.12 -7.01 -26.11
N ALA B 212 -36.17 -6.31 -25.70
CA ALA B 212 -37.52 -6.66 -26.12
C ALA B 212 -37.70 -6.56 -27.64
N MET B 213 -37.02 -5.60 -28.28
CA MET B 213 -37.03 -5.56 -29.75
C MET B 213 -36.23 -6.69 -30.37
N GLN B 214 -35.09 -7.05 -29.78
CA GLN B 214 -34.38 -8.25 -30.22
C GLN B 214 -35.25 -9.50 -30.10
N ALA B 215 -36.05 -9.57 -29.03
CA ALA B 215 -36.99 -10.69 -28.86
C ALA B 215 -38.11 -10.65 -29.88
N GLY B 216 -38.69 -9.47 -30.11
CA GLY B 216 -39.77 -9.36 -31.07
C GLY B 216 -39.33 -9.70 -32.48
N LYS B 217 -38.16 -9.22 -32.88
CA LYS B 217 -37.65 -9.55 -34.22
C LYS B 217 -37.29 -11.02 -34.34
N THR B 218 -37.20 -11.76 -33.22
CA THR B 218 -37.00 -13.20 -33.24
C THR B 218 -38.20 -13.97 -32.71
N GLY B 219 -39.32 -13.30 -32.45
CA GLY B 219 -40.55 -14.00 -32.12
C GLY B 219 -40.62 -14.61 -30.73
N ARG B 220 -39.86 -14.10 -29.77
CA ARG B 220 -39.67 -14.77 -28.48
C ARG B 220 -39.92 -13.80 -27.32
N GLN B 221 -40.77 -12.80 -27.56
CA GLN B 221 -40.92 -11.68 -26.63
C GLN B 221 -41.31 -12.13 -25.21
N TRP B 222 -42.31 -13.00 -25.08
CA TRP B 222 -42.80 -13.35 -23.75
C TRP B 222 -41.74 -14.04 -22.90
N GLU B 223 -40.95 -14.94 -23.50
CA GLU B 223 -39.96 -15.68 -22.73
C GLU B 223 -38.79 -14.81 -22.33
N ILE B 224 -38.28 -14.00 -23.25
CA ILE B 224 -37.19 -13.07 -22.95
C ILE B 224 -37.64 -11.97 -21.98
N VAL B 225 -38.92 -11.60 -21.98
CA VAL B 225 -39.47 -10.72 -20.95
C VAL B 225 -39.40 -11.37 -19.58
N THR B 226 -40.01 -12.56 -19.44
CA THR B 226 -40.08 -13.18 -18.12
C THR B 226 -38.72 -13.65 -17.60
N ASN B 227 -37.76 -13.89 -18.51
CA ASN B 227 -36.40 -14.22 -18.13
C ASN B 227 -35.58 -13.05 -17.57
N TYR B 228 -35.96 -11.79 -17.80
CA TYR B 228 -35.15 -10.65 -17.37
C TYR B 228 -35.86 -9.60 -16.52
N ALA B 229 -37.21 -9.58 -16.48
CA ALA B 229 -37.89 -8.57 -15.69
C ALA B 229 -37.47 -8.56 -14.22
N GLY B 230 -37.10 -9.73 -13.67
CA GLY B 230 -36.51 -9.77 -12.34
C GLY B 230 -35.16 -9.07 -12.26
N PHE B 231 -34.26 -9.45 -13.16
CA PHE B 231 -32.90 -8.93 -13.15
C PHE B 231 -32.88 -7.41 -13.22
N TYR B 232 -33.69 -6.82 -14.09
CA TYR B 232 -33.69 -5.36 -14.19
C TYR B 232 -34.11 -4.69 -12.88
N PHE B 233 -35.14 -5.23 -12.23
CA PHE B 233 -35.57 -4.67 -10.95
C PHE B 233 -34.53 -4.86 -9.84
N LEU B 234 -33.75 -5.94 -9.90
CA LEU B 234 -32.63 -6.06 -8.97
C LEU B 234 -31.55 -5.02 -9.24
N TRP B 235 -31.32 -4.69 -10.51
CA TRP B 235 -30.41 -3.60 -10.83
C TRP B 235 -30.89 -2.29 -10.23
N TYR B 236 -32.18 -2.00 -10.41
CA TYR B 236 -32.76 -0.79 -9.83
C TYR B 236 -32.63 -0.73 -8.31
N ILE B 237 -32.88 -1.86 -7.63
CA ILE B 237 -32.69 -1.92 -6.18
C ILE B 237 -31.26 -1.64 -5.76
N VAL B 238 -30.27 -2.23 -6.45
CA VAL B 238 -28.89 -1.95 -6.07
C VAL B 238 -28.46 -0.52 -6.40
N MET B 239 -29.10 0.10 -7.39
CA MET B 239 -28.90 1.53 -7.60
C MET B 239 -29.50 2.37 -6.47
N VAL B 240 -30.67 2.00 -5.97
CA VAL B 240 -31.26 2.76 -4.88
C VAL B 240 -30.41 2.63 -3.62
N LEU B 241 -29.88 1.43 -3.34
CA LEU B 241 -28.98 1.28 -2.19
C LEU B 241 -27.74 2.17 -2.33
N GLU B 242 -27.15 2.20 -3.53
CA GLU B 242 -25.92 2.96 -3.72
C GLU B 242 -26.18 4.46 -3.60
N LEU B 243 -27.30 4.94 -4.18
CA LEU B 243 -27.66 6.34 -3.99
C LEU B 243 -27.94 6.66 -2.53
N GLN B 244 -28.62 5.77 -1.81
CA GLN B 244 -28.93 6.08 -0.42
C GLN B 244 -27.66 6.28 0.40
N PHE B 245 -26.64 5.44 0.16
CA PHE B 245 -25.33 5.68 0.75
C PHE B 245 -24.75 7.04 0.37
N ALA B 246 -24.77 7.35 -0.94
CA ALA B 246 -24.25 8.63 -1.43
C ALA B 246 -25.06 9.83 -0.99
N PHE B 247 -26.24 9.64 -0.45
CA PHE B 247 -26.96 10.70 0.25
C PHE B 247 -26.56 10.84 1.72
N THR B 248 -26.62 9.75 2.48
CA THR B 248 -26.35 9.84 3.92
C THR B 248 -24.92 10.29 4.20
N ALA B 249 -23.94 9.67 3.52
CA ALA B 249 -22.55 10.04 3.73
C ALA B 249 -22.21 11.44 3.23
N LEU B 250 -23.08 12.07 2.46
CA LEU B 250 -22.80 13.40 1.93
C LEU B 250 -23.54 14.49 2.69
N SER B 251 -24.74 14.21 3.18
CA SER B 251 -25.36 15.10 4.15
C SER B 251 -24.50 15.23 5.40
N LEU B 252 -23.92 14.12 5.86
CA LEU B 252 -22.98 14.21 6.98
C LEU B 252 -21.76 15.07 6.65
N ARG B 253 -21.27 14.96 5.42
CA ARG B 253 -20.20 15.85 4.94
C ARG B 253 -20.59 17.32 4.95
N ALA B 254 -21.80 17.65 4.47
CA ALA B 254 -22.25 19.03 4.53
C ALA B 254 -22.35 19.54 5.96
N ARG B 255 -22.79 18.70 6.90
CA ARG B 255 -22.77 19.09 8.31
C ARG B 255 -21.35 19.31 8.82
N LEU B 256 -20.40 18.47 8.41
CA LEU B 256 -19.00 18.73 8.74
C LEU B 256 -18.53 20.07 8.18
N LYS B 257 -18.91 20.40 6.95
CA LYS B 257 -18.54 21.69 6.38
C LYS B 257 -19.08 22.84 7.23
N LEU B 258 -20.34 22.75 7.66
CA LEU B 258 -20.92 23.80 8.48
C LEU B 258 -20.22 23.92 9.84
N PHE B 259 -19.94 22.79 10.48
CA PHE B 259 -19.09 22.80 11.67
C PHE B 259 -17.76 23.49 11.40
N ASN B 260 -17.10 23.13 10.30
CA ASN B 260 -15.78 23.67 10.00
C ASN B 260 -15.81 25.18 9.83
N GLU B 261 -16.80 25.71 9.11
CA GLU B 261 -16.94 27.17 9.02
C GLU B 261 -17.28 27.81 10.37
N ALA B 262 -18.10 27.15 11.19
CA ALA B 262 -18.38 27.67 12.52
C ALA B 262 -17.12 27.72 13.38
N LEU B 263 -16.18 26.82 13.15
CA LEU B 263 -14.88 26.89 13.81
C LEU B 263 -13.99 27.97 13.19
N ASN B 264 -13.96 28.04 11.86
CA ASN B 264 -13.16 29.04 11.18
C ASN B 264 -13.46 30.44 11.68
N VAL B 265 -14.74 30.80 11.78
CA VAL B 265 -15.07 32.13 12.28
C VAL B 265 -14.70 32.32 13.75
N THR B 266 -14.31 31.25 14.45
CA THR B 266 -13.72 31.44 15.76
C THR B 266 -12.34 32.09 15.64
N ALA B 267 -11.65 31.84 14.52
CA ALA B 267 -10.33 32.42 14.35
C ALA B 267 -10.43 33.94 14.28
N SER B 268 -11.39 34.44 13.50
CA SER B 268 -11.65 35.88 13.46
C SER B 268 -12.19 36.40 14.79
N GLN B 269 -13.01 35.61 15.48
CA GLN B 269 -13.52 36.06 16.78
C GLN B 269 -12.41 36.26 17.80
N VAL B 270 -11.44 35.35 17.83
CA VAL B 270 -10.30 35.54 18.73
C VAL B 270 -9.31 36.58 18.19
N CYS B 271 -9.17 36.69 16.87
CA CYS B 271 -8.30 37.72 16.31
C CYS B 271 -8.83 39.12 16.61
N LYS B 272 -10.13 39.31 16.50
CA LYS B 272 -10.77 40.58 16.83
C LYS B 272 -10.74 40.83 18.34
N LEU B 325 -22.04 33.70 16.93
CA LEU B 325 -21.12 33.14 17.89
C LEU B 325 -21.28 33.83 19.24
N GLN B 326 -22.11 33.25 20.10
CA GLN B 326 -22.68 33.92 21.27
C GLN B 326 -21.86 33.72 22.53
N VAL B 327 -20.76 32.99 22.47
CA VAL B 327 -19.87 32.82 23.63
C VAL B 327 -18.44 32.95 23.19
N PRO B 328 -17.54 33.33 24.10
CA PRO B 328 -16.14 33.50 23.74
C PRO B 328 -15.55 32.22 23.21
N PRO B 329 -14.47 32.30 22.42
CA PRO B 329 -13.74 31.09 22.02
C PRO B 329 -13.36 30.18 23.18
N CYS B 330 -13.10 30.75 24.36
CA CYS B 330 -12.83 29.99 25.57
C CYS B 330 -13.88 28.93 25.87
N GLU B 331 -15.10 29.09 25.36
CA GLU B 331 -16.15 28.09 25.51
C GLU B 331 -16.51 27.47 24.18
N ALA B 332 -16.52 28.31 23.15
CA ALA B 332 -17.00 27.88 21.84
C ALA B 332 -16.14 26.76 21.30
N VAL B 333 -14.81 26.86 21.46
CA VAL B 333 -13.94 25.79 20.98
C VAL B 333 -14.20 24.48 21.72
N GLY B 334 -14.60 24.56 22.99
CA GLY B 334 -14.96 23.38 23.76
C GLY B 334 -16.17 22.67 23.21
N ARG B 335 -17.26 23.44 23.12
CA ARG B 335 -18.52 22.88 22.64
C ARG B 335 -18.42 22.40 21.20
N LEU B 336 -17.66 23.12 20.37
CA LEU B 336 -17.36 22.62 19.03
C LEU B 336 -16.54 21.34 19.05
N SER B 337 -15.58 21.20 19.98
CA SER B 337 -14.83 19.96 20.05
C SER B 337 -15.69 18.77 20.46
N ARG B 338 -16.69 19.02 21.31
CA ARG B 338 -17.67 17.97 21.61
C ARG B 338 -18.48 17.59 20.38
N MET B 339 -18.98 18.59 19.65
CA MET B 339 -19.64 18.27 18.38
C MET B 339 -18.71 17.54 17.41
N ARG B 340 -17.42 17.89 17.42
CA ARG B 340 -16.41 17.21 16.60
C ARG B 340 -16.11 15.79 17.05
N CYS B 341 -16.51 15.42 18.26
CA CYS B 341 -16.58 14.02 18.65
C CYS B 341 -17.82 13.33 18.08
N THR B 342 -18.97 13.97 18.26
CA THR B 342 -20.23 13.36 17.81
C THR B 342 -20.25 13.13 16.30
N LEU B 343 -19.77 14.11 15.53
CA LEU B 343 -19.58 14.02 14.07
C LEU B 343 -18.44 13.12 13.63
N CYS B 344 -17.79 12.40 14.54
CA CYS B 344 -16.97 11.24 14.19
C CYS B 344 -17.69 9.94 14.51
N GLU B 345 -18.25 9.86 15.72
CA GLU B 345 -19.01 8.67 16.09
C GLU B 345 -20.10 8.35 15.08
N VAL B 346 -20.81 9.37 14.60
CA VAL B 346 -21.85 9.14 13.59
C VAL B 346 -21.27 8.63 12.27
N THR B 347 -20.08 9.10 11.90
CA THR B 347 -19.45 8.56 10.70
C THR B 347 -19.07 7.10 10.86
N ARG B 348 -18.58 6.70 12.04
CA ARG B 348 -18.27 5.29 12.24
C ARG B 348 -19.52 4.42 12.30
N HIS B 349 -20.62 4.97 12.81
CA HIS B 349 -21.91 4.30 12.70
C HIS B 349 -22.31 4.05 11.25
N ILE B 350 -22.27 5.09 10.42
CA ILE B 350 -22.71 4.93 9.03
C ILE B 350 -21.77 3.98 8.28
N ALA B 351 -20.46 4.17 8.44
CA ALA B 351 -19.49 3.30 7.78
C ALA B 351 -19.65 1.83 8.17
N ASP B 352 -20.10 1.56 9.40
CA ASP B 352 -20.32 0.17 9.75
C ASP B 352 -21.66 -0.33 9.22
N GLY B 353 -22.73 0.43 9.41
CA GLY B 353 -24.02 -0.03 8.97
C GLY B 353 -24.12 -0.25 7.46
N TYR B 354 -23.37 0.52 6.66
CA TYR B 354 -23.26 0.26 5.23
C TYR B 354 -22.11 -0.67 4.81
N GLY B 355 -21.14 -0.97 5.67
CA GLY B 355 -19.88 -1.52 5.18
C GLY B 355 -20.00 -2.78 4.32
N LEU B 356 -20.93 -3.69 4.68
CA LEU B 356 -21.08 -4.93 3.90
C LEU B 356 -21.60 -4.71 2.49
N PRO B 357 -22.77 -4.13 2.26
CA PRO B 357 -23.20 -3.89 0.88
C PRO B 357 -22.35 -2.87 0.16
N LEU B 358 -21.73 -1.95 0.89
CA LEU B 358 -20.82 -0.98 0.30
C LEU B 358 -19.57 -1.63 -0.31
N VAL B 359 -19.08 -2.72 0.27
CA VAL B 359 -17.98 -3.46 -0.35
C VAL B 359 -18.47 -4.47 -1.39
N ILE B 360 -19.62 -5.12 -1.16
CA ILE B 360 -20.13 -6.06 -2.16
C ILE B 360 -20.42 -5.33 -3.47
N ILE B 361 -20.99 -4.13 -3.40
CA ILE B 361 -21.33 -3.39 -4.61
C ILE B 361 -20.07 -2.91 -5.35
N LEU B 362 -19.00 -2.59 -4.63
CA LEU B 362 -17.71 -2.33 -5.27
C LEU B 362 -17.17 -3.57 -5.99
N MET B 363 -17.20 -4.73 -5.35
CA MET B 363 -16.77 -5.95 -6.02
C MET B 363 -17.62 -6.25 -7.25
N SER B 364 -18.94 -6.10 -7.14
CA SER B 364 -19.83 -6.24 -8.30
C SER B 364 -19.54 -5.23 -9.40
N THR B 365 -19.11 -4.03 -9.04
CA THR B 365 -18.82 -3.03 -10.07
C THR B 365 -17.47 -3.27 -10.76
N LEU B 366 -16.47 -3.74 -10.02
CA LEU B 366 -15.28 -4.31 -10.66
C LEU B 366 -15.62 -5.44 -11.62
N LEU B 367 -16.49 -6.37 -11.20
CA LEU B 367 -16.86 -7.46 -12.09
C LEU B 367 -17.62 -6.97 -13.33
N HIS B 368 -18.49 -5.97 -13.17
CA HIS B 368 -19.17 -5.41 -14.34
C HIS B 368 -18.22 -4.63 -15.24
N LEU B 369 -17.27 -3.89 -14.68
CA LEU B 369 -16.25 -3.26 -15.52
C LEU B 369 -15.35 -4.28 -16.19
N ILE B 370 -15.39 -5.53 -15.76
CA ILE B 370 -14.79 -6.62 -16.54
C ILE B 370 -15.75 -7.13 -17.63
N VAL B 371 -16.98 -7.45 -17.25
CA VAL B 371 -17.92 -8.12 -18.16
C VAL B 371 -18.40 -7.21 -19.29
N THR B 372 -18.68 -5.94 -19.00
CA THR B 372 -19.24 -5.06 -20.03
C THR B 372 -18.24 -4.76 -21.14
N PRO B 373 -16.99 -4.39 -20.85
CA PRO B 373 -16.02 -4.22 -21.94
C PRO B 373 -15.78 -5.51 -22.71
N TYR B 374 -15.89 -6.66 -22.07
CA TYR B 374 -15.79 -7.93 -22.79
C TYR B 374 -16.86 -8.03 -23.88
N PHE B 375 -18.11 -7.72 -23.54
CA PHE B 375 -19.16 -7.64 -24.56
C PHE B 375 -18.84 -6.59 -25.62
N LEU B 376 -18.46 -5.39 -25.18
CA LEU B 376 -18.21 -4.31 -26.15
C LEU B 376 -17.14 -4.71 -27.16
N ILE B 377 -16.07 -5.35 -26.69
CA ILE B 377 -14.98 -5.76 -27.58
C ILE B 377 -15.42 -6.89 -28.48
N MET B 378 -16.06 -7.93 -27.93
CA MET B 378 -16.50 -9.01 -28.82
C MET B 378 -17.51 -8.52 -29.85
N GLU B 379 -18.44 -7.66 -29.45
CA GLU B 379 -19.46 -7.09 -30.33
C GLU B 379 -18.96 -5.94 -31.19
N ILE B 380 -17.67 -5.60 -31.15
CA ILE B 380 -17.05 -4.83 -32.22
C ILE B 380 -15.98 -5.61 -32.97
N ILE B 381 -15.64 -6.82 -32.52
CA ILE B 381 -14.84 -7.73 -33.33
C ILE B 381 -15.68 -8.38 -34.42
N VAL B 382 -16.95 -8.69 -34.12
CA VAL B 382 -17.94 -8.88 -35.17
C VAL B 382 -18.39 -7.53 -35.73
N SER B 383 -19.05 -7.59 -36.89
CA SER B 383 -19.46 -6.40 -37.61
C SER B 383 -20.40 -5.51 -36.79
N THR B 384 -20.07 -4.21 -36.77
CA THR B 384 -20.66 -3.22 -35.86
C THR B 384 -22.12 -2.91 -36.18
N HIS B 385 -22.75 -3.61 -37.13
CA HIS B 385 -24.11 -3.29 -37.56
C HIS B 385 -25.10 -3.19 -36.41
N ARG B 386 -24.81 -3.83 -35.27
CA ARG B 386 -25.72 -3.80 -34.12
C ARG B 386 -25.55 -2.49 -33.34
N LEU B 387 -25.81 -1.39 -34.05
CA LEU B 387 -25.48 -0.06 -33.55
C LEU B 387 -26.16 0.23 -32.21
N HIS B 388 -27.45 -0.11 -32.10
CA HIS B 388 -28.18 0.11 -30.86
C HIS B 388 -27.54 -0.65 -29.71
N PHE B 389 -27.13 -1.89 -29.94
CA PHE B 389 -26.42 -2.65 -28.91
C PHE B 389 -25.11 -1.97 -28.55
N LEU B 390 -24.32 -1.57 -29.55
CA LEU B 390 -23.03 -0.95 -29.30
C LEU B 390 -23.16 0.31 -28.44
N VAL B 391 -24.12 1.17 -28.78
CA VAL B 391 -24.38 2.37 -27.99
C VAL B 391 -24.87 2.01 -26.60
N LEU B 392 -25.82 1.09 -26.49
CA LEU B 392 -26.38 0.75 -25.19
C LEU B 392 -25.31 0.18 -24.27
N GLN B 393 -24.41 -0.66 -24.79
CA GLN B 393 -23.29 -1.15 -24.01
C GLN B 393 -22.29 -0.06 -23.64
N PHE B 394 -22.07 0.93 -24.49
CA PHE B 394 -21.21 2.04 -24.07
C PHE B 394 -21.86 2.87 -22.96
N LEU B 395 -23.17 3.11 -23.07
CA LEU B 395 -23.90 3.80 -22.00
C LEU B 395 -23.90 3.00 -20.70
N TRP B 396 -24.00 1.67 -20.78
CA TRP B 396 -23.77 0.83 -19.60
C TRP B 396 -22.37 0.96 -19.03
N CYS B 397 -21.33 1.00 -19.85
CA CYS B 397 -19.98 1.21 -19.33
C CYS B 397 -19.85 2.56 -18.64
N THR B 398 -20.47 3.60 -19.21
CA THR B 398 -20.56 4.88 -18.52
C THR B 398 -21.28 4.78 -17.19
N THR B 399 -22.40 4.06 -17.13
CA THR B 399 -23.11 3.91 -15.86
C THR B 399 -22.28 3.14 -14.83
N HIS B 400 -21.59 2.09 -15.26
CA HIS B 400 -20.73 1.29 -14.40
C HIS B 400 -19.48 2.02 -13.93
N LEU B 401 -19.10 3.10 -14.59
CA LEU B 401 -18.12 4.03 -13.98
C LEU B 401 -18.76 5.09 -13.08
N ILE B 402 -19.85 5.70 -13.53
CA ILE B 402 -20.50 6.76 -12.76
C ILE B 402 -21.02 6.26 -11.41
N ARG B 403 -21.55 5.04 -11.36
CA ARG B 403 -21.92 4.43 -10.08
C ARG B 403 -20.73 4.32 -9.10
N MET B 404 -19.58 3.84 -9.58
CA MET B 404 -18.41 3.79 -8.72
C MET B 404 -17.97 5.19 -8.26
N LEU B 405 -18.04 6.17 -9.16
CA LEU B 405 -17.74 7.54 -8.75
C LEU B 405 -18.75 8.13 -7.76
N VAL B 406 -20.01 7.69 -7.84
CA VAL B 406 -21.03 8.05 -6.85
C VAL B 406 -20.84 7.34 -5.51
N VAL B 407 -20.16 6.21 -5.52
CA VAL B 407 -19.73 5.61 -4.25
C VAL B 407 -18.55 6.36 -3.65
N VAL B 408 -17.47 6.55 -4.41
CA VAL B 408 -16.24 7.08 -3.81
C VAL B 408 -16.25 8.61 -3.56
N GLU B 409 -16.93 9.39 -4.39
CA GLU B 409 -16.88 10.85 -4.26
C GLU B 409 -17.30 11.41 -2.89
N PRO B 410 -18.43 11.02 -2.31
CA PRO B 410 -18.75 11.47 -0.94
C PRO B 410 -17.71 11.16 0.13
N CYS B 411 -16.93 10.08 -0.02
CA CYS B 411 -15.83 9.83 0.91
C CYS B 411 -14.68 10.81 0.72
N HIS B 412 -14.26 11.02 -0.53
CA HIS B 412 -13.15 11.95 -0.77
C HIS B 412 -13.52 13.37 -0.35
N TYR B 413 -14.75 13.81 -0.68
CA TYR B 413 -15.24 15.10 -0.22
C TYR B 413 -15.50 15.17 1.28
N THR B 414 -15.61 14.04 1.99
CA THR B 414 -15.61 14.10 3.44
C THR B 414 -14.20 14.26 4.02
N MET B 415 -13.27 13.41 3.57
CA MET B 415 -11.89 13.50 4.03
C MET B 415 -11.19 14.80 3.65
N ARG B 416 -11.65 15.49 2.61
CA ARG B 416 -11.15 16.85 2.39
C ARG B 416 -11.66 17.85 3.42
N GLU B 417 -12.89 17.68 3.92
CA GLU B 417 -13.31 18.48 5.07
C GLU B 417 -12.51 18.13 6.32
N GLY B 418 -12.16 16.87 6.48
CA GLY B 418 -11.23 16.46 7.52
C GLY B 418 -9.91 17.22 7.47
N LYS B 419 -9.25 17.13 6.31
CA LYS B 419 -7.96 17.80 6.14
C LYS B 419 -8.06 19.31 6.32
N ARG B 420 -9.11 19.94 5.78
CA ARG B 420 -9.29 21.37 5.99
C ARG B 420 -9.60 21.75 7.44
N THR B 421 -10.17 20.84 8.23
CA THR B 421 -10.32 21.11 9.65
C THR B 421 -9.00 21.00 10.38
N GLU B 422 -8.17 20.03 9.99
CA GLU B 422 -6.81 19.95 10.52
C GLU B 422 -5.98 21.17 10.16
N ASP B 423 -6.21 21.75 9.00
CA ASP B 423 -5.60 23.04 8.65
C ASP B 423 -6.08 24.18 9.56
N ILE B 424 -7.39 24.43 9.56
CA ILE B 424 -7.90 25.61 10.26
C ILE B 424 -7.70 25.53 11.76
N VAL B 425 -7.72 24.33 12.36
CA VAL B 425 -7.35 24.22 13.77
C VAL B 425 -5.92 24.67 13.99
N CYS B 426 -5.01 24.38 13.05
CA CYS B 426 -3.62 24.73 13.29
C CYS B 426 -3.39 26.21 13.10
N ARG B 427 -4.13 26.83 12.17
CA ARG B 427 -4.16 28.29 12.11
C ARG B 427 -4.58 28.87 13.46
N LEU B 428 -5.73 28.42 13.96
CA LEU B 428 -6.27 28.98 15.21
C LEU B 428 -5.29 28.77 16.38
N MET B 429 -4.75 27.55 16.49
CA MET B 429 -3.75 27.27 17.52
C MET B 429 -2.50 28.14 17.40
N THR B 430 -2.13 28.57 16.19
CA THR B 430 -0.96 29.44 16.09
C THR B 430 -1.24 30.87 16.53
N LEU B 431 -2.44 31.38 16.29
CA LEU B 431 -2.80 32.72 16.74
C LEU B 431 -3.12 32.80 18.23
N ALA B 432 -3.64 31.73 18.82
CA ALA B 432 -4.15 31.80 20.17
C ALA B 432 -3.05 32.13 21.18
N PRO B 433 -3.32 33.00 22.15
CA PRO B 433 -2.29 33.43 23.09
C PRO B 433 -1.82 32.31 24.01
N HIS B 434 -0.54 32.37 24.35
CA HIS B 434 0.11 31.32 25.11
C HIS B 434 -0.49 31.16 26.51
N GLY B 435 -0.70 29.90 26.89
CA GLY B 435 -1.05 29.55 28.26
C GLY B 435 -2.45 29.86 28.73
N GLY B 436 -3.15 30.79 28.07
CA GLY B 436 -4.54 31.03 28.42
C GLY B 436 -5.43 29.84 28.10
N VAL B 437 -6.63 29.87 28.70
CA VAL B 437 -7.51 28.71 28.71
C VAL B 437 -7.76 28.23 27.29
N LEU B 438 -7.88 29.18 26.36
CA LEU B 438 -8.10 28.83 24.96
C LEU B 438 -6.98 27.94 24.45
N SER B 439 -5.75 28.17 24.93
CA SER B 439 -4.64 27.33 24.51
C SER B 439 -4.82 25.89 24.94
N SER B 440 -5.28 25.66 26.17
CA SER B 440 -5.54 24.29 26.62
C SER B 440 -6.68 23.63 25.86
N LYS B 441 -7.77 24.36 25.63
CA LYS B 441 -8.88 23.77 24.87
C LYS B 441 -8.50 23.50 23.42
N LEU B 442 -7.66 24.35 22.82
CA LEU B 442 -7.13 24.04 21.49
C LEU B 442 -6.16 22.88 21.53
N GLU B 443 -5.43 22.70 22.63
CA GLU B 443 -4.62 21.49 22.79
C GLU B 443 -5.50 20.25 22.74
N VAL B 444 -6.60 20.28 23.51
CA VAL B 444 -7.58 19.19 23.49
C VAL B 444 -8.02 18.89 22.05
N LEU B 445 -8.44 19.93 21.33
CA LEU B 445 -8.86 19.73 19.94
C LEU B 445 -7.73 19.22 19.05
N SER B 446 -6.50 19.71 19.26
CA SER B 446 -5.36 19.31 18.44
C SER B 446 -4.95 17.87 18.69
N ARG B 447 -5.28 17.30 19.85
CA ARG B 447 -5.12 15.87 20.00
C ARG B 447 -6.32 15.11 19.42
N LEU B 448 -7.52 15.62 19.66
CA LEU B 448 -8.72 14.96 19.12
C LEU B 448 -8.58 14.74 17.62
N LEU B 449 -8.03 15.71 16.90
CA LEU B 449 -7.84 15.55 15.45
C LEU B 449 -6.81 14.49 15.10
N MET B 450 -5.95 14.11 16.04
CA MET B 450 -5.02 13.02 15.78
C MET B 450 -5.60 11.66 16.13
N LEU B 451 -6.44 11.60 17.16
CA LEU B 451 -7.10 10.35 17.52
C LEU B 451 -8.32 10.04 16.65
N GLN B 452 -9.35 10.89 16.74
CA GLN B 452 -10.61 10.66 16.03
C GLN B 452 -10.55 11.14 14.58
N ASN B 453 -9.71 10.48 13.78
CA ASN B 453 -9.65 10.75 12.35
C ASN B 453 -10.89 10.21 11.63
N ILE B 454 -11.65 11.12 11.03
CA ILE B 454 -12.90 10.76 10.36
C ILE B 454 -12.60 10.18 8.98
N SER B 455 -13.01 8.93 8.75
CA SER B 455 -12.83 8.31 7.44
C SER B 455 -13.74 7.09 7.34
N TYR B 456 -14.45 6.96 6.23
CA TYR B 456 -15.18 5.74 5.94
C TYR B 456 -14.24 4.61 5.57
N SER B 457 -14.63 3.39 5.91
CA SER B 457 -13.96 2.17 5.46
C SER B 457 -14.90 0.97 5.54
N PRO B 458 -15.43 0.48 4.42
CA PRO B 458 -16.46 -0.57 4.50
C PRO B 458 -15.88 -1.87 5.07
N LEU B 459 -16.43 -2.29 6.20
CA LEU B 459 -15.93 -3.44 6.96
C LEU B 459 -14.43 -3.33 7.25
N GLY B 460 -13.88 -2.12 7.19
CA GLY B 460 -12.44 -1.96 7.25
C GLY B 460 -11.67 -2.59 6.10
N MET B 461 -12.39 -3.22 5.17
CA MET B 461 -11.72 -4.03 4.15
C MET B 461 -10.90 -3.17 3.18
N CYS B 462 -11.30 -1.91 2.97
CA CYS B 462 -10.54 -1.05 2.09
C CYS B 462 -10.74 0.41 2.49
N THR B 463 -9.69 1.21 2.30
CA THR B 463 -9.80 2.65 2.45
C THR B 463 -10.59 3.20 1.28
N LEU B 464 -11.78 3.73 1.56
CA LEU B 464 -12.74 4.11 0.53
C LEU B 464 -12.45 5.47 -0.09
N ASP B 465 -11.32 6.10 0.27
CA ASP B 465 -10.88 7.28 -0.45
C ASP B 465 -10.58 6.94 -1.91
N ARG B 466 -10.46 7.99 -2.74
CA ARG B 466 -10.30 7.88 -4.19
C ARG B 466 -9.13 7.03 -4.67
N PRO B 467 -8.05 6.82 -3.89
CA PRO B 467 -7.04 5.83 -4.28
C PRO B 467 -7.65 4.46 -4.56
N LEU B 468 -8.85 4.23 -4.03
CA LEU B 468 -9.59 3.02 -4.37
C LEU B 468 -9.86 2.92 -5.87
N ILE B 469 -10.13 4.04 -6.54
CA ILE B 469 -10.34 3.98 -7.99
C ILE B 469 -9.06 3.66 -8.75
N VAL B 470 -7.92 4.18 -8.30
CA VAL B 470 -6.65 3.79 -8.90
C VAL B 470 -6.39 2.30 -8.71
N THR B 471 -6.76 1.77 -7.53
CA THR B 471 -6.57 0.34 -7.27
C THR B 471 -7.52 -0.52 -8.11
N VAL B 472 -8.79 -0.15 -8.15
CA VAL B 472 -9.78 -0.93 -8.88
C VAL B 472 -9.53 -0.88 -10.38
N LEU B 473 -9.21 0.29 -10.95
CA LEU B 473 -8.80 0.32 -12.35
C LEU B 473 -7.49 -0.42 -12.62
N GLY B 474 -6.55 -0.40 -11.66
CA GLY B 474 -5.38 -1.26 -11.72
C GLY B 474 -5.68 -2.74 -11.74
N ALA B 475 -6.83 -3.13 -11.22
CA ALA B 475 -7.30 -4.51 -11.39
C ALA B 475 -8.06 -4.71 -12.70
N VAL B 476 -9.00 -3.81 -12.99
CA VAL B 476 -9.86 -3.92 -14.17
C VAL B 476 -9.01 -4.08 -15.43
N THR B 477 -8.02 -3.21 -15.63
CA THR B 477 -7.26 -3.25 -16.87
C THR B 477 -6.43 -4.52 -17.00
N THR B 478 -6.03 -5.13 -15.89
CA THR B 478 -5.40 -6.45 -15.92
C THR B 478 -6.40 -7.54 -16.28
N TYR B 479 -7.45 -7.69 -15.47
CA TYR B 479 -8.38 -8.81 -15.60
C TYR B 479 -9.18 -8.78 -16.89
N LEU B 480 -9.54 -7.61 -17.42
CA LEU B 480 -10.21 -7.56 -18.71
C LEU B 480 -9.37 -8.21 -19.80
N VAL B 481 -8.08 -7.87 -19.84
CA VAL B 481 -7.20 -8.41 -20.88
C VAL B 481 -6.95 -9.89 -20.65
N ILE B 482 -6.66 -10.28 -19.41
CA ILE B 482 -6.46 -11.70 -19.10
C ILE B 482 -7.69 -12.52 -19.49
N LEU B 483 -8.90 -12.01 -19.22
CA LEU B 483 -10.10 -12.75 -19.57
C LEU B 483 -10.31 -12.81 -21.08
N ILE B 484 -10.10 -11.69 -21.78
CA ILE B 484 -10.22 -11.70 -23.23
C ILE B 484 -9.24 -12.68 -23.86
N GLN B 485 -8.06 -12.82 -23.28
CA GLN B 485 -7.05 -13.72 -23.83
C GLN B 485 -7.54 -15.16 -23.90
N PHE B 486 -8.45 -15.56 -23.01
CA PHE B 486 -9.02 -16.90 -23.05
C PHE B 486 -10.06 -17.07 -24.15
N GLN B 487 -10.65 -15.98 -24.65
CA GLN B 487 -11.57 -16.10 -25.77
C GLN B 487 -10.84 -16.43 -27.07
N ARG B 488 -9.65 -15.87 -27.26
CA ARG B 488 -8.82 -16.21 -28.42
C ARG B 488 -7.37 -15.84 -28.17
N CYS C 58 2.52 -21.72 35.55
CA CYS C 58 1.37 -20.82 35.46
C CYS C 58 0.07 -21.59 35.70
N LEU C 59 -1.05 -20.88 35.57
CA LEU C 59 -2.38 -21.44 35.80
C LEU C 59 -3.25 -21.11 34.61
N VAL C 60 -3.98 -22.11 34.12
CA VAL C 60 -4.95 -21.93 33.05
C VAL C 60 -6.34 -22.23 33.60
N GLY C 61 -7.25 -21.27 33.45
CA GLY C 61 -8.61 -21.39 33.93
C GLY C 61 -9.58 -21.62 32.79
N GLY C 62 -10.56 -22.48 33.04
CA GLY C 62 -11.63 -22.75 32.09
C GLY C 62 -11.15 -23.37 30.78
N ALA C 63 -11.92 -23.10 29.73
CA ALA C 63 -11.80 -23.82 28.46
C ALA C 63 -10.46 -23.59 27.76
N HIS C 64 -9.71 -22.56 28.14
CA HIS C 64 -8.36 -22.45 27.61
C HIS C 64 -7.55 -23.70 27.95
N ALA C 65 -7.85 -24.30 29.10
CA ALA C 65 -7.26 -25.60 29.44
C ALA C 65 -7.67 -26.67 28.44
N PHE C 66 -8.91 -26.63 27.96
CA PHE C 66 -9.39 -27.66 27.04
C PHE C 66 -8.76 -27.52 25.66
N ILE C 67 -8.75 -26.30 25.12
CA ILE C 67 -8.08 -26.07 23.84
C ILE C 67 -6.59 -26.40 23.92
N LEU C 68 -5.93 -26.09 25.04
CA LEU C 68 -4.55 -26.53 25.20
C LEU C 68 -4.43 -28.04 25.32
N LYS C 69 -5.37 -28.69 25.98
CA LYS C 69 -5.38 -30.15 26.05
C LYS C 69 -5.49 -30.79 24.67
N ILE C 70 -6.36 -30.24 23.82
CA ILE C 70 -6.39 -30.64 22.41
C ILE C 70 -5.05 -30.44 21.75
N SER C 71 -4.46 -29.25 21.89
CA SER C 71 -3.15 -29.02 21.28
C SER C 71 -2.07 -29.96 21.84
N SER C 72 -2.23 -30.40 23.08
CA SER C 72 -1.30 -31.33 23.70
C SER C 72 -1.40 -32.73 23.10
N PHE C 73 -2.62 -33.25 22.97
CA PHE C 73 -2.77 -34.52 22.27
C PHE C 73 -2.47 -34.41 20.78
N CYS C 74 -2.58 -33.21 20.22
CA CYS C 74 -2.17 -32.93 18.85
C CYS C 74 -0.66 -32.72 18.73
N GLY C 75 0.07 -32.70 19.84
CA GLY C 75 1.49 -32.48 19.80
C GLY C 75 1.89 -31.08 19.44
N LEU C 76 0.94 -30.13 19.46
CA LEU C 76 1.21 -28.72 19.22
C LEU C 76 1.42 -27.92 20.51
N ALA C 77 1.22 -28.54 21.67
CA ALA C 77 1.45 -27.85 22.95
C ALA C 77 1.94 -28.87 23.96
N PRO C 78 3.26 -29.01 24.11
CA PRO C 78 3.83 -30.03 25.00
C PRO C 78 3.70 -29.66 26.48
N LEU C 79 2.46 -29.52 26.94
CA LEU C 79 2.17 -29.06 28.29
C LEU C 79 1.82 -30.25 29.19
N ARG C 80 2.42 -30.28 30.38
CA ARG C 80 1.98 -31.13 31.47
C ARG C 80 1.32 -30.25 32.52
N PHE C 81 0.13 -30.65 32.97
CA PHE C 81 -0.69 -29.82 33.84
C PHE C 81 -1.36 -30.68 34.90
N GLU C 82 -1.75 -30.01 35.99
CA GLU C 82 -2.34 -30.62 37.17
C GLU C 82 -3.64 -29.92 37.52
N PRO C 83 -4.68 -30.66 37.88
CA PRO C 83 -6.02 -30.07 37.99
C PRO C 83 -6.24 -29.25 39.24
N ARG C 84 -7.15 -28.28 39.12
CA ARG C 84 -7.65 -27.48 40.22
C ARG C 84 -9.16 -27.34 40.05
N SER C 85 -9.81 -26.78 41.07
CA SER C 85 -11.27 -26.80 41.11
C SER C 85 -11.89 -26.08 39.92
N GLN C 86 -11.19 -25.09 39.36
CA GLN C 86 -11.65 -24.47 38.13
C GLN C 86 -10.52 -24.25 37.13
N GLU C 87 -9.33 -24.76 37.40
CA GLU C 87 -8.12 -24.35 36.70
C GLU C 87 -7.20 -25.56 36.56
N TYR C 88 -6.13 -25.37 35.79
CA TYR C 88 -4.99 -26.28 35.83
C TYR C 88 -3.70 -25.50 35.98
N ALA C 89 -2.79 -26.01 36.80
CA ALA C 89 -1.41 -25.57 36.80
C ALA C 89 -0.66 -26.21 35.63
N VAL C 90 0.18 -25.42 34.97
CA VAL C 90 0.73 -25.80 33.66
C VAL C 90 2.25 -25.75 33.72
N THR C 91 2.89 -26.74 33.09
CA THR C 91 4.33 -26.81 32.98
C THR C 91 4.69 -27.41 31.62
N ILE C 92 5.89 -27.08 31.14
CA ILE C 92 6.47 -27.79 30.01
C ILE C 92 7.03 -29.13 30.47
N SER C 93 6.83 -30.16 29.66
CA SER C 93 7.50 -31.45 29.85
C SER C 93 8.51 -31.67 28.72
N LYS C 94 9.76 -31.94 29.10
CA LYS C 94 10.77 -32.34 28.12
C LYS C 94 10.38 -33.61 27.40
N GLY C 95 9.77 -34.55 28.12
CA GLY C 95 9.26 -35.76 27.49
C GLY C 95 8.17 -35.51 26.47
N LYS C 96 7.21 -34.63 26.78
CA LYS C 96 6.19 -34.32 25.79
C LYS C 96 6.75 -33.54 24.60
N CYS C 97 7.76 -32.71 24.80
CA CYS C 97 8.48 -32.13 23.67
C CYS C 97 9.08 -33.21 22.78
N PHE C 98 9.86 -34.11 23.38
CA PHE C 98 10.53 -35.15 22.60
C PHE C 98 9.52 -36.04 21.88
N TYR C 99 8.45 -36.43 22.57
CA TYR C 99 7.32 -37.12 21.93
C TYR C 99 6.75 -36.35 20.74
N SER C 100 6.56 -35.04 20.88
CA SER C 100 5.99 -34.26 19.78
C SER C 100 6.95 -34.19 18.59
N TYR C 101 8.23 -33.97 18.85
CA TYR C 101 9.22 -34.00 17.79
C TYR C 101 9.26 -35.35 17.08
N ILE C 102 9.20 -36.45 17.85
CA ILE C 102 9.15 -37.77 17.21
C ILE C 102 7.91 -37.89 16.35
N LEU C 103 6.76 -37.52 16.90
CA LEU C 103 5.49 -37.74 16.22
C LEU C 103 5.45 -36.99 14.89
N VAL C 104 5.74 -35.69 14.91
CA VAL C 104 5.71 -34.93 13.67
C VAL C 104 6.85 -35.28 12.73
N THR C 105 8.03 -35.64 13.23
CA THR C 105 9.08 -36.09 12.32
C THR C 105 8.69 -37.38 11.61
N PHE C 106 8.09 -38.32 12.35
CA PHE C 106 7.56 -39.54 11.75
C PHE C 106 6.48 -39.25 10.71
N LEU C 107 5.51 -38.41 11.05
CA LEU C 107 4.44 -38.12 10.10
C LEU C 107 4.90 -37.32 8.88
N VAL C 108 5.91 -36.46 9.03
CA VAL C 108 6.50 -35.80 7.86
C VAL C 108 7.27 -36.78 6.99
N ILE C 109 8.04 -37.68 7.60
CA ILE C 109 8.71 -38.74 6.83
C ILE C 109 7.69 -39.61 6.09
N CYS C 110 6.61 -40.01 6.77
CA CYS C 110 5.58 -40.80 6.11
C CYS C 110 4.87 -40.04 5.00
N THR C 111 4.61 -38.75 5.19
CA THR C 111 3.98 -37.95 4.14
C THR C 111 4.87 -37.78 2.92
N ILE C 112 6.16 -37.51 3.13
CA ILE C 112 7.09 -37.45 2.00
C ILE C 112 7.22 -38.81 1.32
N TYR C 113 7.31 -39.90 2.09
CA TYR C 113 7.35 -41.23 1.51
C TYR C 113 6.09 -41.54 0.70
N GLY C 114 4.93 -41.08 1.18
CA GLY C 114 3.70 -41.18 0.40
C GLY C 114 3.74 -40.40 -0.90
N LEU C 115 4.14 -39.13 -0.84
CA LEU C 115 4.26 -38.34 -2.05
C LEU C 115 5.23 -38.96 -3.05
N VAL C 116 6.35 -39.49 -2.57
CA VAL C 116 7.30 -40.19 -3.43
C VAL C 116 6.66 -41.44 -4.05
N ALA C 117 5.91 -42.21 -3.27
CA ALA C 117 5.22 -43.37 -3.81
C ALA C 117 4.19 -42.99 -4.88
N GLU C 118 3.41 -41.94 -4.63
CA GLU C 118 2.42 -41.49 -5.60
C GLU C 118 3.06 -40.89 -6.85
N ILE C 119 4.25 -40.31 -6.74
CA ILE C 119 5.00 -39.91 -7.93
C ILE C 119 5.56 -41.12 -8.66
N GLY C 120 5.93 -42.17 -7.93
CA GLY C 120 6.43 -43.38 -8.57
C GLY C 120 5.37 -44.19 -9.29
N VAL C 121 4.17 -44.28 -8.71
CA VAL C 121 3.08 -45.02 -9.35
C VAL C 121 2.60 -44.28 -10.59
N GLY C 122 2.27 -45.06 -11.62
CA GLY C 122 1.87 -44.48 -12.89
C GLY C 122 0.57 -43.69 -12.81
N VAL C 123 0.46 -42.72 -13.72
CA VAL C 123 -0.70 -41.84 -13.80
C VAL C 123 -1.97 -42.60 -14.14
N GLU C 124 -1.85 -43.78 -14.75
CA GLU C 124 -3.01 -44.64 -14.98
C GLU C 124 -3.70 -45.00 -13.68
N LYS C 125 -2.93 -45.38 -12.66
CA LYS C 125 -3.50 -45.91 -11.43
C LYS C 125 -3.72 -44.84 -10.38
N SER C 126 -3.13 -43.65 -10.56
CA SER C 126 -3.08 -42.62 -9.52
C SER C 126 -4.34 -41.77 -9.65
N VAL C 127 -5.35 -42.09 -8.83
CA VAL C 127 -6.73 -41.70 -9.07
C VAL C 127 -6.98 -40.20 -9.01
N ARG C 128 -6.03 -39.40 -8.52
CA ARG C 128 -6.09 -37.95 -8.67
C ARG C 128 -4.84 -37.35 -9.31
N MET C 129 -4.04 -38.17 -9.97
CA MET C 129 -2.74 -37.76 -10.50
C MET C 129 -2.58 -38.34 -11.90
N SER C 130 -3.58 -38.06 -12.74
CA SER C 130 -3.68 -38.60 -14.09
C SER C 130 -2.73 -37.94 -15.09
N SER C 131 -1.91 -36.98 -14.68
CA SER C 131 -1.00 -36.32 -15.60
C SER C 131 0.11 -35.67 -14.79
N ARG C 132 1.20 -35.32 -15.49
CA ARG C 132 2.29 -34.60 -14.85
C ARG C 132 1.82 -33.32 -14.17
N MET C 133 0.98 -32.54 -14.84
CA MET C 133 0.44 -31.33 -14.22
C MET C 133 -0.35 -31.64 -12.95
N SER C 134 -1.15 -32.71 -12.97
CA SER C 134 -1.86 -33.14 -11.76
C SER C 134 -0.89 -33.57 -10.67
N GLN C 135 0.21 -34.22 -11.03
CA GLN C 135 1.26 -34.54 -10.06
C GLN C 135 1.90 -33.27 -9.47
N VAL C 136 2.15 -32.26 -10.30
CA VAL C 136 2.73 -31.01 -9.81
C VAL C 136 1.79 -30.32 -8.84
N VAL C 137 0.52 -30.16 -9.20
CA VAL C 137 -0.41 -29.50 -8.29
C VAL C 137 -0.71 -30.33 -7.04
N SER C 138 -0.75 -31.66 -7.13
CA SER C 138 -0.86 -32.48 -5.93
C SER C 138 0.37 -32.35 -5.02
N ALA C 139 1.55 -32.27 -5.62
CA ALA C 139 2.75 -32.00 -4.84
C ALA C 139 2.70 -30.63 -4.16
N CYS C 140 2.15 -29.61 -4.82
CA CYS C 140 1.92 -28.35 -4.15
C CYS C 140 0.92 -28.49 -3.02
N ASP C 141 -0.16 -29.24 -3.24
CA ASP C 141 -1.17 -29.46 -2.20
C ASP C 141 -0.56 -30.09 -0.94
N ILE C 142 0.25 -31.14 -1.12
CA ILE C 142 0.85 -31.84 0.01
C ILE C 142 1.95 -31.03 0.67
N LEU C 143 2.89 -30.51 -0.13
CA LEU C 143 4.19 -30.17 0.42
C LEU C 143 4.13 -28.95 1.33
N VAL C 144 3.42 -27.90 0.93
CA VAL C 144 3.36 -26.73 1.80
C VAL C 144 2.58 -27.00 3.08
N VAL C 145 1.67 -27.97 3.08
CA VAL C 145 1.05 -28.41 4.34
C VAL C 145 2.04 -29.16 5.22
N ALA C 146 2.95 -29.94 4.62
CA ALA C 146 4.05 -30.49 5.40
C ALA C 146 5.01 -29.42 5.91
N VAL C 147 5.20 -28.35 5.15
CA VAL C 147 6.00 -27.21 5.61
C VAL C 147 5.34 -26.52 6.79
N THR C 148 4.05 -26.21 6.67
CA THR C 148 3.34 -25.58 7.77
C THR C 148 3.33 -26.46 9.02
N ALA C 149 3.06 -27.76 8.86
CA ALA C 149 3.07 -28.65 10.01
C ALA C 149 4.44 -28.69 10.68
N GLY C 150 5.50 -28.84 9.89
CA GLY C 150 6.84 -28.83 10.41
C GLY C 150 7.23 -27.56 11.13
N VAL C 151 7.15 -26.41 10.45
CA VAL C 151 7.60 -25.17 11.07
C VAL C 151 6.70 -24.77 12.23
N GLY C 152 5.44 -25.17 12.20
CA GLY C 152 4.57 -25.03 13.35
C GLY C 152 4.99 -25.79 14.59
N VAL C 153 5.06 -27.11 14.48
CA VAL C 153 5.33 -27.93 15.66
C VAL C 153 6.78 -27.77 16.13
N TYR C 154 7.74 -27.65 15.21
CA TYR C 154 9.13 -27.57 15.63
C TYR C 154 9.45 -26.29 16.41
N GLY C 155 8.56 -25.30 16.38
CA GLY C 155 8.66 -24.15 17.26
C GLY C 155 7.81 -24.23 18.51
N ALA C 156 7.09 -25.33 18.71
CA ALA C 156 6.07 -25.39 19.76
C ALA C 156 6.64 -25.12 21.16
N PRO C 157 7.77 -25.68 21.56
CA PRO C 157 8.31 -25.34 22.90
C PRO C 157 8.54 -23.86 23.13
N ALA C 158 9.03 -23.14 22.13
CA ALA C 158 9.23 -21.69 22.28
C ALA C 158 7.89 -20.96 22.38
N ARG C 159 6.91 -21.40 21.61
CA ARG C 159 5.56 -20.84 21.69
C ARG C 159 4.94 -21.05 23.07
N MET C 160 5.17 -22.21 23.69
CA MET C 160 4.65 -22.44 25.03
C MET C 160 5.48 -21.75 26.11
N ARG C 161 6.78 -21.56 25.91
CA ARG C 161 7.53 -20.63 26.75
C ARG C 161 6.93 -19.23 26.70
N THR C 162 6.55 -18.79 25.50
CA THR C 162 5.90 -17.49 25.35
C THR C 162 4.58 -17.43 26.10
N MET C 163 3.75 -18.46 25.93
CA MET C 163 2.48 -18.51 26.66
C MET C 163 2.69 -18.53 28.17
N LEU C 164 3.59 -19.38 28.66
CA LEU C 164 3.89 -19.40 30.09
C LEU C 164 4.50 -18.10 30.59
N SER C 165 5.02 -17.27 29.68
CA SER C 165 5.39 -15.91 30.07
C SER C 165 4.18 -14.97 30.15
N TYR C 166 3.48 -14.78 29.03
CA TYR C 166 2.44 -13.75 29.00
C TYR C 166 1.21 -14.09 29.85
N MET C 167 0.91 -15.39 30.05
CA MET C 167 -0.31 -15.73 30.79
C MET C 167 -0.26 -15.31 32.25
N GLU C 168 0.93 -15.24 32.86
CA GLU C 168 1.02 -14.71 34.22
C GLU C 168 0.61 -13.25 34.26
N ASN C 169 1.09 -12.46 33.29
CA ASN C 169 0.69 -11.05 33.20
C ASN C 169 -0.80 -10.92 32.92
N ILE C 170 -1.34 -11.75 32.04
CA ILE C 170 -2.78 -11.71 31.77
C ILE C 170 -3.59 -12.07 33.01
N VAL C 171 -3.13 -13.04 33.81
CA VAL C 171 -3.81 -13.33 35.07
C VAL C 171 -3.74 -12.15 36.02
N ALA C 172 -2.60 -11.47 36.08
CA ALA C 172 -2.48 -10.27 36.89
C ALA C 172 -3.42 -9.16 36.41
N VAL C 173 -3.58 -9.01 35.09
CA VAL C 173 -4.54 -8.05 34.57
C VAL C 173 -5.96 -8.44 34.92
N ASP C 174 -6.32 -9.71 34.70
CA ASP C 174 -7.65 -10.19 35.04
C ASP C 174 -7.98 -10.00 36.51
N ARG C 175 -6.97 -10.07 37.38
CA ARG C 175 -7.21 -9.83 38.80
C ARG C 175 -7.82 -8.45 39.07
N GLU C 176 -7.56 -7.46 38.22
CA GLU C 176 -8.27 -6.19 38.27
C GLU C 176 -9.45 -6.07 37.30
N LEU C 177 -9.27 -6.46 36.04
CA LEU C 177 -10.35 -6.43 35.05
C LEU C 177 -11.24 -7.68 35.15
N GLY C 178 -12.00 -7.74 36.24
CA GLY C 178 -13.22 -8.54 36.25
C GLY C 178 -13.02 -10.01 35.96
N ARG C 179 -11.91 -10.58 36.43
CA ARG C 179 -11.67 -12.01 36.23
C ARG C 179 -12.83 -12.85 36.77
N HIS C 180 -13.52 -12.33 37.79
CA HIS C 180 -14.70 -13.01 38.34
C HIS C 180 -15.78 -13.22 37.29
N HIS C 181 -16.07 -14.49 37.00
CA HIS C 181 -16.92 -14.98 35.92
C HIS C 181 -16.48 -14.56 34.52
N SER C 182 -15.32 -13.92 34.37
CA SER C 182 -14.84 -13.59 33.03
C SER C 182 -14.52 -14.84 32.21
N ALA C 183 -14.32 -15.99 32.86
CA ALA C 183 -14.16 -17.27 32.17
C ALA C 183 -15.33 -17.68 31.29
N ALA C 184 -16.54 -17.15 31.52
CA ALA C 184 -17.66 -17.50 30.65
C ALA C 184 -17.45 -17.06 29.20
N THR C 185 -16.70 -15.97 28.99
CA THR C 185 -16.32 -15.59 27.63
C THR C 185 -15.45 -16.64 26.96
N GLU C 186 -14.42 -17.11 27.66
CA GLU C 186 -13.63 -18.21 27.14
C GLU C 186 -14.45 -19.49 26.93
N ARG C 187 -15.39 -19.76 27.83
CA ARG C 187 -16.26 -20.93 27.66
C ARG C 187 -17.06 -20.86 26.37
N LYS C 188 -17.69 -19.71 26.11
CA LYS C 188 -18.42 -19.52 24.86
C LYS C 188 -17.52 -19.61 23.65
N LEU C 189 -16.35 -18.96 23.70
CA LEU C 189 -15.45 -18.98 22.55
C LEU C 189 -14.95 -20.39 22.26
N CYS C 190 -14.61 -21.15 23.30
CA CYS C 190 -14.24 -22.55 23.14
C CYS C 190 -15.37 -23.37 22.52
N ALA C 191 -16.58 -23.21 23.04
CA ALA C 191 -17.70 -23.98 22.51
C ALA C 191 -17.92 -23.68 21.03
N LEU C 192 -17.81 -22.41 20.65
CA LEU C 192 -17.90 -22.05 19.24
C LEU C 192 -16.76 -22.63 18.40
N LEU C 193 -15.52 -22.48 18.86
CA LEU C 193 -14.35 -22.86 18.06
C LEU C 193 -14.16 -24.38 17.93
N LEU C 194 -14.47 -25.14 18.97
CA LEU C 194 -14.39 -26.61 18.87
C LEU C 194 -15.24 -27.16 17.74
N LEU C 195 -16.41 -26.56 17.49
CA LEU C 195 -17.27 -27.04 16.41
C LEU C 195 -16.59 -26.93 15.05
N ILE C 196 -15.70 -25.94 14.87
CA ILE C 196 -14.97 -25.84 13.61
C ILE C 196 -14.02 -27.02 13.43
N LEU C 197 -13.30 -27.39 14.48
CA LEU C 197 -12.40 -28.55 14.40
C LEU C 197 -13.16 -29.84 14.18
N LEU C 198 -14.33 -29.99 14.81
CA LEU C 198 -15.18 -31.15 14.53
C LEU C 198 -15.62 -31.18 13.07
N SER C 199 -16.11 -30.05 12.55
CA SER C 199 -16.52 -29.98 11.15
C SER C 199 -15.38 -30.36 10.22
N PHE C 200 -14.18 -29.80 10.44
CA PHE C 200 -13.04 -30.15 9.61
C PHE C 200 -12.68 -31.63 9.74
N THR C 201 -12.76 -32.19 10.94
CA THR C 201 -12.46 -33.62 11.09
C THR C 201 -13.42 -34.46 10.26
N ILE C 202 -14.70 -34.11 10.30
CA ILE C 202 -15.71 -34.80 9.47
C ILE C 202 -15.35 -34.68 7.99
N LEU C 203 -15.06 -33.47 7.53
CA LEU C 203 -14.72 -33.26 6.12
C LEU C 203 -13.48 -34.05 5.71
N LEU C 204 -12.45 -34.06 6.56
CA LEU C 204 -11.22 -34.80 6.25
C LEU C 204 -11.49 -36.30 6.17
N VAL C 205 -12.23 -36.84 7.13
CA VAL C 205 -12.58 -38.25 7.08
C VAL C 205 -13.39 -38.57 5.82
N ASP C 206 -14.36 -37.72 5.47
CA ASP C 206 -15.17 -37.98 4.29
C ASP C 206 -14.33 -37.93 3.02
N ASP C 207 -13.34 -37.03 2.98
CA ASP C 207 -12.37 -37.01 1.87
C ASP C 207 -11.59 -38.31 1.78
N PHE C 208 -11.04 -38.78 2.90
CA PHE C 208 -10.29 -40.02 2.89
C PHE C 208 -11.17 -41.21 2.50
N CYS C 209 -12.42 -41.24 2.98
CA CYS C 209 -13.34 -42.29 2.58
C CYS C 209 -13.67 -42.25 1.08
N PHE C 210 -13.84 -41.07 0.52
CA PHE C 210 -14.06 -40.97 -0.94
C PHE C 210 -12.86 -41.49 -1.73
N TYR C 211 -11.65 -41.06 -1.38
CA TYR C 211 -10.49 -41.59 -2.08
C TYR C 211 -10.29 -43.08 -1.83
N ALA C 212 -10.60 -43.56 -0.62
CA ALA C 212 -10.58 -44.99 -0.35
C ALA C 212 -11.58 -45.75 -1.21
N MET C 213 -12.72 -45.15 -1.53
CA MET C 213 -13.65 -45.77 -2.49
C MET C 213 -13.12 -45.75 -3.91
N GLN C 214 -12.47 -44.66 -4.31
CA GLN C 214 -11.78 -44.65 -5.61
C GLN C 214 -10.72 -45.74 -5.67
N ALA C 215 -10.01 -45.98 -4.57
CA ALA C 215 -9.03 -47.05 -4.50
C ALA C 215 -9.67 -48.43 -4.55
N GLY C 216 -10.75 -48.63 -3.79
CA GLY C 216 -11.43 -49.92 -3.79
C GLY C 216 -12.02 -50.26 -5.15
N LYS C 217 -12.63 -49.29 -5.82
CA LYS C 217 -13.17 -49.55 -7.14
C LYS C 217 -12.07 -49.78 -8.18
N THR C 218 -10.82 -49.47 -7.84
CA THR C 218 -9.68 -49.79 -8.69
C THR C 218 -8.73 -50.83 -8.08
N GLY C 219 -9.12 -51.44 -6.96
CA GLY C 219 -8.36 -52.55 -6.41
C GLY C 219 -7.04 -52.21 -5.75
N ARG C 220 -6.86 -50.99 -5.26
CA ARG C 220 -5.55 -50.50 -4.85
C ARG C 220 -5.62 -49.88 -3.46
N GLN C 221 -6.56 -50.36 -2.64
CA GLN C 221 -6.90 -49.72 -1.37
C GLN C 221 -5.69 -49.58 -0.45
N TRP C 222 -4.92 -50.65 -0.24
CA TRP C 222 -3.83 -50.60 0.74
C TRP C 222 -2.76 -49.57 0.38
N GLU C 223 -2.41 -49.48 -0.90
CA GLU C 223 -1.35 -48.56 -1.30
C GLU C 223 -1.80 -47.09 -1.23
N ILE C 224 -3.00 -46.81 -1.72
CA ILE C 224 -3.56 -45.47 -1.64
C ILE C 224 -3.84 -45.05 -0.20
N VAL C 225 -4.15 -46.01 0.68
CA VAL C 225 -4.22 -45.73 2.11
C VAL C 225 -2.87 -45.29 2.67
N THR C 226 -1.84 -46.14 2.50
CA THR C 226 -0.55 -45.83 3.11
C THR C 226 0.14 -44.62 2.47
N ASN C 227 -0.22 -44.28 1.22
CA ASN C 227 0.28 -43.08 0.56
C ASN C 227 -0.32 -41.77 1.09
N TYR C 228 -1.46 -41.78 1.78
CA TYR C 228 -2.11 -40.54 2.20
C TYR C 228 -2.43 -40.41 3.69
N ALA C 229 -2.42 -41.51 4.46
CA ALA C 229 -2.75 -41.41 5.87
C ALA C 229 -1.86 -40.41 6.62
N GLY C 230 -0.61 -40.26 6.20
CA GLY C 230 0.23 -39.20 6.75
C GLY C 230 -0.28 -37.81 6.42
N PHE C 231 -0.52 -37.56 5.13
CA PHE C 231 -0.91 -36.24 4.66
C PHE C 231 -2.17 -35.75 5.38
N TYR C 232 -3.16 -36.62 5.53
CA TYR C 232 -4.40 -36.17 6.19
C TYR C 232 -4.13 -35.74 7.63
N PHE C 233 -3.31 -36.51 8.37
CA PHE C 233 -2.99 -36.13 9.74
C PHE C 233 -2.17 -34.84 9.83
N LEU C 234 -1.35 -34.56 8.81
CA LEU C 234 -0.68 -33.26 8.76
C LEU C 234 -1.68 -32.12 8.52
N TRP C 235 -2.70 -32.38 7.70
CA TRP C 235 -3.75 -31.38 7.55
C TRP C 235 -4.43 -31.10 8.88
N TYR C 236 -4.78 -32.16 9.61
CA TYR C 236 -5.40 -32.00 10.92
C TYR C 236 -4.51 -31.21 11.89
N ILE C 237 -3.21 -31.50 11.92
CA ILE C 237 -2.28 -30.73 12.75
C ILE C 237 -2.25 -29.25 12.39
N VAL C 238 -2.20 -28.92 11.09
CA VAL C 238 -2.19 -27.50 10.73
C VAL C 238 -3.53 -26.81 11.00
N MET C 239 -4.62 -27.57 11.00
CA MET C 239 -5.89 -27.03 11.48
C MET C 239 -5.87 -26.76 12.98
N VAL C 240 -5.28 -27.64 13.76
CA VAL C 240 -5.23 -27.42 15.20
C VAL C 240 -4.36 -26.21 15.52
N LEU C 241 -3.24 -26.03 14.82
CA LEU C 241 -2.42 -24.83 15.01
C LEU C 241 -3.20 -23.55 14.69
N GLU C 242 -3.95 -23.57 13.58
CA GLU C 242 -4.68 -22.37 13.17
C GLU C 242 -5.80 -22.04 14.15
N LEU C 243 -6.53 -23.06 14.61
CA LEU C 243 -7.54 -22.82 15.64
C LEU C 243 -6.90 -22.33 16.94
N GLN C 244 -5.76 -22.88 17.34
CA GLN C 244 -5.17 -22.43 18.60
C GLN C 244 -4.83 -20.94 18.54
N PHE C 245 -4.31 -20.48 17.41
CA PHE C 245 -4.13 -19.04 17.21
C PHE C 245 -5.45 -18.27 17.33
N ALA C 246 -6.48 -18.75 16.62
CA ALA C 246 -7.79 -18.10 16.66
C ALA C 246 -8.50 -18.19 18.00
N PHE C 247 -8.02 -19.01 18.91
CA PHE C 247 -8.44 -18.96 20.31
C PHE C 247 -7.67 -17.94 21.14
N THR C 248 -6.33 -18.02 21.14
CA THR C 248 -5.53 -17.14 21.99
C THR C 248 -5.72 -15.67 21.63
N ALA C 249 -5.63 -15.36 20.33
CA ALA C 249 -5.80 -13.97 19.89
C ALA C 249 -7.21 -13.44 20.08
N LEU C 250 -8.19 -14.30 20.36
CA LEU C 250 -9.56 -13.85 20.52
C LEU C 250 -9.97 -13.78 21.98
N SER C 251 -9.46 -14.67 22.83
CA SER C 251 -9.57 -14.48 24.27
C SER C 251 -8.93 -13.16 24.69
N LEU C 252 -7.76 -12.84 24.12
CA LEU C 252 -7.16 -11.54 24.42
C LEU C 252 -8.04 -10.38 23.96
N ARG C 253 -8.70 -10.53 22.81
CA ARG C 253 -9.68 -9.55 22.36
C ARG C 253 -10.86 -9.40 23.33
N ALA C 254 -11.40 -10.50 23.82
CA ALA C 254 -12.48 -10.40 24.81
C ALA C 254 -12.02 -9.69 26.08
N ARG C 255 -10.77 -9.94 26.51
CA ARG C 255 -10.24 -9.18 27.64
C ARG C 255 -10.10 -7.69 27.33
N LEU C 256 -9.67 -7.36 26.11
CA LEU C 256 -9.69 -5.96 25.69
C LEU C 256 -11.09 -5.35 25.73
N LYS C 257 -12.09 -6.10 25.29
CA LYS C 257 -13.47 -5.60 25.37
C LYS C 257 -13.87 -5.31 26.81
N LEU C 258 -13.54 -6.21 27.73
CA LEU C 258 -13.88 -5.98 29.14
C LEU C 258 -13.16 -4.77 29.71
N PHE C 259 -11.86 -4.64 29.43
CA PHE C 259 -11.15 -3.41 29.75
C PHE C 259 -11.86 -2.18 29.20
N ASN C 260 -12.24 -2.22 27.93
CA ASN C 260 -12.85 -1.06 27.29
C ASN C 260 -14.15 -0.67 27.95
N GLU C 261 -15.01 -1.64 28.28
CA GLU C 261 -16.22 -1.30 29.03
C GLU C 261 -15.93 -0.79 30.44
N ALA C 262 -14.91 -1.34 31.10
CA ALA C 262 -14.52 -0.82 32.41
C ALA C 262 -14.03 0.62 32.34
N LEU C 263 -13.45 1.00 31.21
CA LEU C 263 -13.10 2.40 30.97
C LEU C 263 -14.34 3.23 30.62
N ASN C 264 -15.19 2.71 29.74
CA ASN C 264 -16.41 3.42 29.36
C ASN C 264 -17.21 3.84 30.56
N VAL C 265 -17.44 2.94 31.52
CA VAL C 265 -18.20 3.32 32.70
C VAL C 265 -17.47 4.33 33.58
N THR C 266 -16.20 4.60 33.29
CA THR C 266 -15.54 5.73 33.93
C THR C 266 -16.12 7.05 33.44
N ALA C 267 -16.61 7.06 32.19
CA ALA C 267 -17.18 8.28 31.64
C ALA C 267 -18.43 8.67 32.42
N SER C 268 -19.30 7.70 32.68
CA SER C 268 -20.48 7.94 33.52
C SER C 268 -20.09 8.23 34.96
N GLN C 269 -19.04 7.58 35.48
CA GLN C 269 -18.61 7.87 36.85
C GLN C 269 -18.15 9.31 37.03
N VAL C 270 -17.40 9.84 36.05
CA VAL C 270 -17.02 11.24 36.13
C VAL C 270 -18.16 12.19 35.75
N CYS C 271 -19.05 11.76 34.85
CA CYS C 271 -20.21 12.60 34.53
C CYS C 271 -21.13 12.74 35.72
N LYS C 272 -21.36 11.66 36.46
CA LYS C 272 -22.17 11.70 37.67
C LYS C 272 -21.47 12.45 38.78
N LEU C 325 -16.66 0.00 40.40
CA LEU C 325 -15.63 1.02 40.26
C LEU C 325 -15.38 1.70 41.61
N GLN C 326 -14.39 1.17 42.33
CA GLN C 326 -14.23 1.42 43.76
C GLN C 326 -13.30 2.60 44.06
N VAL C 327 -12.74 3.24 43.04
CA VAL C 327 -11.91 4.43 43.25
C VAL C 327 -12.29 5.50 42.24
N PRO C 328 -12.02 6.76 42.56
CA PRO C 328 -12.37 7.84 41.64
C PRO C 328 -11.67 7.68 40.30
N PRO C 329 -12.21 8.27 39.24
CA PRO C 329 -11.49 8.31 37.96
C PRO C 329 -10.06 8.83 38.06
N CYS C 330 -9.81 9.74 39.01
CA CYS C 330 -8.46 10.24 39.29
C CYS C 330 -7.45 9.14 39.52
N GLU C 331 -7.88 7.95 39.93
CA GLU C 331 -7.00 6.81 40.10
C GLU C 331 -7.30 5.72 39.09
N ALA C 332 -8.60 5.53 38.83
CA ALA C 332 -9.04 4.43 38.00
C ALA C 332 -8.47 4.54 36.59
N VAL C 333 -8.46 5.76 36.03
CA VAL C 333 -7.89 5.93 34.70
C VAL C 333 -6.40 5.61 34.67
N GLY C 334 -5.70 5.85 35.78
CA GLY C 334 -4.30 5.49 35.89
C GLY C 334 -4.06 3.99 35.83
N ARG C 335 -4.74 3.30 36.75
CA ARG C 335 -4.58 1.85 36.83
C ARG C 335 -5.07 1.15 35.57
N LEU C 336 -6.15 1.66 34.96
CA LEU C 336 -6.55 1.17 33.64
C LEU C 336 -5.52 1.45 32.57
N SER C 337 -4.84 2.60 32.61
CA SER C 337 -3.81 2.86 31.60
C SER C 337 -2.62 1.91 31.76
N ARG C 338 -2.31 1.53 32.99
CA ARG C 338 -1.29 0.50 33.19
C ARG C 338 -1.73 -0.86 32.62
N MET C 339 -2.98 -1.25 32.91
CA MET C 339 -3.49 -2.46 32.27
C MET C 339 -3.49 -2.34 30.74
N ARG C 340 -3.76 -1.15 30.22
CA ARG C 340 -3.72 -0.88 28.78
C ARG C 340 -2.31 -0.91 28.20
N CYS C 341 -1.28 -0.84 29.04
CA CYS C 341 0.07 -1.19 28.63
C CYS C 341 0.27 -2.70 28.58
N THR C 342 -0.13 -3.38 29.64
CA THR C 342 0.08 -4.83 29.73
C THR C 342 -0.66 -5.58 28.62
N LEU C 343 -1.91 -5.18 28.32
CA LEU C 343 -2.71 -5.69 27.20
C LEU C 343 -2.26 -5.22 25.83
N CYS C 344 -1.13 -4.52 25.72
CA CYS C 344 -0.42 -4.37 24.46
C CYS C 344 0.81 -5.27 24.41
N GLU C 345 1.61 -5.23 25.47
CA GLU C 345 2.78 -6.10 25.54
C GLU C 345 2.42 -7.57 25.29
N VAL C 346 1.32 -8.04 25.88
CA VAL C 346 0.87 -9.41 25.66
C VAL C 346 0.48 -9.67 24.19
N THR C 347 -0.11 -8.68 23.53
CA THR C 347 -0.40 -8.85 22.11
C THR C 347 0.87 -8.94 21.27
N ARG C 348 1.90 -8.16 21.61
CA ARG C 348 3.14 -8.28 20.84
C ARG C 348 3.88 -9.59 21.13
N HIS C 349 3.73 -10.11 22.34
CA HIS C 349 4.20 -11.46 22.64
C HIS C 349 3.52 -12.50 21.77
N ILE C 350 2.19 -12.48 21.71
CA ILE C 350 1.48 -13.50 20.94
C ILE C 350 1.78 -13.36 19.45
N ALA C 351 1.74 -12.13 18.94
CA ALA C 351 2.03 -11.90 17.53
C ALA C 351 3.44 -12.34 17.14
N ASP C 352 4.39 -12.28 18.07
CA ASP C 352 5.72 -12.78 17.72
C ASP C 352 5.79 -14.29 17.83
N GLY C 353 5.29 -14.84 18.93
CA GLY C 353 5.38 -16.29 19.11
C GLY C 353 4.65 -17.08 18.04
N TYR C 354 3.56 -16.54 17.49
CA TYR C 354 2.91 -17.17 16.34
C TYR C 354 3.39 -16.69 14.95
N GLY C 355 4.14 -15.59 14.85
CA GLY C 355 4.30 -14.94 13.56
C GLY C 355 4.78 -15.82 12.42
N LEU C 356 5.72 -16.75 12.70
CA LEU C 356 6.23 -17.62 11.64
C LEU C 356 5.20 -18.60 11.08
N PRO C 357 4.60 -19.49 11.88
CA PRO C 357 3.57 -20.37 11.29
C PRO C 357 2.33 -19.63 10.86
N LEU C 358 2.04 -18.49 11.49
CA LEU C 358 0.91 -17.66 11.08
C LEU C 358 1.06 -17.09 9.67
N VAL C 359 2.28 -16.80 9.23
CA VAL C 359 2.50 -16.39 7.84
C VAL C 359 2.68 -17.59 6.90
N ILE C 360 3.34 -18.65 7.35
CA ILE C 360 3.47 -19.83 6.50
C ILE C 360 2.11 -20.41 6.15
N ILE C 361 1.19 -20.45 7.11
CA ILE C 361 -0.14 -21.01 6.86
C ILE C 361 -0.96 -20.12 5.92
N LEU C 362 -0.77 -18.81 5.98
CA LEU C 362 -1.37 -17.92 4.98
C LEU C 362 -0.83 -18.18 3.58
N MET C 363 0.50 -18.31 3.45
CA MET C 363 1.06 -18.65 2.15
C MET C 363 0.55 -20.00 1.63
N SER C 364 0.50 -21.01 2.50
CA SER C 364 -0.09 -22.30 2.13
C SER C 364 -1.56 -22.19 1.76
N THR C 365 -2.31 -21.28 2.36
CA THR C 365 -3.72 -21.15 2.03
C THR C 365 -3.93 -20.41 0.71
N LEU C 366 -3.12 -19.40 0.41
CA LEU C 366 -3.04 -18.87 -0.94
C LEU C 366 -2.72 -19.95 -1.98
N LEU C 367 -1.73 -20.80 -1.69
CA LEU C 367 -1.41 -21.86 -2.63
C LEU C 367 -2.54 -22.86 -2.80
N HIS C 368 -3.24 -23.20 -1.72
CA HIS C 368 -4.40 -24.07 -1.84
C HIS C 368 -5.57 -23.42 -2.57
N LEU C 369 -5.82 -22.13 -2.34
CA LEU C 369 -6.83 -21.44 -3.14
C LEU C 369 -6.42 -21.31 -4.59
N ILE C 370 -5.16 -21.58 -4.92
CA ILE C 370 -4.76 -21.77 -6.32
C ILE C 370 -5.01 -23.21 -6.78
N VAL C 371 -4.53 -24.19 -6.01
CA VAL C 371 -4.55 -25.59 -6.45
C VAL C 371 -5.96 -26.17 -6.49
N THR C 372 -6.80 -25.86 -5.49
CA THR C 372 -8.11 -26.49 -5.43
C THR C 372 -9.03 -26.03 -6.56
N PRO C 373 -9.15 -24.74 -6.87
CA PRO C 373 -9.94 -24.35 -8.05
C PRO C 373 -9.38 -24.91 -9.34
N TYR C 374 -8.06 -25.10 -9.44
CA TYR C 374 -7.49 -25.75 -10.60
C TYR C 374 -8.08 -27.15 -10.80
N PHE C 375 -8.12 -27.95 -9.74
CA PHE C 375 -8.80 -29.24 -9.80
C PHE C 375 -10.28 -29.09 -10.15
N LEU C 376 -10.97 -28.18 -9.48
CA LEU C 376 -12.41 -28.02 -9.70
C LEU C 376 -12.71 -27.71 -11.17
N ILE C 377 -11.91 -26.82 -11.76
CA ILE C 377 -12.12 -26.43 -13.15
C ILE C 377 -11.76 -27.56 -14.10
N MET C 378 -10.60 -28.19 -13.91
CA MET C 378 -10.28 -29.31 -14.79
C MET C 378 -11.31 -30.44 -14.70
N GLU C 379 -11.74 -30.77 -13.48
CA GLU C 379 -12.73 -31.81 -13.22
C GLU C 379 -14.17 -31.39 -13.50
N ILE C 380 -14.40 -30.17 -14.00
CA ILE C 380 -15.67 -29.86 -14.66
C ILE C 380 -15.50 -29.56 -16.13
N ILE C 381 -14.26 -29.46 -16.63
CA ILE C 381 -14.02 -29.45 -18.08
C ILE C 381 -14.17 -30.84 -18.66
N VAL C 382 -13.74 -31.87 -17.94
CA VAL C 382 -14.22 -33.23 -18.20
C VAL C 382 -15.63 -33.40 -17.65
N SER C 383 -16.30 -34.47 -18.09
CA SER C 383 -17.68 -34.74 -17.74
C SER C 383 -17.90 -34.87 -16.23
N THR C 384 -18.91 -34.16 -15.74
CA THR C 384 -19.16 -33.93 -14.31
C THR C 384 -19.61 -35.19 -13.56
N HIS C 385 -19.62 -36.36 -14.22
CA HIS C 385 -20.14 -37.58 -13.61
C HIS C 385 -19.52 -37.88 -12.25
N ARG C 386 -18.33 -37.36 -11.96
CA ARG C 386 -17.66 -37.62 -10.69
C ARG C 386 -18.22 -36.71 -9.59
N LEU C 387 -19.54 -36.85 -9.36
CA LEU C 387 -20.30 -35.92 -8.53
C LEU C 387 -19.71 -35.82 -7.14
N HIS C 388 -19.40 -36.97 -6.52
CA HIS C 388 -18.81 -36.96 -5.19
C HIS C 388 -17.51 -36.18 -5.15
N PHE C 389 -16.65 -36.35 -6.15
CA PHE C 389 -15.43 -35.56 -6.24
C PHE C 389 -15.75 -34.08 -6.37
N LEU C 390 -16.67 -33.73 -7.26
CA LEU C 390 -17.02 -32.32 -7.48
C LEU C 390 -17.50 -31.64 -6.20
N VAL C 391 -18.39 -32.31 -5.47
CA VAL C 391 -18.87 -31.79 -4.20
C VAL C 391 -17.74 -31.71 -3.18
N LEU C 392 -16.94 -32.78 -3.06
CA LEU C 392 -15.88 -32.78 -2.05
C LEU C 392 -14.88 -31.67 -2.30
N GLN C 393 -14.52 -31.43 -3.57
CA GLN C 393 -13.65 -30.31 -3.91
C GLN C 393 -14.30 -28.95 -3.65
N PHE C 394 -15.60 -28.81 -3.84
CA PHE C 394 -16.23 -27.55 -3.47
C PHE C 394 -16.21 -27.33 -1.96
N LEU C 395 -16.48 -28.39 -1.19
CA LEU C 395 -16.38 -28.32 0.26
C LEU C 395 -14.96 -28.02 0.73
N TRP C 396 -13.95 -28.57 0.06
CA TRP C 396 -12.57 -28.15 0.30
C TRP C 396 -12.32 -26.68 -0.01
N CYS C 397 -12.84 -26.17 -1.12
CA CYS C 397 -12.69 -24.73 -1.39
C CYS C 397 -13.35 -23.87 -0.31
N THR C 398 -14.53 -24.30 0.16
CA THR C 398 -15.13 -23.65 1.31
C THR C 398 -14.25 -23.70 2.56
N THR C 399 -13.64 -24.86 2.84
CA THR C 399 -12.75 -24.96 3.99
C THR C 399 -11.52 -24.08 3.85
N HIS C 400 -10.94 -24.03 2.64
CA HIS C 400 -9.77 -23.20 2.35
C HIS C 400 -10.07 -21.71 2.36
N LEU C 401 -11.33 -21.30 2.26
CA LEU C 401 -11.71 -19.94 2.60
C LEU C 401 -12.00 -19.71 4.08
N ILE C 402 -12.76 -20.62 4.69
CA ILE C 402 -13.14 -20.49 6.09
C ILE C 402 -11.94 -20.50 7.03
N ARG C 403 -10.92 -21.32 6.73
CA ARG C 403 -9.67 -21.28 7.48
C ARG C 403 -9.00 -19.91 7.42
N MET C 404 -8.89 -19.31 6.25
CA MET C 404 -8.33 -17.97 6.16
C MET C 404 -9.17 -16.94 6.92
N LEU C 405 -10.50 -17.06 6.87
CA LEU C 405 -11.35 -16.17 7.67
C LEU C 405 -11.21 -16.40 9.17
N VAL C 406 -10.92 -17.63 9.59
CA VAL C 406 -10.60 -17.94 10.99
C VAL C 406 -9.23 -17.44 11.41
N VAL C 407 -8.32 -17.24 10.47
CA VAL C 407 -7.09 -16.54 10.78
C VAL C 407 -7.31 -15.03 10.91
N VAL C 408 -7.93 -14.40 9.92
CA VAL C 408 -7.99 -12.93 9.92
C VAL C 408 -9.04 -12.33 10.86
N GLU C 409 -10.18 -13.00 11.08
CA GLU C 409 -11.26 -12.40 11.87
C GLU C 409 -10.88 -12.00 13.29
N PRO C 410 -10.20 -12.82 14.10
CA PRO C 410 -9.75 -12.33 15.42
C PRO C 410 -8.86 -11.10 15.40
N CYS C 411 -8.09 -10.87 14.34
CA CYS C 411 -7.32 -9.64 14.24
C CYS C 411 -8.21 -8.43 13.98
N HIS C 412 -9.13 -8.54 13.02
CA HIS C 412 -10.01 -7.41 12.72
C HIS C 412 -10.90 -7.08 13.93
N TYR C 413 -11.44 -8.10 14.59
CA TYR C 413 -12.19 -7.88 15.82
C TYR C 413 -11.35 -7.43 17.00
N THR C 414 -10.01 -7.58 16.96
CA THR C 414 -9.18 -6.93 17.97
C THR C 414 -8.95 -5.45 17.66
N MET C 415 -8.55 -5.15 16.43
CA MET C 415 -8.33 -3.76 16.03
C MET C 415 -9.60 -2.91 16.05
N ARG C 416 -10.79 -3.51 15.95
CA ARG C 416 -12.01 -2.75 16.22
C ARG C 416 -12.18 -2.40 17.70
N GLU C 417 -11.74 -3.26 18.62
CA GLU C 417 -11.69 -2.85 20.02
C GLU C 417 -10.65 -1.76 20.25
N GLY C 418 -9.55 -1.81 19.52
CA GLY C 418 -8.60 -0.72 19.50
C GLY C 418 -9.22 0.61 19.13
N LYS C 419 -9.85 0.65 17.96
CA LYS C 419 -10.48 1.87 17.47
C LYS C 419 -11.58 2.37 18.41
N ARG C 420 -12.41 1.45 18.94
CA ARG C 420 -13.42 1.87 19.90
C ARG C 420 -12.85 2.37 21.23
N THR C 421 -11.64 1.93 21.61
CA THR C 421 -11.00 2.51 22.78
C THR C 421 -10.48 3.90 22.49
N GLU C 422 -9.93 4.10 21.29
CA GLU C 422 -9.54 5.43 20.87
C GLU C 422 -10.73 6.39 20.79
N ASP C 423 -11.91 5.89 20.42
CA ASP C 423 -13.13 6.68 20.51
C ASP C 423 -13.48 7.04 21.96
N ILE C 424 -13.69 6.02 22.80
CA ILE C 424 -14.22 6.29 24.13
C ILE C 424 -13.24 7.08 25.00
N VAL C 425 -11.92 6.93 24.81
CA VAL C 425 -10.98 7.81 25.49
C VAL C 425 -11.20 9.27 25.07
N CYS C 426 -11.53 9.51 23.80
CA CYS C 426 -11.67 10.91 23.39
C CYS C 426 -12.97 11.51 23.88
N ARG C 427 -14.02 10.69 23.98
CA ARG C 427 -15.22 11.12 24.68
C ARG C 427 -14.88 11.54 26.11
N LEU C 428 -14.22 10.65 26.86
CA LEU C 428 -13.91 10.93 28.26
C LEU C 428 -13.03 12.17 28.41
N MET C 429 -11.98 12.27 27.58
CA MET C 429 -11.14 13.47 27.57
C MET C 429 -11.90 14.74 27.25
N THR C 430 -12.98 14.68 26.46
CA THR C 430 -13.72 15.91 26.19
C THR C 430 -14.59 16.34 27.36
N LEU C 431 -15.15 15.39 28.11
CA LEU C 431 -15.95 15.73 29.30
C LEU C 431 -15.12 16.13 30.50
N ALA C 432 -13.90 15.59 30.63
CA ALA C 432 -13.15 15.78 31.86
C ALA C 432 -12.79 17.25 32.10
N PRO C 433 -12.90 17.73 33.34
CA PRO C 433 -12.67 19.14 33.62
C PRO C 433 -11.23 19.56 33.41
N HIS C 434 -11.06 20.81 32.97
CA HIS C 434 -9.76 21.32 32.59
C HIS C 434 -8.79 21.38 33.77
N GLY C 435 -7.56 20.95 33.51
CA GLY C 435 -6.45 21.13 34.43
C GLY C 435 -6.42 20.27 35.68
N GLY C 436 -7.56 19.71 36.08
CA GLY C 436 -7.54 18.77 37.19
C GLY C 436 -6.80 17.49 36.87
N VAL C 437 -6.46 16.76 37.94
CA VAL C 437 -5.53 15.64 37.83
C VAL C 437 -6.01 14.65 36.77
N LEU C 438 -7.33 14.47 36.69
CA LEU C 438 -7.89 13.57 35.71
C LEU C 438 -7.49 13.99 34.31
N SER C 439 -7.37 15.29 34.07
CA SER C 439 -6.97 15.77 32.76
C SER C 439 -5.55 15.32 32.42
N SER C 440 -4.63 15.39 33.38
CA SER C 440 -3.26 14.93 33.13
C SER C 440 -3.20 13.41 32.90
N LYS C 441 -3.92 12.64 33.72
CA LYS C 441 -3.92 11.19 33.51
C LYS C 441 -4.58 10.79 32.20
N LEU C 442 -5.62 11.52 31.78
CA LEU C 442 -6.18 11.29 30.45
C LEU C 442 -5.21 11.73 29.35
N GLU C 443 -4.40 12.76 29.59
CA GLU C 443 -3.35 13.10 28.64
C GLU C 443 -2.38 11.93 28.47
N VAL C 444 -1.96 11.35 29.59
CA VAL C 444 -1.11 10.16 29.56
C VAL C 444 -1.73 9.07 28.70
N LEU C 445 -3.00 8.75 28.97
CA LEU C 445 -3.69 7.74 28.17
C LEU C 445 -3.80 8.13 26.69
N SER C 446 -4.07 9.40 26.42
CA SER C 446 -4.24 9.87 25.05
C SER C 446 -2.94 9.85 24.25
N ARG C 447 -1.80 9.89 24.93
CA ARG C 447 -0.55 9.62 24.21
C ARG C 447 -0.31 8.11 24.10
N LEU C 448 -0.57 7.37 25.17
CA LEU C 448 -0.38 5.92 25.13
C LEU C 448 -1.11 5.30 23.94
N LEU C 449 -2.32 5.78 23.64
CA LEU C 449 -3.06 5.26 22.50
C LEU C 449 -2.43 5.62 21.17
N MET C 450 -1.55 6.61 21.12
CA MET C 450 -0.84 6.93 19.90
C MET C 450 0.45 6.14 19.76
N LEU C 451 1.12 5.86 20.88
CA LEU C 451 2.34 5.05 20.84
C LEU C 451 2.05 3.55 20.78
N GLN C 452 1.43 3.01 21.83
CA GLN C 452 1.17 1.57 21.92
C GLN C 452 -0.09 1.14 21.15
N ASN C 453 -0.04 1.29 19.83
CA ASN C 453 -1.12 0.81 18.98
C ASN C 453 -1.12 -0.71 18.90
N ILE C 454 -2.21 -1.32 19.38
CA ILE C 454 -2.34 -2.78 19.43
C ILE C 454 -2.71 -3.31 18.05
N SER C 455 -1.86 -4.17 17.49
CA SER C 455 -2.15 -4.80 16.21
C SER C 455 -1.24 -6.00 16.01
N TYR C 456 -1.82 -7.12 15.59
CA TYR C 456 -1.01 -8.27 15.18
C TYR C 456 -0.33 -8.01 13.85
N SER C 457 0.84 -8.60 13.67
CA SER C 457 1.54 -8.63 12.40
C SER C 457 2.54 -9.78 12.35
N PRO C 458 2.26 -10.87 11.64
CA PRO C 458 3.14 -12.05 11.73
C PRO C 458 4.51 -11.75 11.14
N LEU C 459 5.54 -11.86 11.97
CA LEU C 459 6.91 -11.50 11.63
C LEU C 459 7.00 -10.08 11.07
N GLY C 460 6.00 -9.24 11.33
CA GLY C 460 5.92 -7.95 10.67
C GLY C 460 5.72 -8.02 9.16
N MET C 461 5.67 -9.23 8.61
CA MET C 461 5.69 -9.37 7.16
C MET C 461 4.42 -8.83 6.50
N CYS C 462 3.30 -8.83 7.20
CA CYS C 462 2.07 -8.28 6.64
C CYS C 462 1.16 -7.80 7.76
N THR C 463 0.41 -6.73 7.46
CA THR C 463 -0.65 -6.29 8.35
C THR C 463 -1.80 -7.28 8.27
N LEU C 464 -2.05 -7.97 9.38
CA LEU C 464 -2.98 -9.10 9.41
C LEU C 464 -4.44 -8.67 9.53
N ASP C 465 -4.72 -7.36 9.47
CA ASP C 465 -6.09 -6.92 9.34
C ASP C 465 -6.71 -7.41 8.02
N ARG C 466 -8.04 -7.33 7.95
CA ARG C 466 -8.83 -7.85 6.84
C ARG C 466 -8.44 -7.36 5.43
N PRO C 467 -7.80 -6.18 5.27
CA PRO C 467 -7.25 -5.85 3.95
C PRO C 467 -6.33 -6.93 3.40
N LEU C 468 -5.83 -7.78 4.29
CA LEU C 468 -5.07 -8.95 3.86
C LEU C 468 -5.89 -9.86 2.95
N ILE C 469 -7.19 -10.00 3.21
CA ILE C 469 -8.01 -10.82 2.33
C ILE C 469 -8.22 -10.18 0.97
N VAL C 470 -8.36 -8.86 0.92
CA VAL C 470 -8.41 -8.19 -0.38
C VAL C 470 -7.10 -8.38 -1.14
N THR C 471 -5.97 -8.35 -0.44
CA THR C 471 -4.67 -8.57 -1.08
C THR C 471 -4.50 -10.00 -1.56
N VAL C 472 -4.82 -10.96 -0.70
CA VAL C 472 -4.65 -12.37 -1.04
C VAL C 472 -5.59 -12.79 -2.17
N LEU C 473 -6.87 -12.38 -2.12
CA LEU C 473 -7.74 -12.64 -3.28
C LEU C 473 -7.30 -11.90 -4.54
N GLY C 474 -6.74 -10.69 -4.40
CA GLY C 474 -6.09 -10.01 -5.52
C GLY C 474 -4.92 -10.76 -6.11
N ALA C 475 -4.30 -11.64 -5.33
CA ALA C 475 -3.30 -12.56 -5.88
C ALA C 475 -3.94 -13.83 -6.44
N VAL C 476 -4.84 -14.45 -5.67
CA VAL C 476 -5.46 -15.71 -6.05
C VAL C 476 -6.09 -15.61 -7.44
N THR C 477 -6.91 -14.57 -7.66
CA THR C 477 -7.62 -14.48 -8.94
C THR C 477 -6.68 -14.26 -10.12
N THR C 478 -5.52 -13.65 -9.90
CA THR C 478 -4.50 -13.58 -10.93
C THR C 478 -3.83 -14.94 -11.18
N TYR C 479 -3.23 -15.50 -10.14
CA TYR C 479 -2.42 -16.71 -10.28
C TYR C 479 -3.23 -17.94 -10.70
N LEU C 480 -4.49 -18.07 -10.26
CA LEU C 480 -5.32 -19.18 -10.74
C LEU C 480 -5.45 -19.16 -12.25
N VAL C 481 -5.73 -18.00 -12.81
CA VAL C 481 -5.94 -17.88 -14.25
C VAL C 481 -4.61 -18.06 -14.99
N ILE C 482 -3.55 -17.41 -14.51
CA ILE C 482 -2.24 -17.59 -15.14
C ILE C 482 -1.82 -19.06 -15.14
N LEU C 483 -2.07 -19.77 -14.04
CA LEU C 483 -1.69 -21.18 -14.00
C LEU C 483 -2.56 -22.03 -14.91
N ILE C 484 -3.87 -21.79 -14.94
CA ILE C 484 -4.74 -22.52 -15.84
C ILE C 484 -4.34 -22.30 -17.30
N GLN C 485 -3.87 -21.09 -17.62
CA GLN C 485 -3.49 -20.79 -19.00
C GLN C 485 -2.38 -21.71 -19.50
N PHE C 486 -1.53 -22.22 -18.61
CA PHE C 486 -0.49 -23.16 -19.02
C PHE C 486 -1.02 -24.57 -19.26
N GLN C 487 -2.19 -24.91 -18.73
CA GLN C 487 -2.77 -26.22 -19.03
C GLN C 487 -3.29 -26.26 -20.47
N ARG C 488 -3.85 -25.16 -20.96
CA ARG C 488 -4.28 -25.09 -22.35
C ARG C 488 -4.42 -23.63 -22.79
N CYS D 58 38.77 10.32 11.36
CA CYS D 58 38.01 9.60 12.38
C CYS D 58 38.76 8.37 12.86
N LEU D 59 38.11 7.61 13.76
CA LEU D 59 38.70 6.42 14.35
C LEU D 59 37.72 5.28 14.18
N VAL D 60 38.22 4.12 13.75
CA VAL D 60 37.43 2.89 13.67
C VAL D 60 37.99 1.87 14.64
N GLY D 61 37.13 1.37 15.52
CA GLY D 61 37.53 0.39 16.52
C GLY D 61 37.02 -0.99 16.17
N GLY D 62 37.85 -2.00 16.43
CA GLY D 62 37.50 -3.39 16.23
C GLY D 62 37.20 -3.76 14.79
N ALA D 63 36.34 -4.78 14.65
CA ALA D 63 36.14 -5.45 13.37
C ALA D 63 35.54 -4.56 12.29
N HIS D 64 34.95 -3.42 12.65
CA HIS D 64 34.55 -2.48 11.62
C HIS D 64 35.74 -2.07 10.78
N ALA D 65 36.93 -2.03 11.39
CA ALA D 65 38.15 -1.82 10.65
C ALA D 65 38.41 -2.93 9.66
N PHE D 66 38.09 -4.17 10.04
CA PHE D 66 38.34 -5.32 9.17
C PHE D 66 37.41 -5.35 7.98
N ILE D 67 36.11 -5.17 8.23
CA ILE D 67 35.15 -5.08 7.12
C ILE D 67 35.45 -3.90 6.19
N LEU D 68 35.90 -2.77 6.74
CA LEU D 68 36.34 -1.69 5.87
C LEU D 68 37.62 -2.03 5.12
N LYS D 69 38.54 -2.75 5.75
CA LYS D 69 39.73 -3.20 5.05
C LYS D 69 39.40 -4.11 3.87
N ILE D 70 38.46 -5.03 4.06
CA ILE D 70 37.92 -5.80 2.94
C ILE D 70 37.36 -4.89 1.86
N SER D 71 36.50 -3.94 2.23
CA SER D 71 35.95 -3.04 1.22
C SER D 71 37.04 -2.20 0.53
N SER D 72 38.14 -1.94 1.23
CA SER D 72 39.26 -1.20 0.65
C SER D 72 40.01 -2.01 -0.40
N PHE D 73 40.35 -3.26 -0.07
CA PHE D 73 40.93 -4.11 -1.11
C PHE D 73 39.94 -4.46 -2.21
N CYS D 74 38.65 -4.39 -1.91
CA CYS D 74 37.59 -4.56 -2.91
C CYS D 74 37.36 -3.29 -3.71
N GLY D 75 38.02 -2.18 -3.36
CA GLY D 75 37.81 -0.94 -4.05
C GLY D 75 36.47 -0.29 -3.79
N LEU D 76 35.74 -0.77 -2.78
CA LEU D 76 34.48 -0.18 -2.37
C LEU D 76 34.62 0.82 -1.23
N ALA D 77 35.81 0.96 -0.64
CA ALA D 77 36.03 1.93 0.42
C ALA D 77 37.46 2.44 0.31
N PRO D 78 37.66 3.57 -0.38
CA PRO D 78 39.03 4.10 -0.60
C PRO D 78 39.61 4.75 0.65
N LEU D 79 39.78 3.95 1.69
CA LEU D 79 40.23 4.44 2.99
C LEU D 79 41.71 4.15 3.18
N ARG D 80 42.46 5.16 3.63
CA ARG D 80 43.81 4.99 4.17
C ARG D 80 43.74 5.19 5.68
N PHE D 81 44.32 4.24 6.41
CA PHE D 81 44.19 4.20 7.86
C PHE D 81 45.52 3.83 8.51
N GLU D 82 45.65 4.19 9.79
CA GLU D 82 46.85 4.00 10.58
C GLU D 82 46.49 3.29 11.88
N PRO D 83 47.30 2.33 12.31
CA PRO D 83 46.90 1.46 13.42
C PRO D 83 47.01 2.09 14.79
N ARG D 84 46.16 1.59 15.69
CA ARG D 84 46.18 1.91 17.11
C ARG D 84 45.96 0.62 17.89
N SER D 85 46.14 0.70 19.21
CA SER D 85 46.18 -0.51 20.02
C SER D 85 44.88 -1.31 19.93
N GLN D 86 43.76 -0.64 19.67
CA GLN D 86 42.52 -1.36 19.42
C GLN D 86 41.74 -0.77 18.25
N GLU D 87 42.31 0.18 17.51
CA GLU D 87 41.56 1.03 16.60
C GLU D 87 42.43 1.34 15.39
N TYR D 88 41.83 1.97 14.39
CA TYR D 88 42.57 2.63 13.33
C TYR D 88 42.03 4.04 13.13
N ALA D 89 42.95 4.99 12.91
CA ALA D 89 42.59 6.29 12.39
C ALA D 89 42.39 6.20 10.88
N VAL D 90 41.37 6.88 10.37
CA VAL D 90 40.89 6.64 9.02
C VAL D 90 40.88 7.96 8.24
N THR D 91 41.28 7.90 6.97
CA THR D 91 41.28 9.04 6.08
C THR D 91 40.94 8.56 4.68
N ILE D 92 40.39 9.46 3.86
CA ILE D 92 40.26 9.22 2.43
C ILE D 92 41.61 9.45 1.76
N SER D 93 41.94 8.59 0.80
CA SER D 93 43.08 8.81 -0.08
C SER D 93 42.58 9.09 -1.50
N LYS D 94 43.02 10.21 -2.07
CA LYS D 94 42.74 10.50 -3.47
C LYS D 94 43.32 9.44 -4.39
N GLY D 95 44.51 8.93 -4.05
CA GLY D 95 45.09 7.84 -4.80
C GLY D 95 44.27 6.56 -4.77
N LYS D 96 43.76 6.18 -3.60
CA LYS D 96 42.91 5.00 -3.54
C LYS D 96 41.57 5.20 -4.24
N CYS D 97 41.03 6.42 -4.25
CA CYS D 97 39.88 6.72 -5.09
C CYS D 97 40.21 6.49 -6.57
N PHE D 98 41.29 7.10 -7.05
CA PHE D 98 41.65 6.97 -8.46
C PHE D 98 41.91 5.52 -8.84
N TYR D 99 42.64 4.79 -7.99
CA TYR D 99 42.81 3.35 -8.16
C TYR D 99 41.48 2.60 -8.25
N SER D 100 40.51 2.94 -7.39
CA SER D 100 39.23 2.24 -7.42
C SER D 100 38.44 2.54 -8.69
N TYR D 101 38.44 3.82 -9.11
CA TYR D 101 37.81 4.17 -10.37
C TYR D 101 38.47 3.46 -11.55
N ILE D 102 39.79 3.38 -11.57
CA ILE D 102 40.47 2.63 -12.63
C ILE D 102 40.05 1.17 -12.59
N LEU D 103 40.09 0.56 -11.41
CA LEU D 103 39.84 -0.87 -11.28
C LEU D 103 38.44 -1.23 -11.78
N VAL D 104 37.42 -0.55 -11.25
CA VAL D 104 36.06 -0.87 -11.68
C VAL D 104 35.77 -0.44 -13.11
N THR D 105 36.36 0.66 -13.60
CA THR D 105 36.17 1.00 -15.00
C THR D 105 36.76 -0.07 -15.92
N PHE D 106 37.96 -0.56 -15.58
CA PHE D 106 38.57 -1.67 -16.30
C PHE D 106 37.71 -2.93 -16.26
N LEU D 107 37.24 -3.31 -15.08
CA LEU D 107 36.44 -4.53 -14.99
C LEU D 107 35.07 -4.41 -15.65
N VAL D 108 34.47 -3.22 -15.67
CA VAL D 108 33.24 -3.01 -16.43
C VAL D 108 33.49 -3.07 -17.93
N ILE D 109 34.58 -2.45 -18.40
CA ILE D 109 34.96 -2.58 -19.81
C ILE D 109 35.20 -4.03 -20.19
N CYS D 110 35.93 -4.77 -19.35
CA CYS D 110 36.16 -6.20 -19.63
C CYS D 110 34.88 -7.01 -19.60
N THR D 111 33.97 -6.72 -18.68
CA THR D 111 32.70 -7.44 -18.62
C THR D 111 31.82 -7.17 -19.84
N ILE D 112 31.73 -5.91 -20.27
CA ILE D 112 31.00 -5.60 -21.51
C ILE D 112 31.68 -6.24 -22.72
N TYR D 113 33.01 -6.18 -22.80
CA TYR D 113 33.73 -6.85 -23.89
C TYR D 113 33.49 -8.35 -23.90
N GLY D 114 33.40 -8.96 -22.72
CA GLY D 114 33.01 -10.36 -22.62
C GLY D 114 31.60 -10.63 -23.11
N LEU D 115 30.62 -9.86 -22.64
CA LEU D 115 29.26 -10.01 -23.11
C LEU D 115 29.16 -9.85 -24.62
N VAL D 116 29.86 -8.87 -25.19
CA VAL D 116 29.91 -8.68 -26.63
C VAL D 116 30.53 -9.90 -27.34
N ALA D 117 31.61 -10.44 -26.78
CA ALA D 117 32.20 -11.64 -27.37
C ALA D 117 31.26 -12.83 -27.32
N GLU D 118 30.57 -13.04 -26.19
CA GLU D 118 29.62 -14.14 -26.08
C GLU D 118 28.39 -13.96 -26.96
N ILE D 119 28.00 -12.72 -27.24
CA ILE D 119 26.96 -12.47 -28.24
C ILE D 119 27.48 -12.72 -29.64
N GLY D 120 28.76 -12.44 -29.89
CA GLY D 120 29.33 -12.69 -31.21
C GLY D 120 29.54 -14.16 -31.52
N VAL D 121 29.97 -14.95 -30.52
CA VAL D 121 30.16 -16.37 -30.73
C VAL D 121 28.82 -17.07 -30.92
N GLY D 122 28.81 -18.05 -31.82
CA GLY D 122 27.59 -18.75 -32.17
C GLY D 122 27.01 -19.54 -31.01
N VAL D 123 25.69 -19.71 -31.06
CA VAL D 123 24.94 -20.43 -30.03
C VAL D 123 25.34 -21.90 -29.95
N GLU D 124 25.92 -22.44 -31.03
CA GLU D 124 26.44 -23.80 -30.99
C GLU D 124 27.53 -23.93 -29.91
N LYS D 125 28.44 -22.98 -29.86
CA LYS D 125 29.61 -23.10 -28.98
C LYS D 125 29.39 -22.47 -27.61
N SER D 126 28.34 -21.66 -27.46
CA SER D 126 28.15 -20.83 -26.27
C SER D 126 27.39 -21.66 -25.24
N VAL D 127 28.15 -22.26 -24.31
CA VAL D 127 27.68 -23.39 -23.51
C VAL D 127 26.53 -23.08 -22.58
N ARG D 128 26.18 -21.80 -22.38
CA ARG D 128 24.93 -21.44 -21.69
C ARG D 128 24.08 -20.47 -22.49
N MET D 129 24.33 -20.36 -23.80
CA MET D 129 23.68 -19.36 -24.64
C MET D 129 23.29 -20.02 -25.96
N SER D 130 22.56 -21.13 -25.85
CA SER D 130 22.17 -21.98 -26.96
C SER D 130 21.05 -21.40 -27.82
N SER D 131 20.54 -20.23 -27.49
CA SER D 131 19.46 -19.63 -28.27
C SER D 131 19.42 -18.13 -28.00
N ARG D 132 18.72 -17.42 -28.89
CA ARG D 132 18.54 -15.98 -28.69
C ARG D 132 17.94 -15.66 -27.33
N MET D 133 16.91 -16.40 -26.92
CA MET D 133 16.32 -16.18 -25.61
C MET D 133 17.34 -16.40 -24.49
N SER D 134 18.17 -17.43 -24.61
CA SER D 134 19.24 -17.65 -23.64
C SER D 134 20.25 -16.50 -23.65
N GLN D 135 20.54 -15.95 -24.82
CA GLN D 135 21.39 -14.75 -24.90
C GLN D 135 20.74 -13.54 -24.22
N VAL D 136 19.44 -13.36 -24.40
CA VAL D 136 18.73 -12.25 -23.75
C VAL D 136 18.77 -12.38 -22.23
N VAL D 137 18.42 -13.55 -21.71
CA VAL D 137 18.44 -13.72 -20.26
C VAL D 137 19.86 -13.70 -19.68
N SER D 138 20.87 -14.22 -20.40
CA SER D 138 22.25 -14.06 -19.94
C SER D 138 22.69 -12.60 -19.94
N ALA D 139 22.27 -11.83 -20.94
CA ALA D 139 22.52 -10.39 -20.94
C ALA D 139 21.85 -9.70 -19.76
N CYS D 140 20.64 -10.10 -19.41
CA CYS D 140 20.03 -9.58 -18.18
C CYS D 140 20.83 -9.98 -16.94
N ASP D 141 21.30 -11.24 -16.89
CA ASP D 141 22.10 -11.70 -15.77
C ASP D 141 23.36 -10.86 -15.57
N ILE D 142 24.08 -10.60 -16.66
CA ILE D 142 25.34 -9.85 -16.59
C ILE D 142 25.08 -8.36 -16.34
N LEU D 143 24.20 -7.75 -17.12
CA LEU D 143 24.26 -6.31 -17.28
C LEU D 143 23.83 -5.57 -16.02
N VAL D 144 22.75 -5.98 -15.38
CA VAL D 144 22.35 -5.27 -14.17
C VAL D 144 23.34 -5.45 -13.02
N VAL D 145 24.12 -6.54 -13.01
CA VAL D 145 25.23 -6.65 -12.07
C VAL D 145 26.35 -5.69 -12.40
N ALA D 146 26.60 -5.45 -13.69
CA ALA D 146 27.52 -4.38 -14.05
C ALA D 146 26.99 -3.00 -13.69
N VAL D 147 25.67 -2.82 -13.76
CA VAL D 147 25.04 -1.57 -13.31
C VAL D 147 25.20 -1.38 -11.81
N THR D 148 24.87 -2.40 -11.03
CA THR D 148 25.04 -2.32 -9.58
C THR D 148 26.50 -2.08 -9.20
N ALA D 149 27.44 -2.80 -9.81
CA ALA D 149 28.85 -2.59 -9.51
C ALA D 149 29.28 -1.17 -9.82
N GLY D 150 28.92 -0.67 -11.01
CA GLY D 150 29.23 0.69 -11.39
C GLY D 150 28.66 1.75 -10.47
N VAL D 151 27.34 1.77 -10.30
CA VAL D 151 26.73 2.82 -9.51
C VAL D 151 27.10 2.70 -8.04
N GLY D 152 27.41 1.51 -7.57
CA GLY D 152 27.98 1.32 -6.25
C GLY D 152 29.34 1.96 -6.04
N VAL D 153 30.33 1.53 -6.82
CA VAL D 153 31.70 2.00 -6.59
C VAL D 153 31.86 3.47 -7.00
N TYR D 154 31.20 3.91 -8.07
CA TYR D 154 31.38 5.29 -8.51
C TYR D 154 30.84 6.30 -7.51
N GLY D 155 30.04 5.88 -6.54
CA GLY D 155 29.65 6.72 -5.43
C GLY D 155 30.48 6.53 -4.17
N ALA D 156 31.47 5.65 -4.20
CA ALA D 156 32.14 5.24 -2.97
C ALA D 156 32.78 6.40 -2.21
N PRO D 157 33.47 7.35 -2.84
CA PRO D 157 34.02 8.49 -2.08
C PRO D 157 32.97 9.26 -1.29
N ALA D 158 31.79 9.49 -1.87
CA ALA D 158 30.74 10.19 -1.14
C ALA D 158 30.21 9.35 0.03
N ARG D 159 30.10 8.05 -0.18
CA ARG D 159 29.69 7.14 0.89
C ARG D 159 30.70 7.16 2.05
N MET D 160 31.99 7.22 1.75
CA MET D 160 32.99 7.31 2.82
C MET D 160 33.09 8.70 3.44
N ARG D 161 32.83 9.76 2.68
CA ARG D 161 32.60 11.06 3.32
C ARG D 161 31.44 11.00 4.31
N THR D 162 30.36 10.30 3.95
CA THR D 162 29.23 10.13 4.86
C THR D 162 29.63 9.36 6.10
N MET D 163 30.37 8.25 5.93
CA MET D 163 30.84 7.49 7.07
C MET D 163 31.78 8.30 7.96
N LEU D 164 32.75 9.00 7.37
CA LEU D 164 33.63 9.86 8.14
C LEU D 164 32.89 11.02 8.80
N SER D 165 31.69 11.34 8.34
CA SER D 165 30.84 12.27 9.08
C SER D 165 30.14 11.60 10.27
N TYR D 166 29.31 10.60 10.01
CA TYR D 166 28.47 10.05 11.07
C TYR D 166 29.26 9.26 12.14
N MET D 167 30.41 8.67 11.79
CA MET D 167 31.12 7.86 12.76
C MET D 167 31.68 8.67 13.92
N GLU D 168 31.99 9.96 13.71
CA GLU D 168 32.39 10.79 14.85
C GLU D 168 31.25 10.96 15.84
N ASN D 169 30.04 11.19 15.33
CA ASN D 169 28.87 11.29 16.19
C ASN D 169 28.58 9.97 16.89
N ILE D 170 28.71 8.85 16.17
CA ILE D 170 28.52 7.54 16.81
C ILE D 170 29.56 7.28 17.90
N VAL D 171 30.80 7.69 17.68
CA VAL D 171 31.81 7.56 18.74
C VAL D 171 31.45 8.44 19.95
N ALA D 172 30.95 9.64 19.70
CA ALA D 172 30.47 10.48 20.80
C ALA D 172 29.30 9.86 21.54
N VAL D 173 28.39 9.21 20.82
CA VAL D 173 27.28 8.50 21.49
C VAL D 173 27.81 7.31 22.29
N ASP D 174 28.70 6.51 21.71
CA ASP D 174 29.28 5.37 22.41
C ASP D 174 30.03 5.80 23.66
N ARG D 175 30.60 7.00 23.67
CA ARG D 175 31.27 7.50 24.87
C ARG D 175 30.34 7.56 26.08
N GLU D 176 29.03 7.73 25.86
CA GLU D 176 28.05 7.58 26.94
C GLU D 176 27.37 6.22 26.99
N LEU D 177 26.93 5.68 25.85
CA LEU D 177 26.29 4.36 25.80
C LEU D 177 27.34 3.24 25.72
N GLY D 178 28.04 3.06 26.83
CA GLY D 178 28.70 1.78 27.10
C GLY D 178 29.69 1.34 26.04
N ARG D 179 30.44 2.28 25.46
CA ARG D 179 31.46 1.92 24.48
C ARG D 179 32.44 0.91 25.05
N HIS D 180 32.65 0.94 26.36
CA HIS D 180 33.52 -0.03 27.03
C HIS D 180 33.05 -1.47 26.82
N HIS D 181 33.88 -2.24 26.13
CA HIS D 181 33.62 -3.59 25.63
C HIS D 181 32.44 -3.69 24.67
N SER D 182 31.85 -2.57 24.26
CA SER D 182 30.77 -2.64 23.27
C SER D 182 31.26 -3.14 21.91
N ALA D 183 32.57 -3.07 21.65
CA ALA D 183 33.18 -3.66 20.46
C ALA D 183 32.97 -5.16 20.30
N ALA D 184 32.69 -5.90 21.38
CA ALA D 184 32.44 -7.33 21.23
C ALA D 184 31.21 -7.64 20.37
N THR D 185 30.22 -6.75 20.37
CA THR D 185 29.09 -6.89 19.46
C THR D 185 29.53 -6.80 18.00
N GLU D 186 30.32 -5.79 17.67
CA GLU D 186 30.89 -5.71 16.33
C GLU D 186 31.78 -6.91 15.99
N ARG D 187 32.54 -7.40 16.97
CA ARG D 187 33.36 -8.58 16.74
C ARG D 187 32.52 -9.80 16.34
N LYS D 188 31.45 -10.05 17.10
CA LYS D 188 30.54 -11.15 16.76
C LYS D 188 29.88 -10.94 15.41
N LEU D 189 29.39 -9.73 15.14
CA LEU D 189 28.72 -9.48 13.87
C LEU D 189 29.67 -9.65 12.68
N CYS D 190 30.90 -9.16 12.81
CA CYS D 190 31.92 -9.39 11.79
C CYS D 190 32.20 -10.87 11.58
N ALA D 191 32.38 -11.62 12.67
CA ALA D 191 32.68 -13.04 12.53
C ALA D 191 31.54 -13.77 11.83
N LEU D 192 30.29 -13.41 12.15
CA LEU D 192 29.15 -13.99 11.44
C LEU D 192 29.11 -13.59 9.97
N LEU D 193 29.27 -12.29 9.67
CA LEU D 193 29.09 -11.79 8.30
C LEU D 193 30.21 -12.19 7.35
N LEU D 194 31.46 -12.24 7.82
CA LEU D 194 32.56 -12.70 6.97
C LEU D 194 32.31 -14.10 6.40
N LEU D 195 31.70 -14.99 7.17
CA LEU D 195 31.42 -16.33 6.67
C LEU D 195 30.51 -16.31 5.45
N ILE D 196 29.61 -15.33 5.35
CA ILE D 196 28.77 -15.22 4.16
C ILE D 196 29.59 -14.88 2.92
N LEU D 197 30.54 -13.95 3.04
CA LEU D 197 31.40 -13.62 1.92
C LEU D 197 32.31 -14.79 1.53
N LEU D 198 32.80 -15.53 2.51
CA LEU D 198 33.55 -16.75 2.20
C LEU D 198 32.69 -17.77 1.45
N SER D 199 31.48 -18.03 1.95
CA SER D 199 30.58 -18.95 1.26
C SER D 199 30.31 -18.52 -0.18
N PHE D 200 30.00 -17.24 -0.39
CA PHE D 200 29.79 -16.76 -1.75
C PHE D 200 31.04 -16.89 -2.60
N THR D 201 32.22 -16.63 -2.05
CA THR D 201 33.44 -16.78 -2.83
C THR D 201 33.61 -18.22 -3.29
N ILE D 202 33.35 -19.18 -2.39
CA ILE D 202 33.40 -20.59 -2.74
C ILE D 202 32.42 -20.90 -3.86
N LEU D 203 31.16 -20.45 -3.72
CA LEU D 203 30.16 -20.71 -4.74
C LEU D 203 30.53 -20.11 -6.09
N LEU D 204 31.05 -18.88 -6.10
CA LEU D 204 31.46 -18.23 -7.33
C LEU D 204 32.60 -18.98 -8.01
N VAL D 205 33.62 -19.37 -7.23
CA VAL D 205 34.71 -20.16 -7.79
C VAL D 205 34.19 -21.47 -8.36
N ASP D 206 33.31 -22.16 -7.62
CA ASP D 206 32.80 -23.44 -8.11
C ASP D 206 31.99 -23.27 -9.40
N ASP D 207 31.25 -22.16 -9.50
CA ASP D 207 30.56 -21.83 -10.76
C ASP D 207 31.55 -21.65 -11.91
N PHE D 208 32.59 -20.84 -11.69
CA PHE D 208 33.57 -20.64 -12.74
C PHE D 208 34.29 -21.93 -13.12
N CYS D 209 34.60 -22.77 -12.14
CA CYS D 209 35.20 -24.08 -12.43
C CYS D 209 34.27 -24.98 -13.23
N PHE D 210 32.98 -24.99 -12.92
CA PHE D 210 32.02 -25.76 -13.72
C PHE D 210 31.96 -25.27 -15.16
N TYR D 211 31.82 -23.97 -15.37
CA TYR D 211 31.82 -23.46 -16.75
C TYR D 211 33.16 -23.68 -17.44
N ALA D 212 34.26 -23.58 -16.70
CA ALA D 212 35.57 -23.93 -17.25
C ALA D 212 35.66 -25.39 -17.68
N MET D 213 34.99 -26.28 -16.96
CA MET D 213 34.90 -27.68 -17.41
C MET D 213 34.03 -27.84 -18.64
N GLN D 214 32.91 -27.12 -18.70
CA GLN D 214 32.13 -27.10 -19.94
C GLN D 214 32.96 -26.60 -21.13
N ALA D 215 33.81 -25.60 -20.89
CA ALA D 215 34.71 -25.09 -21.92
C ALA D 215 35.78 -26.12 -22.31
N GLY D 216 36.38 -26.76 -21.31
CA GLY D 216 37.41 -27.75 -21.60
C GLY D 216 36.87 -28.95 -22.35
N LYS D 217 35.69 -29.43 -21.98
CA LYS D 217 35.10 -30.55 -22.70
C LYS D 217 34.66 -30.15 -24.10
N THR D 218 34.62 -28.85 -24.41
CA THR D 218 34.34 -28.37 -25.77
C THR D 218 35.55 -27.65 -26.39
N GLY D 219 36.71 -27.70 -25.73
CA GLY D 219 37.92 -27.19 -26.35
C GLY D 219 38.05 -25.69 -26.46
N ARG D 220 37.37 -24.92 -25.61
CA ARG D 220 37.24 -23.48 -25.79
C ARG D 220 37.60 -22.73 -24.51
N GLN D 221 38.48 -23.33 -23.70
CA GLN D 221 38.73 -22.84 -22.35
C GLN D 221 39.18 -21.38 -22.31
N TRP D 222 40.16 -21.00 -23.15
CA TRP D 222 40.70 -19.65 -23.06
C TRP D 222 39.67 -18.56 -23.36
N GLU D 223 38.82 -18.79 -24.35
CA GLU D 223 37.84 -17.77 -24.74
C GLU D 223 36.73 -17.64 -23.71
N ILE D 224 36.19 -18.77 -23.23
CA ILE D 224 35.17 -18.75 -22.19
C ILE D 224 35.72 -18.24 -20.86
N VAL D 225 37.01 -18.42 -20.59
CA VAL D 225 37.66 -17.76 -19.46
C VAL D 225 37.65 -16.24 -19.61
N THR D 226 38.21 -15.74 -20.70
CA THR D 226 38.34 -14.29 -20.84
C THR D 226 36.99 -13.60 -21.04
N ASN D 227 35.98 -14.32 -21.51
CA ASN D 227 34.62 -13.80 -21.60
C ASN D 227 33.88 -13.63 -20.26
N TYR D 228 34.31 -14.30 -19.19
CA TYR D 228 33.57 -14.24 -17.92
C TYR D 228 34.38 -13.83 -16.69
N ALA D 229 35.71 -13.85 -16.74
CA ALA D 229 36.49 -13.48 -15.55
C ALA D 229 36.16 -12.09 -15.04
N GLY D 230 35.78 -11.16 -15.92
CA GLY D 230 35.27 -9.86 -15.47
C GLY D 230 33.96 -9.97 -14.71
N PHE D 231 32.99 -10.66 -15.32
CA PHE D 231 31.64 -10.76 -14.75
C PHE D 231 31.68 -11.34 -13.34
N TYR D 232 32.47 -12.40 -13.13
CA TYR D 232 32.52 -12.98 -11.79
C TYR D 232 33.05 -12.00 -10.75
N PHE D 233 34.10 -11.25 -11.09
CA PHE D 233 34.63 -10.25 -10.17
C PHE D 233 33.65 -9.11 -9.91
N LEU D 234 32.82 -8.76 -10.90
CA LEU D 234 31.75 -7.80 -10.63
C LEU D 234 30.71 -8.36 -9.68
N TRP D 235 30.42 -9.66 -9.78
CA TRP D 235 29.53 -10.28 -8.82
C TRP D 235 30.10 -10.18 -7.40
N TYR D 236 31.39 -10.49 -7.27
CA TYR D 236 32.06 -10.39 -5.97
C TYR D 236 32.01 -8.97 -5.40
N ILE D 237 32.26 -7.97 -6.24
CA ILE D 237 32.16 -6.57 -5.82
C ILE D 237 30.76 -6.20 -5.31
N VAL D 238 29.71 -6.62 -6.04
CA VAL D 238 28.36 -6.30 -5.57
C VAL D 238 27.98 -7.07 -4.31
N MET D 239 28.58 -8.24 -4.10
CA MET D 239 28.44 -8.92 -2.81
C MET D 239 29.12 -8.17 -1.68
N VAL D 240 30.30 -7.62 -1.93
CA VAL D 240 31.00 -6.88 -0.89
C VAL D 240 30.22 -5.62 -0.53
N LEU D 241 29.67 -4.93 -1.53
CA LEU D 241 28.83 -3.76 -1.24
C LEU D 241 27.62 -4.14 -0.37
N GLU D 242 26.95 -5.24 -0.72
CA GLU D 242 25.76 -5.64 0.02
C GLU D 242 26.08 -6.04 1.45
N LEU D 243 27.17 -6.80 1.64
CA LEU D 243 27.60 -7.11 3.00
C LEU D 243 28.00 -5.85 3.76
N GLN D 244 28.68 -4.90 3.13
CA GLN D 244 29.08 -3.71 3.87
C GLN D 244 27.86 -2.96 4.41
N PHE D 245 26.81 -2.86 3.61
CA PHE D 245 25.54 -2.32 4.11
C PHE D 245 25.00 -3.13 5.28
N ALA D 246 24.96 -4.45 5.14
CA ALA D 246 24.45 -5.32 6.20
C ALA D 246 25.34 -5.36 7.44
N PHE D 247 26.55 -4.84 7.37
CA PHE D 247 27.35 -4.57 8.57
C PHE D 247 27.04 -3.22 9.21
N THR D 248 27.11 -2.13 8.43
CA THR D 248 26.92 -0.80 9.02
C THR D 248 25.53 -0.63 9.62
N ALA D 249 24.50 -1.02 8.87
CA ALA D 249 23.13 -0.89 9.37
C ALA D 249 22.82 -1.81 10.54
N LEU D 250 23.67 -2.79 10.82
CA LEU D 250 23.41 -3.72 11.90
C LEU D 250 24.24 -3.42 13.14
N SER D 251 25.46 -2.91 12.97
CA SER D 251 26.17 -2.32 14.10
C SER D 251 25.39 -1.16 14.70
N LEU D 252 24.80 -0.32 13.84
CA LEU D 252 23.94 0.74 14.36
C LEU D 252 22.73 0.19 15.13
N ARG D 253 22.16 -0.91 14.64
CA ARG D 253 21.10 -1.61 15.38
C ARG D 253 21.56 -2.13 16.74
N ALA D 254 22.74 -2.74 16.81
CA ALA D 254 23.26 -3.17 18.11
C ALA D 254 23.46 -2.00 19.07
N ARG D 255 23.91 -0.86 18.55
CA ARG D 255 24.00 0.33 19.40
C ARG D 255 22.63 0.81 19.87
N LEU D 256 21.63 0.75 19.00
CA LEU D 256 20.25 1.02 19.43
C LEU D 256 19.80 0.07 20.52
N LYS D 257 20.12 -1.22 20.40
CA LYS D 257 19.77 -2.18 21.46
C LYS D 257 20.42 -1.80 22.79
N LEU D 258 21.69 -1.41 22.76
CA LEU D 258 22.36 -1.02 24.00
C LEU D 258 21.75 0.24 24.60
N PHE D 259 21.46 1.25 23.77
CA PHE D 259 20.69 2.40 24.23
C PHE D 259 19.37 1.97 24.87
N ASN D 260 18.64 1.08 24.20
CA ASN D 260 17.32 0.68 24.69
C ASN D 260 17.40 0.00 26.05
N GLU D 261 18.37 -0.90 26.24
CA GLU D 261 18.57 -1.48 27.58
C GLU D 261 19.01 -0.45 28.61
N ALA D 262 19.85 0.51 28.22
CA ALA D 262 20.23 1.57 29.14
C ALA D 262 19.03 2.43 29.57
N LEU D 263 18.04 2.55 28.69
CA LEU D 263 16.78 3.20 29.05
C LEU D 263 15.91 2.29 29.91
N ASN D 264 15.80 1.02 29.53
CA ASN D 264 15.00 0.07 30.29
C ASN D 264 15.39 0.06 31.76
N VAL D 265 16.69 -0.02 32.05
CA VAL D 265 17.10 -0.03 33.46
C VAL D 265 16.83 1.31 34.15
N THR D 266 16.43 2.34 33.40
CA THR D 266 15.93 3.54 34.06
C THR D 266 14.58 3.27 34.70
N ALA D 267 13.81 2.33 34.13
CA ALA D 267 12.52 2.02 34.71
C ALA D 267 12.67 1.44 36.10
N SER D 268 13.60 0.50 36.25
CA SER D 268 13.91 -0.04 37.57
C SER D 268 14.56 1.00 38.49
N GLN D 269 15.39 1.89 37.93
CA GLN D 269 15.99 2.93 38.76
C GLN D 269 14.95 3.87 39.35
N VAL D 270 13.94 4.26 38.56
CA VAL D 270 12.87 5.08 39.11
C VAL D 270 11.89 4.27 39.96
N CYS D 271 11.67 2.99 39.63
CA CYS D 271 10.82 2.16 40.46
C CYS D 271 11.43 1.95 41.85
N LYS D 272 12.73 1.72 41.91
CA LYS D 272 13.43 1.57 43.18
C LYS D 272 13.51 2.90 43.93
N LEU D 325 24.41 3.51 36.07
CA LEU D 325 23.51 4.66 35.93
C LEU D 325 23.78 5.68 37.03
N GLN D 326 24.64 6.65 36.71
CA GLN D 326 25.30 7.48 37.70
C GLN D 326 24.55 8.79 38.00
N VAL D 327 23.42 9.02 37.34
CA VAL D 327 22.61 10.21 37.62
C VAL D 327 21.14 9.80 37.69
N PRO D 328 20.33 10.58 38.40
CA PRO D 328 18.92 10.24 38.54
C PRO D 328 18.24 10.20 37.18
N PRO D 329 17.13 9.48 37.06
CA PRO D 329 16.32 9.54 35.83
C PRO D 329 15.97 10.96 35.39
N CYS D 330 15.81 11.88 36.34
CA CYS D 330 15.58 13.30 36.05
C CYS D 330 16.61 13.88 35.09
N GLU D 331 17.80 13.30 35.00
CA GLU D 331 18.81 13.74 34.04
C GLU D 331 19.07 12.68 32.99
N ALA D 332 19.05 11.42 33.43
CA ALA D 332 19.43 10.32 32.56
C ALA D 332 18.49 10.23 31.37
N VAL D 333 17.18 10.40 31.60
CA VAL D 333 16.24 10.36 30.49
C VAL D 333 16.49 11.49 29.50
N GLY D 334 16.96 12.63 29.97
CA GLY D 334 17.31 13.74 29.10
C GLY D 334 18.47 13.41 28.18
N ARG D 335 19.58 13.02 28.81
CA ARG D 335 20.79 12.71 28.04
C ARG D 335 20.57 11.51 27.10
N LEU D 336 19.80 10.52 27.55
CA LEU D 336 19.39 9.44 26.64
C LEU D 336 18.52 9.93 25.49
N SER D 337 17.63 10.90 25.74
CA SER D 337 16.82 11.42 24.63
C SER D 337 17.67 12.17 23.62
N ARG D 338 18.72 12.84 24.07
CA ARG D 338 19.67 13.44 23.12
C ARG D 338 20.40 12.38 22.31
N MET D 339 20.88 11.32 22.98
CA MET D 339 21.46 10.22 22.21
C MET D 339 20.44 9.60 21.25
N ARG D 340 19.17 9.53 21.65
CA ARG D 340 18.08 9.04 20.81
C ARG D 340 17.76 9.96 19.64
N CYS D 341 18.21 11.21 19.68
CA CYS D 341 18.24 12.05 18.49
C CYS D 341 19.42 11.69 17.58
N THR D 342 20.60 11.59 18.17
CA THR D 342 21.81 11.32 17.37
C THR D 342 21.73 9.98 16.65
N LEU D 343 21.24 8.93 17.33
CA LEU D 343 20.96 7.61 16.77
C LEU D 343 19.76 7.55 15.85
N CYS D 344 19.14 8.68 15.51
CA CYS D 344 18.25 8.78 14.35
C CYS D 344 18.94 9.49 13.20
N GLU D 345 19.56 10.63 13.48
CA GLU D 345 20.28 11.36 12.45
C GLU D 345 21.31 10.46 11.75
N VAL D 346 22.03 9.63 12.49
CA VAL D 346 22.99 8.72 11.88
C VAL D 346 22.31 7.68 10.99
N THR D 347 21.12 7.21 11.38
CA THR D 347 20.40 6.29 10.50
C THR D 347 19.97 6.97 9.20
N ARG D 348 19.54 8.23 9.26
CA ARG D 348 19.18 8.90 8.01
C ARG D 348 20.39 9.21 7.15
N HIS D 349 21.55 9.44 7.77
CA HIS D 349 22.80 9.52 7.03
C HIS D 349 23.10 8.23 6.29
N ILE D 350 23.06 7.09 6.98
CA ILE D 350 23.40 5.83 6.34
C ILE D 350 22.38 5.48 5.26
N ALA D 351 21.09 5.62 5.56
CA ALA D 351 20.05 5.34 4.58
C ALA D 351 20.18 6.20 3.32
N ASP D 352 20.68 7.42 3.45
CA ASP D 352 20.87 8.22 2.25
C ASP D 352 22.15 7.83 1.52
N GLY D 353 23.25 7.70 2.24
CA GLY D 353 24.50 7.38 1.58
C GLY D 353 24.50 6.04 0.86
N TYR D 354 23.73 5.06 1.37
CA TYR D 354 23.53 3.81 0.64
C TYR D 354 22.32 3.78 -0.31
N GLY D 355 21.38 4.73 -0.24
CA GLY D 355 20.08 4.52 -0.85
C GLY D 355 20.10 4.13 -2.33
N LEU D 356 21.00 4.73 -3.12
CA LEU D 356 21.05 4.41 -4.55
C LEU D 356 21.49 2.98 -4.85
N PRO D 357 22.68 2.53 -4.45
CA PRO D 357 23.03 1.13 -4.72
C PRO D 357 22.18 0.14 -3.95
N LEU D 358 21.64 0.55 -2.81
CA LEU D 358 20.74 -0.30 -2.04
C LEU D 358 19.44 -0.60 -2.77
N VAL D 359 18.94 0.33 -3.58
CA VAL D 359 17.77 0.05 -4.43
C VAL D 359 18.16 -0.61 -5.75
N ILE D 360 19.27 -0.21 -6.36
CA ILE D 360 19.70 -0.86 -7.60
C ILE D 360 19.94 -2.35 -7.38
N ILE D 361 20.56 -2.71 -6.25
CA ILE D 361 20.85 -4.12 -5.98
C ILE D 361 19.58 -4.92 -5.72
N LEU D 362 18.56 -4.30 -5.11
CA LEU D 362 17.26 -4.95 -5.00
C LEU D 362 16.62 -5.17 -6.37
N MET D 363 16.64 -4.18 -7.24
CA MET D 363 16.12 -4.38 -8.59
C MET D 363 16.88 -5.47 -9.35
N SER D 364 18.21 -5.47 -9.24
CA SER D 364 19.02 -6.55 -9.82
C SER D 364 18.71 -7.91 -9.22
N THR D 365 18.35 -7.97 -7.94
CA THR D 365 18.03 -9.26 -7.33
C THR D 365 16.65 -9.77 -7.71
N LEU D 366 15.67 -8.87 -7.85
CA LEU D 366 14.42 -9.24 -8.53
C LEU D 366 14.66 -9.76 -9.94
N LEU D 367 15.51 -9.10 -10.72
CA LEU D 367 15.78 -9.58 -12.06
C LEU D 367 16.48 -10.94 -12.06
N HIS D 368 17.40 -11.16 -11.13
CA HIS D 368 18.03 -12.48 -11.02
C HIS D 368 17.06 -13.55 -10.54
N LEU D 369 16.18 -13.25 -9.59
CA LEU D 369 15.14 -14.20 -9.23
C LEU D 369 14.16 -14.45 -10.37
N ILE D 370 14.18 -13.62 -11.40
CA ILE D 370 13.48 -13.96 -12.65
C ILE D 370 14.35 -14.85 -13.56
N VAL D 371 15.59 -14.44 -13.80
CA VAL D 371 16.44 -15.10 -14.79
C VAL D 371 16.89 -16.49 -14.34
N THR D 372 17.24 -16.66 -13.06
CA THR D 372 17.77 -17.95 -12.62
C THR D 372 16.73 -19.05 -12.64
N PRO D 373 15.51 -18.85 -12.13
CA PRO D 373 14.49 -19.90 -12.29
C PRO D 373 14.15 -20.18 -13.74
N TYR D 374 14.24 -19.18 -14.62
CA TYR D 374 14.05 -19.42 -16.04
C TYR D 374 15.05 -20.46 -16.56
N PHE D 375 16.33 -20.30 -16.23
CA PHE D 375 17.31 -21.33 -16.57
C PHE D 375 16.98 -22.66 -15.91
N LEU D 376 16.67 -22.65 -14.62
CA LEU D 376 16.41 -23.90 -13.91
C LEU D 376 15.27 -24.68 -14.57
N ILE D 377 14.20 -23.98 -14.95
CA ILE D 377 13.05 -24.63 -15.56
C ILE D 377 13.38 -25.11 -16.96
N MET D 378 14.01 -24.27 -17.79
CA MET D 378 14.34 -24.75 -19.13
C MET D 378 15.31 -25.94 -19.07
N GLU D 379 16.31 -25.89 -18.19
CA GLU D 379 17.29 -26.95 -18.00
C GLU D 379 16.78 -28.14 -17.19
N ILE D 380 15.52 -28.15 -16.78
CA ILE D 380 14.87 -29.39 -16.38
C ILE D 380 13.72 -29.79 -17.30
N ILE D 381 13.36 -28.95 -18.26
CA ILE D 381 12.47 -29.36 -19.34
C ILE D 381 13.23 -30.20 -20.36
N VAL D 382 14.49 -29.86 -20.63
CA VAL D 382 15.41 -30.83 -21.23
C VAL D 382 15.87 -31.83 -20.18
N SER D 383 16.46 -32.93 -20.67
CA SER D 383 16.88 -34.03 -19.80
C SER D 383 17.90 -33.60 -18.75
N THR D 384 17.64 -34.00 -17.50
CA THR D 384 18.32 -33.52 -16.30
C THR D 384 19.77 -33.98 -16.20
N HIS D 385 20.30 -34.67 -17.22
CA HIS D 385 21.65 -35.24 -17.14
C HIS D 385 22.71 -34.23 -16.73
N ARG D 386 22.46 -32.94 -16.92
CA ARG D 386 23.44 -31.90 -16.57
C ARG D 386 23.38 -31.60 -15.06
N LEU D 387 23.64 -32.65 -14.27
CA LEU D 387 23.39 -32.61 -12.83
C LEU D 387 24.16 -31.49 -12.16
N HIS D 388 25.44 -31.34 -12.51
CA HIS D 388 26.25 -30.26 -11.93
C HIS D 388 25.65 -28.90 -12.22
N PHE D 389 25.18 -28.68 -13.44
CA PHE D 389 24.50 -27.42 -13.77
C PHE D 389 23.24 -27.26 -12.93
N LEU D 390 22.42 -28.30 -12.85
CA LEU D 390 21.16 -28.22 -12.09
C LEU D 390 21.40 -27.84 -10.63
N VAL D 391 22.38 -28.50 -9.99
CA VAL D 391 22.73 -28.18 -8.62
C VAL D 391 23.29 -26.76 -8.51
N LEU D 392 24.21 -26.40 -9.41
CA LEU D 392 24.82 -25.08 -9.33
C LEU D 392 23.79 -23.97 -9.47
N GLN D 393 22.83 -24.14 -10.39
CA GLN D 393 21.73 -23.18 -10.52
C GLN D 393 20.81 -23.16 -9.31
N PHE D 394 20.58 -24.30 -8.66
CA PHE D 394 19.79 -24.24 -7.42
C PHE D 394 20.54 -23.51 -6.31
N LEU D 395 21.85 -23.74 -6.19
CA LEU D 395 22.66 -23.01 -5.23
C LEU D 395 22.72 -21.51 -5.54
N TRP D 396 22.75 -21.14 -6.83
CA TRP D 396 22.56 -19.74 -7.21
C TRP D 396 21.21 -19.18 -6.80
N CYS D 397 20.12 -19.93 -7.00
CA CYS D 397 18.82 -19.45 -6.54
C CYS D 397 18.79 -19.25 -5.02
N THR D 398 19.41 -20.17 -4.28
CA THR D 398 19.59 -19.97 -2.85
C THR D 398 20.39 -18.70 -2.53
N THR D 399 21.47 -18.46 -3.26
CA THR D 399 22.26 -17.24 -3.03
C THR D 399 21.46 -15.98 -3.35
N HIS D 400 20.70 -16.00 -4.44
CA HIS D 400 19.86 -14.88 -4.85
C HIS D 400 18.68 -14.63 -3.94
N LEU D 401 18.30 -15.59 -3.10
CA LEU D 401 17.40 -15.31 -1.98
C LEU D 401 18.13 -14.83 -0.72
N ILE D 402 19.22 -15.51 -0.35
CA ILE D 402 19.96 -15.18 0.86
C ILE D 402 20.54 -13.77 0.81
N ARG D 403 21.01 -13.33 -0.34
CA ARG D 403 21.44 -11.93 -0.51
C ARG D 403 20.31 -10.93 -0.22
N MET D 404 19.12 -11.17 -0.76
CA MET D 404 17.99 -10.29 -0.44
C MET D 404 17.65 -10.32 1.04
N LEU D 405 17.70 -11.49 1.67
CA LEU D 405 17.48 -11.56 3.11
C LEU D 405 18.57 -10.88 3.93
N VAL D 406 19.81 -10.85 3.43
CA VAL D 406 20.90 -10.09 4.03
C VAL D 406 20.76 -8.59 3.83
N VAL D 407 20.03 -8.17 2.80
CA VAL D 407 19.66 -6.76 2.69
C VAL D 407 18.54 -6.40 3.67
N VAL D 408 17.43 -7.13 3.66
CA VAL D 408 16.26 -6.70 4.43
C VAL D 408 16.36 -6.98 5.94
N GLU D 409 17.02 -8.06 6.37
CA GLU D 409 17.03 -8.42 7.79
C GLU D 409 17.56 -7.35 8.73
N PRO D 410 18.71 -6.71 8.49
CA PRO D 410 19.12 -5.59 9.38
C PRO D 410 18.12 -4.45 9.49
N CYS D 411 17.30 -4.19 8.48
CA CYS D 411 16.26 -3.17 8.62
C CYS D 411 15.14 -3.64 9.55
N HIS D 412 14.64 -4.86 9.35
CA HIS D 412 13.57 -5.36 10.21
C HIS D 412 14.03 -5.47 11.66
N TYR D 413 15.24 -5.97 11.88
CA TYR D 413 15.82 -6.00 13.22
C TYR D 413 16.17 -4.62 13.78
N THR D 414 16.27 -3.58 12.96
CA THR D 414 16.36 -2.23 13.51
C THR D 414 15.00 -1.69 13.92
N MET D 415 14.01 -1.79 13.03
CA MET D 415 12.66 -1.31 13.34
C MET D 415 11.99 -2.08 14.48
N ARG D 416 12.41 -3.32 14.76
CA ARG D 416 11.97 -3.98 16.00
C ARG D 416 12.58 -3.36 17.25
N GLU D 417 13.82 -2.88 17.19
CA GLU D 417 14.35 -2.09 18.31
C GLU D 417 13.62 -0.77 18.45
N GLY D 418 13.22 -0.18 17.33
CA GLY D 418 12.34 0.98 17.35
C GLY D 418 11.06 0.73 18.12
N LYS D 419 10.32 -0.30 17.69
CA LYS D 419 9.05 -0.63 18.34
C LYS D 419 9.22 -0.98 19.82
N ARG D 420 10.27 -1.75 20.16
CA ARG D 420 10.52 -2.04 21.57
C ARG D 420 10.92 -0.82 22.39
N THR D 421 11.51 0.20 21.76
CA THR D 421 11.76 1.45 22.49
C THR D 421 10.48 2.22 22.72
N GLU D 422 9.59 2.22 21.72
CA GLU D 422 8.26 2.81 21.90
C GLU D 422 7.45 2.09 22.98
N ASP D 423 7.64 0.79 23.12
CA ASP D 423 7.06 0.05 24.25
C ASP D 423 7.65 0.50 25.58
N ILE D 424 8.96 0.37 25.75
CA ILE D 424 9.56 0.59 27.06
C ILE D 424 9.44 2.05 27.51
N VAL D 425 9.46 3.01 26.59
CA VAL D 425 9.17 4.39 26.98
C VAL D 425 7.76 4.50 27.56
N CYS D 426 6.80 3.76 27.02
CA CYS D 426 5.44 3.93 27.51
C CYS D 426 5.25 3.25 28.86
N ARG D 427 5.96 2.14 29.08
CA ARG D 427 6.05 1.59 30.43
C ARG D 427 6.58 2.63 31.40
N LEU D 428 7.74 3.21 31.09
CA LEU D 428 8.36 4.18 32.00
C LEU D 428 7.47 5.38 32.25
N MET D 429 6.88 5.94 31.18
CA MET D 429 5.92 7.04 31.32
C MET D 429 4.71 6.68 32.16
N THR D 430 4.29 5.41 32.19
CA THR D 430 3.14 5.08 33.04
C THR D 430 3.51 4.99 34.52
N LEU D 431 4.72 4.54 34.84
CA LEU D 431 5.17 4.49 36.23
C LEU D 431 5.57 5.85 36.79
N ALA D 432 6.07 6.74 35.94
CA ALA D 432 6.68 7.98 36.44
C ALA D 432 5.65 8.86 37.16
N PRO D 433 6.02 9.46 38.29
CA PRO D 433 5.06 10.24 39.07
C PRO D 433 4.60 11.50 38.35
N HIS D 434 3.35 11.86 38.61
CA HIS D 434 2.70 12.96 37.90
C HIS D 434 3.38 14.29 38.19
N GLY D 435 3.56 15.09 37.13
CA GLY D 435 3.97 16.47 37.23
C GLY D 435 5.41 16.75 37.60
N GLY D 436 6.11 15.79 38.21
CA GLY D 436 7.52 15.96 38.47
C GLY D 436 8.36 16.04 37.20
N VAL D 437 9.58 16.54 37.36
CA VAL D 437 10.41 16.90 36.21
C VAL D 437 10.56 15.72 35.27
N LEU D 438 10.66 14.51 35.84
CA LEU D 438 10.77 13.31 35.03
C LEU D 438 9.58 13.19 34.09
N SER D 439 8.41 13.61 34.53
CA SER D 439 7.23 13.54 33.68
C SER D 439 7.38 14.43 32.45
N SER D 440 7.91 15.65 32.62
CA SER D 440 8.13 16.53 31.47
C SER D 440 9.20 15.98 30.53
N LYS D 441 10.31 15.47 31.07
CA LYS D 441 11.34 14.91 30.20
C LYS D 441 10.86 13.65 29.48
N LEU D 442 10.02 12.83 30.12
CA LEU D 442 9.40 11.72 29.43
C LEU D 442 8.39 12.19 28.40
N GLU D 443 7.72 13.32 28.64
CA GLU D 443 6.87 13.90 27.60
C GLU D 443 7.69 14.25 26.37
N VAL D 444 8.84 14.91 26.59
CA VAL D 444 9.77 15.21 25.50
C VAL D 444 10.12 13.96 24.72
N LEU D 445 10.53 12.90 25.43
CA LEU D 445 10.86 11.64 24.75
C LEU D 445 9.65 11.04 24.03
N SER D 446 8.48 11.12 24.64
CA SER D 446 7.27 10.54 24.06
C SER D 446 6.81 11.27 22.81
N ARG D 447 7.19 12.54 22.64
CA ARG D 447 6.97 13.18 21.35
C ARG D 447 8.09 12.83 20.39
N LEU D 448 9.34 12.83 20.86
CA LEU D 448 10.46 12.50 20.00
C LEU D 448 10.24 11.17 19.28
N LEU D 449 9.68 10.18 19.99
CA LEU D 449 9.40 8.90 19.37
C LEU D 449 8.31 8.96 18.31
N MET D 450 7.49 10.01 18.32
CA MET D 450 6.49 10.18 17.26
C MET D 450 7.05 10.94 16.07
N LEU D 451 7.94 11.90 16.31
CA LEU D 451 8.57 12.64 15.22
C LEU D 451 9.72 11.87 14.57
N GLN D 452 10.79 11.62 15.32
CA GLN D 452 11.99 10.97 14.79
C GLN D 452 11.87 9.45 14.76
N ASN D 453 10.95 8.96 13.93
CA ASN D 453 10.82 7.53 13.71
C ASN D 453 11.99 6.99 12.89
N ILE D 454 12.75 6.07 13.48
CA ILE D 454 13.94 5.52 12.85
C ILE D 454 13.54 4.43 11.86
N SER D 455 13.88 4.62 10.59
CA SER D 455 13.60 3.60 9.58
C SER D 455 14.44 3.89 8.34
N TYR D 456 15.08 2.85 7.79
CA TYR D 456 15.74 2.96 6.51
C TYR D 456 14.73 3.03 5.38
N SER D 457 15.10 3.76 4.32
CA SER D 457 14.34 3.78 3.07
C SER D 457 15.24 4.22 1.91
N PRO D 458 15.67 3.31 1.04
CA PRO D 458 16.67 3.71 0.02
C PRO D 458 16.07 4.69 -0.97
N LEU D 459 16.68 5.88 -1.03
CA LEU D 459 16.17 7.00 -1.81
C LEU D 459 14.70 7.30 -1.53
N GLY D 460 14.19 6.86 -0.39
CA GLY D 460 12.76 6.93 -0.13
C GLY D 460 11.91 6.09 -1.05
N MET D 461 12.54 5.39 -2.01
CA MET D 461 11.77 4.75 -3.06
C MET D 461 10.94 3.58 -2.54
N CYS D 462 11.37 2.94 -1.45
CA CYS D 462 10.60 1.85 -0.88
C CYS D 462 10.88 1.72 0.60
N THR D 463 9.86 1.32 1.35
CA THR D 463 10.04 0.96 2.75
C THR D 463 10.78 -0.36 2.82
N LEU D 464 12.00 -0.32 3.36
CA LEU D 464 12.92 -1.46 3.31
C LEU D 464 12.64 -2.49 4.40
N ASP D 465 11.57 -2.32 5.16
CA ASP D 465 11.13 -3.38 6.06
C ASP D 465 10.72 -4.63 5.27
N ARG D 466 10.61 -5.75 5.99
CA ARG D 466 10.34 -7.06 5.41
C ARG D 466 9.12 -7.19 4.51
N PRO D 467 8.08 -6.33 4.64
CA PRO D 467 7.01 -6.33 3.64
C PRO D 467 7.54 -6.16 2.22
N LEU D 468 8.76 -5.63 2.11
CA LEU D 468 9.43 -5.57 0.81
C LEU D 468 9.61 -6.95 0.20
N ILE D 469 9.87 -7.97 1.00
CA ILE D 469 10.00 -9.31 0.45
C ILE D 469 8.66 -9.87 -0.03
N VAL D 470 7.57 -9.58 0.69
CA VAL D 470 6.25 -9.95 0.19
C VAL D 470 5.95 -9.25 -1.13
N THR D 471 6.36 -7.99 -1.26
CA THR D 471 6.13 -7.25 -2.51
C THR D 471 6.99 -7.78 -3.65
N VAL D 472 8.28 -8.00 -3.38
CA VAL D 472 9.19 -8.48 -4.42
C VAL D 472 8.84 -9.89 -4.87
N LEU D 473 8.55 -10.81 -3.94
CA LEU D 473 8.06 -12.12 -4.37
C LEU D 473 6.69 -12.06 -5.07
N GLY D 474 5.82 -11.13 -4.67
CA GLY D 474 4.61 -10.84 -5.43
C GLY D 474 4.84 -10.37 -6.85
N ALA D 475 6.02 -9.80 -7.11
CA ALA D 475 6.41 -9.50 -8.48
C ALA D 475 7.08 -10.70 -9.16
N VAL D 476 8.04 -11.32 -8.46
CA VAL D 476 8.81 -12.43 -9.02
C VAL D 476 7.90 -13.53 -9.55
N THR D 477 6.93 -13.96 -8.73
CA THR D 477 6.09 -15.08 -9.14
C THR D 477 5.20 -14.74 -10.33
N THR D 478 4.85 -13.46 -10.51
CA THR D 478 4.17 -13.03 -11.72
C THR D 478 5.10 -13.04 -12.93
N TYR D 479 6.18 -12.27 -12.85
CA TYR D 479 7.06 -12.06 -14.01
C TYR D 479 7.78 -13.31 -14.47
N LEU D 480 8.15 -14.22 -13.56
CA LEU D 480 8.75 -15.48 -13.98
C LEU D 480 7.81 -16.24 -14.91
N VAL D 481 6.54 -16.35 -14.54
CA VAL D 481 5.58 -17.10 -15.34
C VAL D 481 5.28 -16.37 -16.64
N ILE D 482 5.05 -15.05 -16.57
CA ILE D 482 4.82 -14.29 -17.79
C ILE D 482 5.99 -14.43 -18.76
N LEU D 483 7.22 -14.40 -18.26
CA LEU D 483 8.37 -14.52 -19.16
C LEU D 483 8.49 -15.93 -19.72
N ILE D 484 8.28 -16.95 -18.90
CA ILE D 484 8.31 -18.33 -19.40
C ILE D 484 7.26 -18.54 -20.48
N GLN D 485 6.10 -17.89 -20.34
CA GLN D 485 5.03 -18.07 -21.31
C GLN D 485 5.46 -17.67 -22.72
N PHE D 486 6.40 -16.72 -22.85
CA PHE D 486 6.91 -16.35 -24.16
C PHE D 486 7.89 -17.36 -24.75
N GLN D 487 8.48 -18.22 -23.92
CA GLN D 487 9.33 -19.28 -24.47
C GLN D 487 8.50 -20.35 -25.18
N ARG D 488 7.32 -20.67 -24.65
CA ARG D 488 6.43 -21.60 -25.30
C ARG D 488 5.00 -21.43 -24.78
P PSC E . -1.70 -0.54 -8.73
C01 PSC E . -3.07 1.76 -12.04
C02 PSC E . -1.62 1.97 -11.69
C03 PSC E . -1.08 0.66 -11.06
O01 PSC E . -1.47 3.04 -10.77
O02 PSC E . 0.30 4.07 -11.74
O03 PSC E . -3.13 0.87 -13.11
O04 PSC E . -2.84 1.99 -15.03
O11 PSC E . -1.08 0.74 -9.61
O12 PSC E . -3.33 -0.67 -9.01
O13 PSC E . -1.45 -0.32 -7.26
O14 PSC E . -1.04 -1.82 -9.18
C1 PSC E . -0.80 4.19 -11.32
C2 PSC E . -1.47 5.63 -11.33
C3 PSC E . -2.72 5.66 -12.25
C4 PSC E . -2.89 7.10 -12.88
C5 PSC E . -4.36 7.61 -12.64
C6 PSC E . -5.39 6.76 -13.47
C7 PSC E . -6.84 7.38 -13.34
C8 PSC E . -7.31 7.93 -14.73
C9 PSC E . -8.62 8.77 -14.55
C19 PSC E . -3.60 1.44 -14.32
C20 PSC E . -5.07 1.34 -14.75
C21 PSC E . -5.65 2.77 -14.86
C22 PSC E . -5.98 3.17 -16.34
C23 PSC E . -4.68 3.53 -17.11
C24 PSC E . -4.15 2.32 -17.96
C25 PSC E . -5.13 1.84 -19.08
C26 PSC E . -5.52 2.97 -20.09
C27 PSC E . -6.87 3.65 -19.74
C28 PSC E . -7.55 4.15 -21.04
P PSC F . -4.78 -5.41 -5.13
C01 PSC F . -8.60 -7.23 -5.43
C02 PSC F . -8.56 -5.80 -5.87
C03 PSC F . -7.13 -5.51 -6.41
O01 PSC F . -8.87 -4.93 -4.81
O02 PSC F . -10.27 -3.52 -5.91
O03 PSC F . -8.54 -8.04 -6.56
O04 PSC F . -10.59 -8.27 -7.45
O11 PSC F . -6.32 -4.85 -5.41
O12 PSC F . -4.84 -6.94 -4.48
O13 PSC F . -4.07 -4.48 -4.16
O14 PSC F . -4.01 -5.47 -6.43
C1 PSC F . -10.11 -4.21 -4.96
C2 PSC F . -11.25 -4.30 -3.88
C3 PSC F . -11.84 -5.76 -3.79
C4 PSC F . -13.37 -5.68 -3.39
C5 PSC F . -13.64 -6.64 -2.16
C6 PSC F . -13.45 -8.14 -2.59
C7 PSC F . -13.88 -9.09 -1.40
C8 PSC F . -15.17 -9.92 -1.80
C9 PSC F . -15.72 -10.66 -0.54
C19 PSC F . -9.73 -8.77 -6.83
C20 PSC F . -9.90 -10.23 -6.35
C21 PSC F . -11.10 -10.30 -5.39
C22 PSC F . -12.34 -11.08 -5.99
C23 PSC F . -13.08 -10.21 -7.04
C24 PSC F . -12.63 -10.53 -8.52
C25 PSC F . -12.92 -12.00 -8.96
C26 PSC F . -14.44 -12.39 -8.85
C27 PSC F . -14.77 -13.14 -7.54
C28 PSC F . -15.95 -14.11 -7.78
P PSC G . 1.21 -8.03 -3.53
C01 PSC G . 2.47 -11.98 -2.56
C02 PSC G . 1.06 -11.65 -2.17
C03 PSC G . 0.50 -10.59 -3.16
O01 PSC G . 1.01 -11.16 -0.84
O02 PSC G . -0.79 -12.35 -0.10
O03 PSC G . 2.42 -12.68 -3.77
O04 PSC G . 2.06 -14.86 -3.35
O11 PSC G . 0.59 -9.27 -2.60
O12 PSC G . 2.82 -8.32 -3.83
O13 PSC G . 1.05 -6.71 -2.80
O14 PSC G . 0.47 -7.98 -4.84
C1 PSC G . 0.34 -12.04 0.10
C2 PSC G . 1.06 -12.55 1.40
C3 PSC G . 2.26 -13.49 1.04
C4 PSC G . 2.45 -14.58 2.18
C5 PSC G . 3.96 -14.58 2.66
C6 PSC G . 4.89 -15.12 1.52
C7 PSC G . 6.38 -15.27 2.06
C8 PSC G . 6.78 -16.79 2.08
C9 PSC G . 8.14 -16.96 2.86
C19 PSC G . 2.85 -14.03 -3.67
C20 PSC G . 4.29 -14.46 -3.99
C21 PSC G . 4.92 -15.07 -2.72
C22 PSC G . 5.17 -16.62 -2.86
C23 PSC G . 3.84 -17.42 -2.71
C24 PSC G . 3.22 -17.78 -4.10
C25 PSC G . 4.11 -18.71 -4.99
C26 PSC G . 4.49 -20.05 -4.28
C27 PSC G . 5.88 -20.01 -3.61
C28 PSC G . 6.50 -21.43 -3.60
P PSC H . 4.24 -3.21 -7.09
C01 PSC H . 7.96 -3.04 -9.12
C02 PSC H . 7.94 -3.94 -7.92
C03 PSC H . 6.49 -4.49 -7.74
O01 PSC H . 8.35 -3.24 -6.76
O02 PSC H . 9.74 -4.82 -5.89
O03 PSC H . 7.79 -3.83 -10.26
O04 PSC H . 9.78 -4.67 -10.88
O11 PSC H . 5.79 -3.73 -6.74
O12 PSC H . 4.28 -2.09 -8.31
O13 PSC H . 3.62 -2.59 -5.84
O14 PSC H . 3.40 -4.38 -7.53
C1 PSC H . 9.62 -3.69 -6.22
C2 PSC H . 10.82 -2.68 -6.00
C3 PSC H . 11.35 -2.14 -7.36
C4 PSC H . 12.90 -1.85 -7.26
C5 PSC H . 13.20 -0.39 -7.76
C6 PSC H . 12.93 -0.27 -9.31
C7 PSC H . 13.39 1.16 -9.82
C8 PSC H . 14.60 1.01 -10.81
C9 PSC H . 15.21 2.41 -11.12
C19 PSC H . 8.93 -3.88 -11.11
C20 PSC H . 9.08 -2.95 -12.33
C21 PSC H . 10.33 -2.06 -12.13
C22 PSC H . 11.48 -2.43 -13.15
C23 PSC H . 12.20 -3.74 -12.72
C24 PSC H . 11.65 -4.99 -13.49
C25 PSC H . 11.86 -4.93 -15.05
C26 PSC H . 13.36 -4.75 -15.46
C27 PSC H . 13.73 -3.28 -15.75
C28 PSC H . 14.87 -3.24 -16.81
#